data_3CJE
# 
_entry.id   3CJE 
# 
_audit_conform.dict_name       mmcif_pdbx.dic 
_audit_conform.dict_version    5.397 
_audit_conform.dict_location   http://mmcif.pdb.org/dictionaries/ascii/mmcif_pdbx.dic 
# 
loop_
_database_2.database_id 
_database_2.database_code 
_database_2.pdbx_database_accession 
_database_2.pdbx_DOI 
PDB   3CJE         pdb_00003cje 10.2210/pdb3cje/pdb 
RCSB  RCSB046847   ?            ?                   
WWPDB D_1000046847 ?            ?                   
# 
loop_
_pdbx_audit_revision_history.ordinal 
_pdbx_audit_revision_history.data_content_type 
_pdbx_audit_revision_history.major_revision 
_pdbx_audit_revision_history.minor_revision 
_pdbx_audit_revision_history.revision_date 
1 'Structure model' 1 0 2008-03-25 
2 'Structure model' 1 1 2011-07-13 
3 'Structure model' 1 2 2017-10-25 
4 'Structure model' 1 3 2019-07-24 
5 'Structure model' 1 4 2023-02-01 
6 'Structure model' 1 5 2024-10-30 
# 
_pdbx_audit_revision_details.ordinal             1 
_pdbx_audit_revision_details.revision_ordinal    1 
_pdbx_audit_revision_details.data_content_type   'Structure model' 
_pdbx_audit_revision_details.provider            repository 
_pdbx_audit_revision_details.type                'Initial release' 
_pdbx_audit_revision_details.description         ? 
_pdbx_audit_revision_details.details             ? 
# 
loop_
_pdbx_audit_revision_group.ordinal 
_pdbx_audit_revision_group.revision_ordinal 
_pdbx_audit_revision_group.data_content_type 
_pdbx_audit_revision_group.group 
1  2 'Structure model' Advisory                    
2  2 'Structure model' 'Source and taxonomy'       
3  2 'Structure model' 'Version format compliance' 
4  3 'Structure model' 'Refinement description'    
5  4 'Structure model' 'Data collection'           
6  4 'Structure model' 'Derived calculations'      
7  4 'Structure model' 'Refinement description'    
8  5 'Structure model' 'Database references'       
9  5 'Structure model' 'Derived calculations'      
10 6 'Structure model' 'Data collection'           
11 6 'Structure model' 'Structure summary'         
# 
loop_
_pdbx_audit_revision_category.ordinal 
_pdbx_audit_revision_category.revision_ordinal 
_pdbx_audit_revision_category.data_content_type 
_pdbx_audit_revision_category.category 
1  3 'Structure model' software                  
2  4 'Structure model' software                  
3  4 'Structure model' struct_conn               
4  5 'Structure model' database_2                
5  5 'Structure model' struct_ref_seq_dif        
6  5 'Structure model' struct_site               
7  6 'Structure model' chem_comp_atom            
8  6 'Structure model' chem_comp_bond            
9  6 'Structure model' pdbx_entry_details        
10 6 'Structure model' pdbx_modification_feature 
# 
loop_
_pdbx_audit_revision_item.ordinal 
_pdbx_audit_revision_item.revision_ordinal 
_pdbx_audit_revision_item.data_content_type 
_pdbx_audit_revision_item.item 
1  3 'Structure model' '_software.classification'                     
2  3 'Structure model' '_software.name'                               
3  4 'Structure model' '_software.classification'                     
4  4 'Structure model' '_software.contact_author'                     
5  4 'Structure model' '_software.contact_author_email'               
6  4 'Structure model' '_software.language'                           
7  4 'Structure model' '_software.location'                           
8  4 'Structure model' '_software.name'                               
9  4 'Structure model' '_software.type'                               
10 4 'Structure model' '_software.version'                            
11 4 'Structure model' '_struct_conn.pdbx_leaving_atom_flag'          
12 5 'Structure model' '_database_2.pdbx_DOI'                         
13 5 'Structure model' '_database_2.pdbx_database_accession'          
14 5 'Structure model' '_struct_ref_seq_dif.details'                  
15 5 'Structure model' '_struct_site.pdbx_auth_asym_id'               
16 5 'Structure model' '_struct_site.pdbx_auth_comp_id'               
17 5 'Structure model' '_struct_site.pdbx_auth_seq_id'                
18 6 'Structure model' '_pdbx_entry_details.has_protein_modification' 
# 
_pdbx_database_status.SG_entry                        Y 
_pdbx_database_status.entry_id                        3CJE 
_pdbx_database_status.deposit_site                    RCSB 
_pdbx_database_status.process_site                    RCSB 
_pdbx_database_status.recvd_initial_deposition_date   2008-03-12 
_pdbx_database_status.status_code                     REL 
_pdbx_database_status.status_code_sf                  REL 
_pdbx_database_status.status_code_mr                  ? 
_pdbx_database_status.status_code_cs                  ? 
_pdbx_database_status.pdb_format_compatible           Y 
_pdbx_database_status.methods_development_category    ? 
_pdbx_database_status.status_code_nmr_data            ? 
# 
_pdbx_database_related.db_name        TargetDB 
_pdbx_database_related.db_id          371655 
_pdbx_database_related.details        . 
_pdbx_database_related.content_type   unspecified 
# 
_audit_author.name           'Joint Center for Structural Genomics (JCSG)' 
_audit_author.pdbx_ordinal   1 
# 
_citation.id                        primary 
_citation.title                     
'Crystal structure of OsmC-like hydroperoxide resistance protein (YP_509982.1) from Jannaschia sp. CCS1 at 1.70 A resolution' 
_citation.journal_abbrev            'To be published' 
_citation.journal_volume            ? 
_citation.page_first                ? 
_citation.page_last                 ? 
_citation.year                      ? 
_citation.journal_id_ASTM           ? 
_citation.country                   ? 
_citation.journal_id_ISSN           ? 
_citation.journal_id_CSD            0353 
_citation.book_publisher            ? 
_citation.pdbx_database_id_PubMed   ? 
_citation.pdbx_database_id_DOI      ? 
# 
_citation_author.citation_id        primary 
_citation_author.name               'Joint Center for Structural Genomics (JCSG)' 
_citation_author.ordinal            1 
_citation_author.identifier_ORCID   ? 
# 
loop_
_entity.id 
_entity.type 
_entity.src_method 
_entity.pdbx_description 
_entity.formula_weight 
_entity.pdbx_number_of_molecules 
_entity.pdbx_ec 
_entity.pdbx_mutation 
_entity.pdbx_fragment 
_entity.details 
1 polymer     man 'OsmC-like protein' 18414.389 1   ? ? ? ? 
2 non-polymer syn 'PHOSPHATE ION'     94.971    1   ? ? ? ? 
3 non-polymer syn GLYCEROL            92.094    8   ? ? ? ? 
4 water       nat water               18.015    138 ? ? ? ? 
# 
_entity_poly.entity_id                      1 
_entity_poly.type                           'polypeptide(L)' 
_entity_poly.nstd_linkage                   no 
_entity_poly.nstd_monomer                   yes 
_entity_poly.pdbx_seq_one_letter_code       
;G(MSE)ALTPDQ(MSE)PDRAEVVFTCNGKAVGK(MSE)RNELDVA(MSE)VKPFEERFALATDEGAFHGGDASAPPPLA
LFIAGLTGCV(MSE)TQIRAFAKRLKVTVTDLDVECRVVWDWAKAGPVYETGPKSFEIDIILHSPDPIEAQQALIEAAKK
GCFLEQTLGQANTIRHRLKVGDTFIDA
;
_entity_poly.pdbx_seq_one_letter_code_can   
;GMALTPDQMPDRAEVVFTCNGKAVGKMRNELDVAMVKPFEERFALATDEGAFHGGDASAPPPLALFIAGLTGCVMTQIRA
FAKRLKVTVTDLDVECRVVWDWAKAGPVYETGPKSFEIDIILHSPDPIEAQQALIEAAKKGCFLEQTLGQANTIRHRLKV
GDTFIDA
;
_entity_poly.pdbx_strand_id                 A 
_entity_poly.pdbx_target_identifier         371655 
# 
loop_
_pdbx_entity_nonpoly.entity_id 
_pdbx_entity_nonpoly.name 
_pdbx_entity_nonpoly.comp_id 
2 'PHOSPHATE ION' PO4 
3 GLYCEROL        GOL 
4 water           HOH 
# 
loop_
_entity_poly_seq.entity_id 
_entity_poly_seq.num 
_entity_poly_seq.mon_id 
_entity_poly_seq.hetero 
1 1   GLY n 
1 2   MSE n 
1 3   ALA n 
1 4   LEU n 
1 5   THR n 
1 6   PRO n 
1 7   ASP n 
1 8   GLN n 
1 9   MSE n 
1 10  PRO n 
1 11  ASP n 
1 12  ARG n 
1 13  ALA n 
1 14  GLU n 
1 15  VAL n 
1 16  VAL n 
1 17  PHE n 
1 18  THR n 
1 19  CYS n 
1 20  ASN n 
1 21  GLY n 
1 22  LYS n 
1 23  ALA n 
1 24  VAL n 
1 25  GLY n 
1 26  LYS n 
1 27  MSE n 
1 28  ARG n 
1 29  ASN n 
1 30  GLU n 
1 31  LEU n 
1 32  ASP n 
1 33  VAL n 
1 34  ALA n 
1 35  MSE n 
1 36  VAL n 
1 37  LYS n 
1 38  PRO n 
1 39  PHE n 
1 40  GLU n 
1 41  GLU n 
1 42  ARG n 
1 43  PHE n 
1 44  ALA n 
1 45  LEU n 
1 46  ALA n 
1 47  THR n 
1 48  ASP n 
1 49  GLU n 
1 50  GLY n 
1 51  ALA n 
1 52  PHE n 
1 53  HIS n 
1 54  GLY n 
1 55  GLY n 
1 56  ASP n 
1 57  ALA n 
1 58  SER n 
1 59  ALA n 
1 60  PRO n 
1 61  PRO n 
1 62  PRO n 
1 63  LEU n 
1 64  ALA n 
1 65  LEU n 
1 66  PHE n 
1 67  ILE n 
1 68  ALA n 
1 69  GLY n 
1 70  LEU n 
1 71  THR n 
1 72  GLY n 
1 73  CYS n 
1 74  VAL n 
1 75  MSE n 
1 76  THR n 
1 77  GLN n 
1 78  ILE n 
1 79  ARG n 
1 80  ALA n 
1 81  PHE n 
1 82  ALA n 
1 83  LYS n 
1 84  ARG n 
1 85  LEU n 
1 86  LYS n 
1 87  VAL n 
1 88  THR n 
1 89  VAL n 
1 90  THR n 
1 91  ASP n 
1 92  LEU n 
1 93  ASP n 
1 94  VAL n 
1 95  GLU n 
1 96  CYS n 
1 97  ARG n 
1 98  VAL n 
1 99  VAL n 
1 100 TRP n 
1 101 ASP n 
1 102 TRP n 
1 103 ALA n 
1 104 LYS n 
1 105 ALA n 
1 106 GLY n 
1 107 PRO n 
1 108 VAL n 
1 109 TYR n 
1 110 GLU n 
1 111 THR n 
1 112 GLY n 
1 113 PRO n 
1 114 LYS n 
1 115 SER n 
1 116 PHE n 
1 117 GLU n 
1 118 ILE n 
1 119 ASP n 
1 120 ILE n 
1 121 ILE n 
1 122 LEU n 
1 123 HIS n 
1 124 SER n 
1 125 PRO n 
1 126 ASP n 
1 127 PRO n 
1 128 ILE n 
1 129 GLU n 
1 130 ALA n 
1 131 GLN n 
1 132 GLN n 
1 133 ALA n 
1 134 LEU n 
1 135 ILE n 
1 136 GLU n 
1 137 ALA n 
1 138 ALA n 
1 139 LYS n 
1 140 LYS n 
1 141 GLY n 
1 142 CYS n 
1 143 PHE n 
1 144 LEU n 
1 145 GLU n 
1 146 GLN n 
1 147 THR n 
1 148 LEU n 
1 149 GLY n 
1 150 GLN n 
1 151 ALA n 
1 152 ASN n 
1 153 THR n 
1 154 ILE n 
1 155 ARG n 
1 156 HIS n 
1 157 ARG n 
1 158 LEU n 
1 159 LYS n 
1 160 VAL n 
1 161 GLY n 
1 162 ASP n 
1 163 THR n 
1 164 PHE n 
1 165 ILE n 
1 166 ASP n 
1 167 ALA n 
# 
_entity_src_gen.entity_id                          1 
_entity_src_gen.pdbx_src_id                        1 
_entity_src_gen.pdbx_alt_source_flag               sample 
_entity_src_gen.pdbx_seq_type                      ? 
_entity_src_gen.pdbx_beg_seq_num                   ? 
_entity_src_gen.pdbx_end_seq_num                   ? 
_entity_src_gen.gene_src_common_name               ? 
_entity_src_gen.gene_src_genus                     Jannaschia 
_entity_src_gen.pdbx_gene_src_gene                 'YP_509982.1, Jann_2040' 
_entity_src_gen.gene_src_species                   ? 
_entity_src_gen.gene_src_strain                    CCS1 
_entity_src_gen.gene_src_tissue                    ? 
_entity_src_gen.gene_src_tissue_fraction           ? 
_entity_src_gen.gene_src_details                   ? 
_entity_src_gen.pdbx_gene_src_fragment             ? 
_entity_src_gen.pdbx_gene_src_scientific_name      'Jannaschia sp.' 
_entity_src_gen.pdbx_gene_src_ncbi_taxonomy_id     290400 
_entity_src_gen.pdbx_gene_src_variant              ? 
_entity_src_gen.pdbx_gene_src_cell_line            ? 
_entity_src_gen.pdbx_gene_src_atcc                 ? 
_entity_src_gen.pdbx_gene_src_organ                ? 
_entity_src_gen.pdbx_gene_src_organelle            ? 
_entity_src_gen.pdbx_gene_src_cell                 ? 
_entity_src_gen.pdbx_gene_src_cellular_location    ? 
_entity_src_gen.host_org_common_name               ? 
_entity_src_gen.pdbx_host_org_scientific_name      'Escherichia coli' 
_entity_src_gen.pdbx_host_org_ncbi_taxonomy_id     562 
_entity_src_gen.host_org_genus                     Escherichia 
_entity_src_gen.pdbx_host_org_gene                 ? 
_entity_src_gen.pdbx_host_org_organ                ? 
_entity_src_gen.host_org_species                   ? 
_entity_src_gen.pdbx_host_org_tissue               ? 
_entity_src_gen.pdbx_host_org_tissue_fraction      ? 
_entity_src_gen.pdbx_host_org_strain               HK100 
_entity_src_gen.pdbx_host_org_variant              ? 
_entity_src_gen.pdbx_host_org_cell_line            ? 
_entity_src_gen.pdbx_host_org_atcc                 ? 
_entity_src_gen.pdbx_host_org_culture_collection   ? 
_entity_src_gen.pdbx_host_org_cell                 ? 
_entity_src_gen.pdbx_host_org_organelle            ? 
_entity_src_gen.pdbx_host_org_cellular_location    ? 
_entity_src_gen.pdbx_host_org_vector_type          Plasmid 
_entity_src_gen.pdbx_host_org_vector               ? 
_entity_src_gen.host_org_details                   ? 
_entity_src_gen.expression_system_id               ? 
_entity_src_gen.plasmid_name                       SpeedET 
_entity_src_gen.plasmid_details                    ? 
_entity_src_gen.pdbx_description                   ? 
# 
loop_
_chem_comp.id 
_chem_comp.type 
_chem_comp.mon_nstd_flag 
_chem_comp.name 
_chem_comp.pdbx_synonyms 
_chem_comp.formula 
_chem_comp.formula_weight 
ALA 'L-peptide linking' y ALANINE          ?                               'C3 H7 N O2'     89.093  
ARG 'L-peptide linking' y ARGININE         ?                               'C6 H15 N4 O2 1' 175.209 
ASN 'L-peptide linking' y ASPARAGINE       ?                               'C4 H8 N2 O3'    132.118 
ASP 'L-peptide linking' y 'ASPARTIC ACID'  ?                               'C4 H7 N O4'     133.103 
CYS 'L-peptide linking' y CYSTEINE         ?                               'C3 H7 N O2 S'   121.158 
GLN 'L-peptide linking' y GLUTAMINE        ?                               'C5 H10 N2 O3'   146.144 
GLU 'L-peptide linking' y 'GLUTAMIC ACID'  ?                               'C5 H9 N O4'     147.129 
GLY 'peptide linking'   y GLYCINE          ?                               'C2 H5 N O2'     75.067  
GOL non-polymer         . GLYCEROL         'GLYCERIN; PROPANE-1,2,3-TRIOL' 'C3 H8 O3'       92.094  
HIS 'L-peptide linking' y HISTIDINE        ?                               'C6 H10 N3 O2 1' 156.162 
HOH non-polymer         . WATER            ?                               'H2 O'           18.015  
ILE 'L-peptide linking' y ISOLEUCINE       ?                               'C6 H13 N O2'    131.173 
LEU 'L-peptide linking' y LEUCINE          ?                               'C6 H13 N O2'    131.173 
LYS 'L-peptide linking' y LYSINE           ?                               'C6 H15 N2 O2 1' 147.195 
MSE 'L-peptide linking' n SELENOMETHIONINE ?                               'C5 H11 N O2 Se' 196.106 
PHE 'L-peptide linking' y PHENYLALANINE    ?                               'C9 H11 N O2'    165.189 
PO4 non-polymer         . 'PHOSPHATE ION'  ?                               'O4 P -3'        94.971  
PRO 'L-peptide linking' y PROLINE          ?                               'C5 H9 N O2'     115.130 
SER 'L-peptide linking' y SERINE           ?                               'C3 H7 N O3'     105.093 
THR 'L-peptide linking' y THREONINE        ?                               'C4 H9 N O3'     119.119 
TRP 'L-peptide linking' y TRYPTOPHAN       ?                               'C11 H12 N2 O2'  204.225 
TYR 'L-peptide linking' y TYROSINE         ?                               'C9 H11 N O3'    181.189 
VAL 'L-peptide linking' y VALINE           ?                               'C5 H11 N O2'    117.146 
# 
loop_
_pdbx_poly_seq_scheme.asym_id 
_pdbx_poly_seq_scheme.entity_id 
_pdbx_poly_seq_scheme.seq_id 
_pdbx_poly_seq_scheme.mon_id 
_pdbx_poly_seq_scheme.ndb_seq_num 
_pdbx_poly_seq_scheme.pdb_seq_num 
_pdbx_poly_seq_scheme.auth_seq_num 
_pdbx_poly_seq_scheme.pdb_mon_id 
_pdbx_poly_seq_scheme.auth_mon_id 
_pdbx_poly_seq_scheme.pdb_strand_id 
_pdbx_poly_seq_scheme.pdb_ins_code 
_pdbx_poly_seq_scheme.hetero 
A 1 1   GLY 1   0   ?   ?   ?   A . n 
A 1 2   MSE 2   1   ?   ?   ?   A . n 
A 1 3   ALA 3   2   ?   ?   ?   A . n 
A 1 4   LEU 4   3   ?   ?   ?   A . n 
A 1 5   THR 5   4   ?   ?   ?   A . n 
A 1 6   PRO 6   5   ?   ?   ?   A . n 
A 1 7   ASP 7   6   ?   ?   ?   A . n 
A 1 8   GLN 8   7   ?   ?   ?   A . n 
A 1 9   MSE 9   8   ?   ?   ?   A . n 
A 1 10  PRO 10  9   ?   ?   ?   A . n 
A 1 11  ASP 11  10  ?   ?   ?   A . n 
A 1 12  ARG 12  11  11  ARG ARG A . n 
A 1 13  ALA 13  12  12  ALA ALA A . n 
A 1 14  GLU 14  13  13  GLU GLU A . n 
A 1 15  VAL 15  14  14  VAL VAL A . n 
A 1 16  VAL 16  15  15  VAL VAL A . n 
A 1 17  PHE 17  16  16  PHE PHE A . n 
A 1 18  THR 18  17  17  THR THR A . n 
A 1 19  CYS 19  18  18  CYS CYS A . n 
A 1 20  ASN 20  19  19  ASN ASN A . n 
A 1 21  GLY 21  20  20  GLY GLY A . n 
A 1 22  LYS 22  21  21  LYS LYS A . n 
A 1 23  ALA 23  22  22  ALA ALA A . n 
A 1 24  VAL 24  23  23  VAL VAL A . n 
A 1 25  GLY 25  24  24  GLY GLY A . n 
A 1 26  LYS 26  25  25  LYS LYS A . n 
A 1 27  MSE 27  26  26  MSE MSE A . n 
A 1 28  ARG 28  27  27  ARG ARG A . n 
A 1 29  ASN 29  28  28  ASN ASN A . n 
A 1 30  GLU 30  29  29  GLU GLU A . n 
A 1 31  LEU 31  30  30  LEU LEU A . n 
A 1 32  ASP 32  31  31  ASP ASP A . n 
A 1 33  VAL 33  32  32  VAL VAL A . n 
A 1 34  ALA 34  33  33  ALA ALA A . n 
A 1 35  MSE 35  34  34  MSE MSE A . n 
A 1 36  VAL 36  35  35  VAL VAL A . n 
A 1 37  LYS 37  36  36  LYS LYS A . n 
A 1 38  PRO 38  37  37  PRO PRO A . n 
A 1 39  PHE 39  38  38  PHE PHE A . n 
A 1 40  GLU 40  39  39  GLU GLU A . n 
A 1 41  GLU 41  40  40  GLU GLU A . n 
A 1 42  ARG 42  41  41  ARG ARG A . n 
A 1 43  PHE 43  42  42  PHE PHE A . n 
A 1 44  ALA 44  43  43  ALA ALA A . n 
A 1 45  LEU 45  44  44  LEU LEU A . n 
A 1 46  ALA 46  45  45  ALA ALA A . n 
A 1 47  THR 47  46  46  THR THR A . n 
A 1 48  ASP 48  47  47  ASP ASP A . n 
A 1 49  GLU 49  48  48  GLU GLU A . n 
A 1 50  GLY 50  49  49  GLY GLY A . n 
A 1 51  ALA 51  50  50  ALA ALA A . n 
A 1 52  PHE 52  51  ?   ?   ?   A . n 
A 1 53  HIS 53  52  ?   ?   ?   A . n 
A 1 54  GLY 54  53  ?   ?   ?   A . n 
A 1 55  GLY 55  54  ?   ?   ?   A . n 
A 1 56  ASP 56  55  ?   ?   ?   A . n 
A 1 57  ALA 57  56  ?   ?   ?   A . n 
A 1 58  SER 58  57  57  SER SER A . n 
A 1 59  ALA 59  58  58  ALA ALA A . n 
A 1 60  PRO 60  59  59  PRO PRO A . n 
A 1 61  PRO 61  60  60  PRO PRO A . n 
A 1 62  PRO 62  61  61  PRO PRO A . n 
A 1 63  LEU 63  62  62  LEU LEU A . n 
A 1 64  ALA 64  63  63  ALA ALA A . n 
A 1 65  LEU 65  64  64  LEU LEU A . n 
A 1 66  PHE 66  65  65  PHE PHE A . n 
A 1 67  ILE 67  66  66  ILE ILE A . n 
A 1 68  ALA 68  67  67  ALA ALA A . n 
A 1 69  GLY 69  68  68  GLY GLY A . n 
A 1 70  LEU 70  69  69  LEU LEU A . n 
A 1 71  THR 71  70  70  THR THR A . n 
A 1 72  GLY 72  71  71  GLY GLY A . n 
A 1 73  CYS 73  72  72  CYS CYS A . n 
A 1 74  VAL 74  73  73  VAL VAL A . n 
A 1 75  MSE 75  74  74  MSE MSE A . n 
A 1 76  THR 76  75  75  THR THR A . n 
A 1 77  GLN 77  76  76  GLN GLN A . n 
A 1 78  ILE 78  77  77  ILE ILE A . n 
A 1 79  ARG 79  78  78  ARG ARG A . n 
A 1 80  ALA 80  79  79  ALA ALA A . n 
A 1 81  PHE 81  80  80  PHE PHE A . n 
A 1 82  ALA 82  81  81  ALA ALA A . n 
A 1 83  LYS 83  82  82  LYS LYS A . n 
A 1 84  ARG 84  83  83  ARG ARG A . n 
A 1 85  LEU 85  84  84  LEU LEU A . n 
A 1 86  LYS 86  85  85  LYS LYS A . n 
A 1 87  VAL 87  86  86  VAL VAL A . n 
A 1 88  THR 88  87  87  THR THR A . n 
A 1 89  VAL 89  88  88  VAL VAL A . n 
A 1 90  THR 90  89  89  THR THR A . n 
A 1 91  ASP 91  90  90  ASP ASP A . n 
A 1 92  LEU 92  91  91  LEU LEU A . n 
A 1 93  ASP 93  92  92  ASP ASP A . n 
A 1 94  VAL 94  93  93  VAL VAL A . n 
A 1 95  GLU 95  94  94  GLU GLU A . n 
A 1 96  CYS 96  95  95  CYS CYS A . n 
A 1 97  ARG 97  96  96  ARG ARG A . n 
A 1 98  VAL 98  97  97  VAL VAL A . n 
A 1 99  VAL 99  98  98  VAL VAL A . n 
A 1 100 TRP 100 99  99  TRP TRP A . n 
A 1 101 ASP 101 100 100 ASP ASP A . n 
A 1 102 TRP 102 101 101 TRP TRP A . n 
A 1 103 ALA 103 102 102 ALA ALA A . n 
A 1 104 LYS 104 103 103 LYS LYS A . n 
A 1 105 ALA 105 104 104 ALA ALA A . n 
A 1 106 GLY 106 105 105 GLY GLY A . n 
A 1 107 PRO 107 106 106 PRO PRO A . n 
A 1 108 VAL 108 107 107 VAL VAL A . n 
A 1 109 TYR 109 108 108 TYR TYR A . n 
A 1 110 GLU 110 109 109 GLU GLU A . n 
A 1 111 THR 111 110 110 THR THR A . n 
A 1 112 GLY 112 111 111 GLY GLY A . n 
A 1 113 PRO 113 112 112 PRO PRO A . n 
A 1 114 LYS 114 113 113 LYS LYS A . n 
A 1 115 SER 115 114 114 SER SER A . n 
A 1 116 PHE 116 115 115 PHE PHE A . n 
A 1 117 GLU 117 116 116 GLU GLU A . n 
A 1 118 ILE 118 117 117 ILE ILE A . n 
A 1 119 ASP 119 118 118 ASP ASP A . n 
A 1 120 ILE 120 119 119 ILE ILE A . n 
A 1 121 ILE 121 120 120 ILE ILE A . n 
A 1 122 LEU 122 121 121 LEU LEU A . n 
A 1 123 HIS 123 122 122 HIS HIS A . n 
A 1 124 SER 124 123 123 SER SER A . n 
A 1 125 PRO 125 124 124 PRO PRO A . n 
A 1 126 ASP 126 125 125 ASP ASP A . n 
A 1 127 PRO 127 126 126 PRO PRO A . n 
A 1 128 ILE 128 127 127 ILE ILE A . n 
A 1 129 GLU 129 128 128 GLU GLU A . n 
A 1 130 ALA 130 129 129 ALA ALA A . n 
A 1 131 GLN 131 130 130 GLN GLN A . n 
A 1 132 GLN 132 131 131 GLN GLN A . n 
A 1 133 ALA 133 132 132 ALA ALA A . n 
A 1 134 LEU 134 133 133 LEU LEU A . n 
A 1 135 ILE 135 134 134 ILE ILE A . n 
A 1 136 GLU 136 135 135 GLU GLU A . n 
A 1 137 ALA 137 136 136 ALA ALA A . n 
A 1 138 ALA 138 137 137 ALA ALA A . n 
A 1 139 LYS 139 138 138 LYS LYS A . n 
A 1 140 LYS 140 139 139 LYS LYS A . n 
A 1 141 GLY 141 140 140 GLY GLY A . n 
A 1 142 CYS 142 141 141 CYS CYS A . n 
A 1 143 PHE 143 142 142 PHE PHE A . n 
A 1 144 LEU 144 143 143 LEU LEU A . n 
A 1 145 GLU 145 144 144 GLU GLU A . n 
A 1 146 GLN 146 145 145 GLN GLN A . n 
A 1 147 THR 147 146 146 THR THR A . n 
A 1 148 LEU 148 147 147 LEU LEU A . n 
A 1 149 GLY 149 148 148 GLY GLY A . n 
A 1 150 GLN 150 149 149 GLN GLN A . n 
A 1 151 ALA 151 150 150 ALA ALA A . n 
A 1 152 ASN 152 151 151 ASN ASN A . n 
A 1 153 THR 153 152 152 THR THR A . n 
A 1 154 ILE 154 153 153 ILE ILE A . n 
A 1 155 ARG 155 154 154 ARG ARG A . n 
A 1 156 HIS 156 155 155 HIS HIS A . n 
A 1 157 ARG 157 156 156 ARG ARG A . n 
A 1 158 LEU 158 157 157 LEU LEU A . n 
A 1 159 LYS 159 158 158 LYS LYS A . n 
A 1 160 VAL 160 159 159 VAL VAL A . n 
A 1 161 GLY 161 160 160 GLY GLY A . n 
A 1 162 ASP 162 161 161 ASP ASP A . n 
A 1 163 THR 163 162 162 THR THR A . n 
A 1 164 PHE 164 163 163 PHE PHE A . n 
A 1 165 ILE 165 164 164 ILE ILE A . n 
A 1 166 ASP 166 165 165 ASP ASP A . n 
A 1 167 ALA 167 166 166 ALA ALA A . n 
# 
loop_
_pdbx_nonpoly_scheme.asym_id 
_pdbx_nonpoly_scheme.entity_id 
_pdbx_nonpoly_scheme.mon_id 
_pdbx_nonpoly_scheme.ndb_seq_num 
_pdbx_nonpoly_scheme.pdb_seq_num 
_pdbx_nonpoly_scheme.auth_seq_num 
_pdbx_nonpoly_scheme.pdb_mon_id 
_pdbx_nonpoly_scheme.auth_mon_id 
_pdbx_nonpoly_scheme.pdb_strand_id 
_pdbx_nonpoly_scheme.pdb_ins_code 
B 2 PO4 1   167 1   PO4 PO4 A . 
C 3 GOL 1   168 2   GOL GOL A . 
D 3 GOL 1   169 3   GOL GOL A . 
E 3 GOL 1   170 4   GOL GOL A . 
F 3 GOL 1   171 5   GOL GOL A . 
G 3 GOL 1   172 6   GOL GOL A . 
H 3 GOL 1   173 7   GOL GOL A . 
I 3 GOL 1   174 8   GOL GOL A . 
J 3 GOL 1   175 9   GOL GOL A . 
K 4 HOH 1   176 10  HOH HOH A . 
K 4 HOH 2   177 11  HOH HOH A . 
K 4 HOH 3   178 12  HOH HOH A . 
K 4 HOH 4   179 13  HOH HOH A . 
K 4 HOH 5   180 14  HOH HOH A . 
K 4 HOH 6   181 15  HOH HOH A . 
K 4 HOH 7   182 16  HOH HOH A . 
K 4 HOH 8   183 17  HOH HOH A . 
K 4 HOH 9   184 18  HOH HOH A . 
K 4 HOH 10  185 19  HOH HOH A . 
K 4 HOH 11  186 20  HOH HOH A . 
K 4 HOH 12  187 21  HOH HOH A . 
K 4 HOH 13  188 22  HOH HOH A . 
K 4 HOH 14  189 23  HOH HOH A . 
K 4 HOH 15  190 24  HOH HOH A . 
K 4 HOH 16  191 25  HOH HOH A . 
K 4 HOH 17  192 26  HOH HOH A . 
K 4 HOH 18  193 27  HOH HOH A . 
K 4 HOH 19  194 28  HOH HOH A . 
K 4 HOH 20  195 29  HOH HOH A . 
K 4 HOH 21  196 30  HOH HOH A . 
K 4 HOH 22  197 31  HOH HOH A . 
K 4 HOH 23  198 32  HOH HOH A . 
K 4 HOH 24  199 33  HOH HOH A . 
K 4 HOH 25  200 34  HOH HOH A . 
K 4 HOH 26  201 35  HOH HOH A . 
K 4 HOH 27  202 36  HOH HOH A . 
K 4 HOH 28  203 37  HOH HOH A . 
K 4 HOH 29  204 38  HOH HOH A . 
K 4 HOH 30  205 39  HOH HOH A . 
K 4 HOH 31  206 40  HOH HOH A . 
K 4 HOH 32  207 41  HOH HOH A . 
K 4 HOH 33  208 42  HOH HOH A . 
K 4 HOH 34  209 43  HOH HOH A . 
K 4 HOH 35  210 44  HOH HOH A . 
K 4 HOH 36  211 45  HOH HOH A . 
K 4 HOH 37  212 46  HOH HOH A . 
K 4 HOH 38  213 47  HOH HOH A . 
K 4 HOH 39  214 48  HOH HOH A . 
K 4 HOH 40  215 49  HOH HOH A . 
K 4 HOH 41  216 50  HOH HOH A . 
K 4 HOH 42  217 51  HOH HOH A . 
K 4 HOH 43  218 52  HOH HOH A . 
K 4 HOH 44  219 53  HOH HOH A . 
K 4 HOH 45  220 54  HOH HOH A . 
K 4 HOH 46  221 55  HOH HOH A . 
K 4 HOH 47  222 56  HOH HOH A . 
K 4 HOH 48  223 57  HOH HOH A . 
K 4 HOH 49  224 58  HOH HOH A . 
K 4 HOH 50  225 59  HOH HOH A . 
K 4 HOH 51  226 60  HOH HOH A . 
K 4 HOH 52  227 61  HOH HOH A . 
K 4 HOH 53  228 62  HOH HOH A . 
K 4 HOH 54  229 63  HOH HOH A . 
K 4 HOH 55  230 64  HOH HOH A . 
K 4 HOH 56  231 65  HOH HOH A . 
K 4 HOH 57  232 66  HOH HOH A . 
K 4 HOH 58  233 67  HOH HOH A . 
K 4 HOH 59  234 68  HOH HOH A . 
K 4 HOH 60  235 69  HOH HOH A . 
K 4 HOH 61  236 70  HOH HOH A . 
K 4 HOH 62  237 71  HOH HOH A . 
K 4 HOH 63  238 72  HOH HOH A . 
K 4 HOH 64  239 73  HOH HOH A . 
K 4 HOH 65  240 74  HOH HOH A . 
K 4 HOH 66  241 75  HOH HOH A . 
K 4 HOH 67  242 76  HOH HOH A . 
K 4 HOH 68  243 77  HOH HOH A . 
K 4 HOH 69  244 78  HOH HOH A . 
K 4 HOH 70  245 79  HOH HOH A . 
K 4 HOH 71  246 80  HOH HOH A . 
K 4 HOH 72  247 81  HOH HOH A . 
K 4 HOH 73  248 82  HOH HOH A . 
K 4 HOH 74  249 83  HOH HOH A . 
K 4 HOH 75  250 84  HOH HOH A . 
K 4 HOH 76  251 85  HOH HOH A . 
K 4 HOH 77  252 86  HOH HOH A . 
K 4 HOH 78  253 87  HOH HOH A . 
K 4 HOH 79  254 88  HOH HOH A . 
K 4 HOH 80  255 89  HOH HOH A . 
K 4 HOH 81  256 90  HOH HOH A . 
K 4 HOH 82  257 91  HOH HOH A . 
K 4 HOH 83  258 92  HOH HOH A . 
K 4 HOH 84  259 93  HOH HOH A . 
K 4 HOH 85  260 94  HOH HOH A . 
K 4 HOH 86  261 95  HOH HOH A . 
K 4 HOH 87  262 96  HOH HOH A . 
K 4 HOH 88  263 97  HOH HOH A . 
K 4 HOH 89  264 98  HOH HOH A . 
K 4 HOH 90  265 99  HOH HOH A . 
K 4 HOH 91  266 100 HOH HOH A . 
K 4 HOH 92  267 101 HOH HOH A . 
K 4 HOH 93  268 102 HOH HOH A . 
K 4 HOH 94  269 103 HOH HOH A . 
K 4 HOH 95  270 104 HOH HOH A . 
K 4 HOH 96  271 105 HOH HOH A . 
K 4 HOH 97  272 106 HOH HOH A . 
K 4 HOH 98  273 107 HOH HOH A . 
K 4 HOH 99  274 108 HOH HOH A . 
K 4 HOH 100 275 109 HOH HOH A . 
K 4 HOH 101 276 110 HOH HOH A . 
K 4 HOH 102 277 111 HOH HOH A . 
K 4 HOH 103 278 112 HOH HOH A . 
K 4 HOH 104 279 113 HOH HOH A . 
K 4 HOH 105 280 114 HOH HOH A . 
K 4 HOH 106 281 115 HOH HOH A . 
K 4 HOH 107 282 116 HOH HOH A . 
K 4 HOH 108 283 117 HOH HOH A . 
K 4 HOH 109 284 118 HOH HOH A . 
K 4 HOH 110 285 119 HOH HOH A . 
K 4 HOH 111 286 120 HOH HOH A . 
K 4 HOH 112 287 121 HOH HOH A . 
K 4 HOH 113 288 122 HOH HOH A . 
K 4 HOH 114 289 123 HOH HOH A . 
K 4 HOH 115 290 124 HOH HOH A . 
K 4 HOH 116 291 125 HOH HOH A . 
K 4 HOH 117 292 126 HOH HOH A . 
K 4 HOH 118 293 127 HOH HOH A . 
K 4 HOH 119 294 128 HOH HOH A . 
K 4 HOH 120 295 129 HOH HOH A . 
K 4 HOH 121 296 130 HOH HOH A . 
K 4 HOH 122 297 131 HOH HOH A . 
K 4 HOH 123 298 132 HOH HOH A . 
K 4 HOH 124 299 133 HOH HOH A . 
K 4 HOH 125 300 134 HOH HOH A . 
K 4 HOH 126 301 135 HOH HOH A . 
K 4 HOH 127 302 136 HOH HOH A . 
K 4 HOH 128 303 137 HOH HOH A . 
K 4 HOH 129 304 138 HOH HOH A . 
K 4 HOH 130 305 139 HOH HOH A . 
K 4 HOH 131 306 140 HOH HOH A . 
K 4 HOH 132 307 141 HOH HOH A . 
K 4 HOH 133 308 142 HOH HOH A . 
K 4 HOH 134 309 143 HOH HOH A . 
K 4 HOH 135 310 144 HOH HOH A . 
K 4 HOH 136 311 145 HOH HOH A . 
K 4 HOH 137 312 146 HOH HOH A . 
K 4 HOH 138 313 147 HOH HOH A . 
# 
loop_
_pdbx_unobs_or_zero_occ_atoms.id 
_pdbx_unobs_or_zero_occ_atoms.PDB_model_num 
_pdbx_unobs_or_zero_occ_atoms.polymer_flag 
_pdbx_unobs_or_zero_occ_atoms.occupancy_flag 
_pdbx_unobs_or_zero_occ_atoms.auth_asym_id 
_pdbx_unobs_or_zero_occ_atoms.auth_comp_id 
_pdbx_unobs_or_zero_occ_atoms.auth_seq_id 
_pdbx_unobs_or_zero_occ_atoms.PDB_ins_code 
_pdbx_unobs_or_zero_occ_atoms.auth_atom_id 
_pdbx_unobs_or_zero_occ_atoms.label_alt_id 
_pdbx_unobs_or_zero_occ_atoms.label_asym_id 
_pdbx_unobs_or_zero_occ_atoms.label_comp_id 
_pdbx_unobs_or_zero_occ_atoms.label_seq_id 
_pdbx_unobs_or_zero_occ_atoms.label_atom_id 
1 1 Y 1 A ARG 11 ? CG  ? A ARG 12 CG  
2 1 Y 1 A ARG 11 ? CD  ? A ARG 12 CD  
3 1 Y 1 A ARG 11 ? NE  ? A ARG 12 NE  
4 1 Y 1 A ARG 11 ? CZ  ? A ARG 12 CZ  
5 1 Y 1 A ARG 11 ? NH1 ? A ARG 12 NH1 
6 1 Y 1 A ARG 11 ? NH2 ? A ARG 12 NH2 
7 1 Y 1 A LYS 21 ? CE  ? A LYS 22 CE  
8 1 Y 1 A LYS 21 ? NZ  ? A LYS 22 NZ  
# 
loop_
_software.name 
_software.version 
_software.date 
_software.type 
_software.contact_author 
_software.contact_author_email 
_software.classification 
_software.location 
_software.language 
_software.citation_id 
_software.pdbx_ordinal 
REFMAC      5.2.0019 ?              program 'Murshudov, G.N.'            ccp4@dl.ac.uk                        refinement        
http://www.ccp4.ac.uk/main.html              Fortran_77 ? 1  
PHENIX      .        ?              package 'P.D. Adams'                 PDAdams@lbl.gov                      refinement        
http://www.phenix-online.org/                C++        ? 2  
SHELX       .        ?              package 'George Sheldrick'           gsheldr@shelx.uni-ac.gwdg.de         phasing           
http://shelx.uni-ac.gwdg.de/SHELX/           Fortran_77 ? 3  
MolProbity  3beta29  ?              package 'D.C. & J.S. Richardson lab' molprobity@kinemage.biochem.duke.edu 'model building'  
http://kinemage.biochem.duke.edu/molprobity/ ?          ? 4  
SCALA       .        ?              other   'Phil Evans'                 pre@mrc-lmb.cam.ac.uk                'data scaling'    
http://www.ccp4.ac.uk/dist/html/INDEX.html   Fortran_77 ? 5  
PDB_EXTRACT 3.000    'July 2, 2007' package PDB                          sw-help@rcsb.rutgers.edu             'data extraction' 
http://pdb.rutgers.edu/software/             C++        ? 6  
ADSC        Quantum  ?              ?       ?                            ?                                    'data collection' ? 
?          ? 7  
MOSFLM      .        ?              ?       ?                            ?                                    'data reduction'  ? 
?          ? 8  
SHELXD      .        ?              ?       ?                            ?                                    phasing           ? 
?          ? 9  
autoSHARP   .        ?              ?       ?                            ?                                    phasing           ? 
?          ? 10 
# 
_cell.entry_id           3CJE 
_cell.length_a           81.886 
_cell.length_b           81.886 
_cell.length_c           70.633 
_cell.angle_alpha        90.000 
_cell.angle_beta         90.000 
_cell.angle_gamma        120.000 
_cell.pdbx_unique_axis   ? 
_cell.Z_PDB              6 
_cell.length_a_esd       ? 
_cell.length_b_esd       ? 
_cell.length_c_esd       ? 
_cell.angle_alpha_esd    ? 
_cell.angle_beta_esd     ? 
_cell.angle_gamma_esd    ? 
# 
_symmetry.entry_id                         3CJE 
_symmetry.Int_Tables_number                154 
_symmetry.space_group_name_H-M             'P 32 2 1' 
_symmetry.pdbx_full_space_group_name_H-M   ? 
_symmetry.cell_setting                     ? 
_symmetry.space_group_name_Hall            ? 
# 
_exptl.crystals_number   1 
_exptl.method            'X-RAY DIFFRACTION' 
_exptl.entry_id          3CJE 
# 
_exptl_crystal.id                    1 
_exptl_crystal.density_Matthews      3.71 
_exptl_crystal.density_meas          ? 
_exptl_crystal.density_percent_sol   66.87 
_exptl_crystal.description           ? 
_exptl_crystal.F_000                 ? 
_exptl_crystal.preparation           ? 
# 
_exptl_crystal_grow.crystal_id      1 
_exptl_crystal_grow.method          'VAPOR DIFFUSION, SITTING DROP' 
_exptl_crystal_grow.pH              8.57 
_exptl_crystal_grow.temp            293 
_exptl_crystal_grow.pdbx_details    
'NANODROP, 1.545M Ammonium dihydrogen phosphate, 0.1M Tris-HCl pH 8.57, VAPOR DIFFUSION, SITTING DROP, temperature 293K' 
_exptl_crystal_grow.temp_details    ? 
_exptl_crystal_grow.pdbx_pH_range   . 
# 
_diffrn.id                     1 
_diffrn.ambient_temp           100 
_diffrn.ambient_temp_details   ? 
_diffrn.crystal_id             1 
# 
_diffrn_detector.diffrn_id              1 
_diffrn_detector.detector               CCD 
_diffrn_detector.type                   'ADSC QUANTUM 315r' 
_diffrn_detector.details                '1m long Rh coated bent cylindrical mirror for horizontal and vertical focusing' 
_diffrn_detector.pdbx_collection_date   2008-02-10 
# 
_diffrn_radiation.diffrn_id                        1 
_diffrn_radiation.pdbx_monochromatic_or_laue_m_l   M 
_diffrn_radiation.monochromator                    'Double crystal' 
_diffrn_radiation.pdbx_diffrn_protocol             'SINGLE WAVELENGTH' 
_diffrn_radiation.wavelength_id                    1 
_diffrn_radiation.pdbx_scattering_type             x-ray 
# 
_diffrn_radiation_wavelength.id           1 
_diffrn_radiation_wavelength.wavelength   0.978835 
_diffrn_radiation_wavelength.wt           1.0 
# 
_diffrn_source.diffrn_id                   1 
_diffrn_source.source                      SYNCHROTRON 
_diffrn_source.pdbx_synchrotron_beamline   BL1-5 
_diffrn_source.type                        'SSRL BEAMLINE BL1-5' 
_diffrn_source.pdbx_wavelength             ? 
_diffrn_source.pdbx_wavelength_list        0.978835 
_diffrn_source.pdbx_synchrotron_site       SSRL 
# 
_reflns.entry_id                     3CJE 
_reflns.d_resolution_high            1.70 
_reflns.d_resolution_low             26.803 
_reflns.number_obs                   30482 
_reflns.pdbx_Rmerge_I_obs            0.097 
_reflns.pdbx_netI_over_sigmaI        5.300 
_reflns.pdbx_Rsym_value              0.097 
_reflns.pdbx_redundancy              10.400 
_reflns.percent_possible_obs         100.000 
_reflns.observed_criterion_sigma_F   ? 
_reflns.observed_criterion_sigma_I   ? 
_reflns.number_all                   ? 
_reflns.B_iso_Wilson_estimate        19.728 
_reflns.R_free_details               ? 
_reflns.limit_h_max                  ? 
_reflns.limit_h_min                  ? 
_reflns.limit_k_max                  ? 
_reflns.limit_k_min                  ? 
_reflns.limit_l_max                  ? 
_reflns.limit_l_min                  ? 
_reflns.observed_criterion_F_max     ? 
_reflns.observed_criterion_F_min     ? 
_reflns.pdbx_chi_squared             ? 
_reflns.pdbx_scaling_rejects         ? 
_reflns.pdbx_ordinal                 1 
_reflns.pdbx_diffrn_id               1 
# 
loop_
_reflns_shell.d_res_high 
_reflns_shell.d_res_low 
_reflns_shell.number_measured_obs 
_reflns_shell.number_measured_all 
_reflns_shell.number_unique_obs 
_reflns_shell.Rmerge_I_obs 
_reflns_shell.meanI_over_sigI_obs 
_reflns_shell.pdbx_Rsym_value 
_reflns_shell.pdbx_chi_squared 
_reflns_shell.pdbx_redundancy 
_reflns_shell.percent_possible_obs 
_reflns_shell.number_unique_all 
_reflns_shell.percent_possible_all 
_reflns_shell.pdbx_ordinal 
_reflns_shell.pdbx_diffrn_id 
1.70 1.74   ? 16225 ? 0.812 0.9  0.812 ? 7.60  ? 2149 100.00 1  1 
1.74 1.79   ? 23201 ? 0.668 1.1  0.668 ? 10.80 ? 2156 100.00 2  1 
1.79 1.84   ? 22793 ? 0.526 1.4  0.526 ? 10.80 ? 2108 100.00 3  1 
1.84 1.90   ? 22578 ? 0.401 1.8  0.401 ? 10.80 ? 2095 100.00 4  1 
1.90 1.96   ? 21328 ? 0.289 2.5  0.289 ? 10.80 ? 1980 100.00 5  1 
1.96 2.03   ? 20836 ? 0.215 3.5  0.215 ? 10.80 ? 1936 100.00 6  1 
2.03 2.11   ? 20136 ? 0.178 4.0  0.178 ? 10.80 ? 1869 100.00 7  1 
2.11 2.19   ? 19177 ? 0.149 4.8  0.149 ? 10.70 ? 1787 100.00 8  1 
2.19 2.29   ? 18565 ? 0.137 4.8  0.137 ? 10.70 ? 1739 100.00 9  1 
2.29 2.40   ? 17803 ? 0.118 5.9  0.118 ? 10.70 ? 1667 100.00 10 1 
2.40 2.53   ? 16608 ? 0.108 6.3  0.108 ? 10.60 ? 1566 100.00 11 1 
2.53 2.69   ? 15758 ? 0.094 7.2  0.094 ? 10.50 ? 1494 100.00 12 1 
2.69 2.87   ? 14826 ? 0.085 7.8  0.085 ? 10.50 ? 1406 100.00 13 1 
2.87 3.10   ? 13622 ? 0.076 8.7  0.076 ? 10.30 ? 1319 100.00 14 1 
3.10 3.40   ? 12386 ? 0.066 9.8  0.066 ? 10.10 ? 1232 100.00 15 1 
3.40 3.80   ? 10114 ? 0.061 10.2 0.061 ? 9.20  ? 1096 99.90  16 1 
3.80 4.39   ? 10296 ? 0.066 9.4  0.066 ? 10.50 ? 981  100.00 17 1 
4.39 5.38   ? 9037  ? 0.059 10.3 0.059 ? 10.70 ? 843  100.00 18 1 
5.38 7.60   ? 6914  ? 0.066 9.5  0.066 ? 10.30 ? 671  100.00 19 1 
7.60 26.803 ? 3672  ? 0.055 10.8 0.055 ? 9.50  ? 388  98.00  20 1 
# 
_refine.entry_id                                 3CJE 
_refine.ls_d_res_high                            1.700 
_refine.ls_d_res_low                             26.803 
_refine.pdbx_ls_sigma_F                          0.00 
_refine.ls_percent_reflns_obs                    99.960 
_refine.ls_number_reflns_obs                     30438 
_refine.pdbx_ls_cross_valid_method               THROUGHOUT 
_refine.pdbx_R_Free_selection_details            RANDOM 
_refine.details                                  
;1. HYDROGENS HAVE BEEN ADDED IN THE RIDING POSITIONS.
 2. ATOM RECORDS CONTAIN RESIDUAL B FACTORS ONLY.
 3. A MET-INHIBITION PROTOCOL WAS USED FOR SELENOMETHIONINE
 INCORPORATION DURING PROTEIN EXPRESSION. THE OCCUPANCY
 OF THE SE ATOMS IN THE MSE RESIDUES WAS REDUCED TO 0.75
 FOR THE REDUCED SCATTERING POWER DUE TO PARTIAL S-MET INCORPORATION.
 4. RESIDUES A51-A56 WERE DISORDERED AND NOT VISIBLE IN THE ELECTRON
 DENSITY MAPS. THEY WERE NOT BUILT.
 5. PHOSPHATE (PO4) ION FROM CRYSTALLIZATION AND GLYCEROL (GOL) FROM
 CRYO SOLUTION WERE MODELED.
 6. UNEXPLAINED ELECTRON DENSITY NEAR RESIDUE 103 AND 118 WAS
 NOT MODELED.
;
_refine.ls_R_factor_obs                          0.145 
_refine.ls_R_factor_R_work                       0.144 
_refine.ls_R_factor_R_free                       0.164 
_refine.ls_percent_reflns_R_free                 5.100 
_refine.ls_number_reflns_R_free                  1538 
_refine.B_iso_mean                               17.065 
_refine.aniso_B[1][1]                            0.500 
_refine.aniso_B[2][2]                            0.500 
_refine.aniso_B[3][3]                            -0.740 
_refine.aniso_B[1][2]                            0.250 
_refine.aniso_B[1][3]                            0.000 
_refine.aniso_B[2][3]                            0.000 
_refine.correlation_coeff_Fo_to_Fc               0.973 
_refine.correlation_coeff_Fo_to_Fc_free          0.966 
_refine.pdbx_overall_ESU_R                       0.062 
_refine.pdbx_overall_ESU_R_Free                  0.063 
_refine.overall_SU_ML                            0.038 
_refine.overall_SU_B                             2.334 
_refine.solvent_model_details                    MASK 
_refine.pdbx_solvent_vdw_probe_radii             1.200 
_refine.pdbx_solvent_ion_probe_radii             0.800 
_refine.pdbx_solvent_shrinkage_radii             0.800 
_refine.pdbx_method_to_determine_struct          SAD 
_refine.pdbx_stereochemistry_target_values       'MAXIMUM LIKELIHOOD WITH PHASES' 
_refine.pdbx_ls_sigma_I                          ? 
_refine.ls_number_reflns_all                     ? 
_refine.ls_R_factor_all                          ? 
_refine.ls_redundancy_reflns_obs                 ? 
_refine.pdbx_data_cutoff_high_absF               ? 
_refine.pdbx_data_cutoff_low_absF                ? 
_refine.ls_number_parameters                     ? 
_refine.ls_number_restraints                     ? 
_refine.ls_R_factor_R_free_error                 ? 
_refine.ls_R_factor_R_free_error_details         ? 
_refine.pdbx_starting_model                      ? 
_refine.pdbx_stereochem_target_val_spec_case     ? 
_refine.solvent_model_param_bsol                 ? 
_refine.solvent_model_param_ksol                 ? 
_refine.occupancy_max                            ? 
_refine.occupancy_min                            ? 
_refine.pdbx_isotropic_thermal_model             ? 
_refine.B_iso_min                                ? 
_refine.B_iso_max                                ? 
_refine.overall_SU_R_Cruickshank_DPI             ? 
_refine.overall_SU_R_free                        ? 
_refine.pdbx_data_cutoff_high_rms_absF           ? 
_refine.ls_wR_factor_R_free                      ? 
_refine.ls_wR_factor_R_work                      ? 
_refine.overall_FOM_free_R_set                   ? 
_refine.overall_FOM_work_R_set                   ? 
_refine.pdbx_overall_phase_error                 ? 
_refine.pdbx_refine_id                           'X-RAY DIFFRACTION' 
_refine.pdbx_TLS_residual_ADP_flag               'LIKELY RESIDUAL' 
_refine.pdbx_diffrn_id                           1 
_refine.pdbx_overall_SU_R_free_Cruickshank_DPI   ? 
_refine.pdbx_overall_SU_R_Blow_DPI               ? 
_refine.pdbx_overall_SU_R_free_Blow_DPI          ? 
# 
_refine_hist.pdbx_refine_id                   'X-RAY DIFFRACTION' 
_refine_hist.cycle_id                         LAST 
_refine_hist.pdbx_number_atoms_protein        1145 
_refine_hist.pdbx_number_atoms_nucleic_acid   0 
_refine_hist.pdbx_number_atoms_ligand         53 
_refine_hist.number_atoms_solvent             138 
_refine_hist.number_atoms_total               1336 
_refine_hist.d_res_high                       1.700 
_refine_hist.d_res_low                        26.803 
# 
loop_
_refine_ls_restr.type 
_refine_ls_restr.number 
_refine_ls_restr.dev_ideal 
_refine_ls_restr.dev_ideal_target 
_refine_ls_restr.weight 
_refine_ls_restr.pdbx_refine_id 
_refine_ls_restr.pdbx_restraint_function 
r_bond_refined_d         1311 0.016  0.022  ? 'X-RAY DIFFRACTION' ? 
r_bond_other_d           902  0.002  0.020  ? 'X-RAY DIFFRACTION' ? 
r_angle_refined_deg      1777 1.590  1.997  ? 'X-RAY DIFFRACTION' ? 
r_angle_other_deg        2217 0.932  3.000  ? 'X-RAY DIFFRACTION' ? 
r_dihedral_angle_1_deg   169  6.039  5.000  ? 'X-RAY DIFFRACTION' ? 
r_dihedral_angle_2_deg   53   38.518 24.906 ? 'X-RAY DIFFRACTION' ? 
r_dihedral_angle_3_deg   221  12.489 15.000 ? 'X-RAY DIFFRACTION' ? 
r_dihedral_angle_4_deg   7    9.965  15.000 ? 'X-RAY DIFFRACTION' ? 
r_chiral_restr           197  0.085  0.200  ? 'X-RAY DIFFRACTION' ? 
r_gen_planes_refined     1458 0.007  0.020  ? 'X-RAY DIFFRACTION' ? 
r_gen_planes_other       247  0.002  0.020  ? 'X-RAY DIFFRACTION' ? 
r_nbd_refined            212  0.264  0.200  ? 'X-RAY DIFFRACTION' ? 
r_nbd_other              914  0.206  0.200  ? 'X-RAY DIFFRACTION' ? 
r_nbtor_refined          624  0.173  0.200  ? 'X-RAY DIFFRACTION' ? 
r_nbtor_other            718  0.086  0.200  ? 'X-RAY DIFFRACTION' ? 
r_xyhbond_nbd_refined    101  0.232  0.200  ? 'X-RAY DIFFRACTION' ? 
r_symmetry_vdw_refined   26   0.193  0.200  ? 'X-RAY DIFFRACTION' ? 
r_symmetry_vdw_other     104  0.235  0.200  ? 'X-RAY DIFFRACTION' ? 
r_symmetry_hbond_refined 23   0.186  0.200  ? 'X-RAY DIFFRACTION' ? 
r_mcbond_it              875  2.658  3.000  ? 'X-RAY DIFFRACTION' ? 
r_mcbond_other           323  0.518  3.000  ? 'X-RAY DIFFRACTION' ? 
r_mcangle_it             1321 3.236  5.000  ? 'X-RAY DIFFRACTION' ? 
r_scbond_it              533  5.832  8.000  ? 'X-RAY DIFFRACTION' ? 
r_scangle_it             456  8.068  11.000 ? 'X-RAY DIFFRACTION' ? 
# 
_refine_ls_shell.d_res_high                       1.700 
_refine_ls_shell.d_res_low                        1.745 
_refine_ls_shell.pdbx_total_number_of_bins_used   20 
_refine_ls_shell.percent_reflns_obs               100.000 
_refine_ls_shell.number_reflns_R_work             2116 
_refine_ls_shell.R_factor_all                     ? 
_refine_ls_shell.R_factor_R_work                  0.221 
_refine_ls_shell.R_factor_R_free                  0.269 
_refine_ls_shell.percent_reflns_R_free            ? 
_refine_ls_shell.number_reflns_R_free             111 
_refine_ls_shell.R_factor_R_free_error            ? 
_refine_ls_shell.number_reflns_all                2227 
_refine_ls_shell.number_reflns_obs                ? 
_refine_ls_shell.redundancy_reflns_obs            ? 
_refine_ls_shell.pdbx_refine_id                   'X-RAY DIFFRACTION' 
# 
_struct.entry_id                  3CJE 
_struct.title                     
'Crystal structure of an osmc-like hydroperoxide resistance protein (jann_2040) from jannaschia sp. ccs1 at 1.70 A resolution' 
_struct.pdbx_model_details        ? 
_struct.pdbx_CASP_flag            ? 
_struct.pdbx_model_type_details   ? 
# 
_struct_keywords.text            
'Structural genomics, Joint Center for Structural Genomics, JCSG, Protein Structure Initiative, PSI-2, oxidoreductase' 
_struct_keywords.pdbx_keywords   OXIDOREDUCTASE 
_struct_keywords.entry_id        3CJE 
# 
loop_
_struct_asym.id 
_struct_asym.pdbx_blank_PDB_chainid_flag 
_struct_asym.pdbx_modified 
_struct_asym.entity_id 
_struct_asym.details 
A N N 1 ? 
B N N 2 ? 
C N N 3 ? 
D N N 3 ? 
E N N 3 ? 
F N N 3 ? 
G N N 3 ? 
H N N 3 ? 
I N N 3 ? 
J N N 3 ? 
K N N 4 ? 
# 
_struct_ref.id                         1 
_struct_ref.db_name                    UNP 
_struct_ref.db_code                    Q28QQ5_JANSC 
_struct_ref.pdbx_db_accession          Q28QQ5 
_struct_ref.entity_id                  1 
_struct_ref.pdbx_seq_one_letter_code   
;MALTPDQMPDRAEVVFTCNGKAVGKMRNELDVAMVKPFEERFALATDEGAFHGGDASAPPPLALFIAGLTGCVMTQIRAF
AKRLKVTVTDLDVECRVVWDWAKAGPVYETGPKSFEIDIILHSPDPIEAQQALIEAAKKGCFLEQTLGQANTIRHRLKVG
DTFIDA
;
_struct_ref.pdbx_align_begin           1 
_struct_ref.pdbx_db_isoform            ? 
# 
_struct_ref_seq.align_id                      1 
_struct_ref_seq.ref_id                        1 
_struct_ref_seq.pdbx_PDB_id_code              3CJE 
_struct_ref_seq.pdbx_strand_id                A 
_struct_ref_seq.seq_align_beg                 2 
_struct_ref_seq.pdbx_seq_align_beg_ins_code   ? 
_struct_ref_seq.seq_align_end                 167 
_struct_ref_seq.pdbx_seq_align_end_ins_code   ? 
_struct_ref_seq.pdbx_db_accession             Q28QQ5 
_struct_ref_seq.db_align_beg                  1 
_struct_ref_seq.pdbx_db_align_beg_ins_code    ? 
_struct_ref_seq.db_align_end                  166 
_struct_ref_seq.pdbx_db_align_end_ins_code    ? 
_struct_ref_seq.pdbx_auth_seq_align_beg       1 
_struct_ref_seq.pdbx_auth_seq_align_end       166 
# 
_struct_ref_seq_dif.align_id                     1 
_struct_ref_seq_dif.pdbx_pdb_id_code             3CJE 
_struct_ref_seq_dif.mon_id                       GLY 
_struct_ref_seq_dif.pdbx_pdb_strand_id           A 
_struct_ref_seq_dif.seq_num                      1 
_struct_ref_seq_dif.pdbx_pdb_ins_code            ? 
_struct_ref_seq_dif.pdbx_seq_db_name             UNP 
_struct_ref_seq_dif.pdbx_seq_db_accession_code   Q28QQ5 
_struct_ref_seq_dif.db_mon_id                    ? 
_struct_ref_seq_dif.pdbx_seq_db_seq_num          ? 
_struct_ref_seq_dif.details                      'expression tag' 
_struct_ref_seq_dif.pdbx_auth_seq_num            0 
_struct_ref_seq_dif.pdbx_ordinal                 1 
# 
_pdbx_struct_assembly.id                   1 
_pdbx_struct_assembly.details              software_defined_assembly 
_pdbx_struct_assembly.method_details       PISA 
_pdbx_struct_assembly.oligomeric_details   dimeric 
_pdbx_struct_assembly.oligomeric_count     2 
# 
loop_
_pdbx_struct_assembly_prop.biol_id 
_pdbx_struct_assembly_prop.type 
_pdbx_struct_assembly_prop.value 
_pdbx_struct_assembly_prop.details 
1 'ABSA (A^2)' 6410  ? 
1 MORE         -46.3 ? 
1 'SSA (A^2)'  13500 ? 
# 
_pdbx_struct_assembly_gen.assembly_id       1 
_pdbx_struct_assembly_gen.oper_expression   1,2 
_pdbx_struct_assembly_gen.asym_id_list      A,B,C,D,E,F,G,H,I,J,K 
# 
loop_
_pdbx_struct_oper_list.id 
_pdbx_struct_oper_list.type 
_pdbx_struct_oper_list.name 
_pdbx_struct_oper_list.symmetry_operation 
_pdbx_struct_oper_list.matrix[1][1] 
_pdbx_struct_oper_list.matrix[1][2] 
_pdbx_struct_oper_list.matrix[1][3] 
_pdbx_struct_oper_list.vector[1] 
_pdbx_struct_oper_list.matrix[2][1] 
_pdbx_struct_oper_list.matrix[2][2] 
_pdbx_struct_oper_list.matrix[2][3] 
_pdbx_struct_oper_list.vector[2] 
_pdbx_struct_oper_list.matrix[3][1] 
_pdbx_struct_oper_list.matrix[3][2] 
_pdbx_struct_oper_list.matrix[3][3] 
_pdbx_struct_oper_list.vector[3] 
1 'identity operation'         1_555 x,y,z             1.0000000000  0.0000000000  0.0000000000 0.0000000000 0.0000000000  1.0000000000  0.0000000000  0.0000000000  0.0000000000 0.0000000000  1.0000000000 0.0000000000 
2 'crystal symmetry operation' 5_675 x-y+1,-y+2,-z+1/3 -0.7452710627 -0.2975703258 0.5966765827 6.2943902839 -0.2975703258 -0.6523830401 -0.6970281703 10.5819796573 0.5966765827 -0.6970281703 0.3976541028 2.5902135779 
# 
_struct_biol.id        1 
_struct_biol.details   
'AUTHORS STATE THAT THE CRYSTAL PACKING ANALYSIS SUPPORTS THE ASSIGNMENT OF A DIMER AS THE SIGNIFICANT OLIGOMERIZATION STATE.' 
# 
loop_
_struct_conf.conf_type_id 
_struct_conf.id 
_struct_conf.pdbx_PDB_helix_id 
_struct_conf.beg_label_comp_id 
_struct_conf.beg_label_asym_id 
_struct_conf.beg_label_seq_id 
_struct_conf.pdbx_beg_PDB_ins_code 
_struct_conf.end_label_comp_id 
_struct_conf.end_label_asym_id 
_struct_conf.end_label_seq_id 
_struct_conf.pdbx_end_PDB_ins_code 
_struct_conf.beg_auth_comp_id 
_struct_conf.beg_auth_asym_id 
_struct_conf.beg_auth_seq_id 
_struct_conf.end_auth_comp_id 
_struct_conf.end_auth_asym_id 
_struct_conf.end_auth_seq_id 
_struct_conf.pdbx_PDB_helix_class 
_struct_conf.details 
_struct_conf.pdbx_PDB_helix_length 
HELX_P HELX_P1 1 PRO A 61  ? ALA A 82  ? PRO A 60  ALA A 81  1 ? 22 
HELX_P HELX_P2 2 PRO A 127 ? CYS A 142 ? PRO A 126 CYS A 141 1 ? 16 
HELX_P HELX_P3 3 CYS A 142 ? GLY A 149 ? CYS A 141 GLY A 148 1 ? 8  
# 
_struct_conf_type.id          HELX_P 
_struct_conf_type.criteria    ? 
_struct_conf_type.reference   ? 
# 
loop_
_struct_conn.id 
_struct_conn.conn_type_id 
_struct_conn.pdbx_leaving_atom_flag 
_struct_conn.pdbx_PDB_id 
_struct_conn.ptnr1_label_asym_id 
_struct_conn.ptnr1_label_comp_id 
_struct_conn.ptnr1_label_seq_id 
_struct_conn.ptnr1_label_atom_id 
_struct_conn.pdbx_ptnr1_label_alt_id 
_struct_conn.pdbx_ptnr1_PDB_ins_code 
_struct_conn.pdbx_ptnr1_standard_comp_id 
_struct_conn.ptnr1_symmetry 
_struct_conn.ptnr2_label_asym_id 
_struct_conn.ptnr2_label_comp_id 
_struct_conn.ptnr2_label_seq_id 
_struct_conn.ptnr2_label_atom_id 
_struct_conn.pdbx_ptnr2_label_alt_id 
_struct_conn.pdbx_ptnr2_PDB_ins_code 
_struct_conn.ptnr1_auth_asym_id 
_struct_conn.ptnr1_auth_comp_id 
_struct_conn.ptnr1_auth_seq_id 
_struct_conn.ptnr2_auth_asym_id 
_struct_conn.ptnr2_auth_comp_id 
_struct_conn.ptnr2_auth_seq_id 
_struct_conn.ptnr2_symmetry 
_struct_conn.pdbx_ptnr3_label_atom_id 
_struct_conn.pdbx_ptnr3_label_seq_id 
_struct_conn.pdbx_ptnr3_label_comp_id 
_struct_conn.pdbx_ptnr3_label_asym_id 
_struct_conn.pdbx_ptnr3_label_alt_id 
_struct_conn.pdbx_ptnr3_PDB_ins_code 
_struct_conn.details 
_struct_conn.pdbx_dist_value 
_struct_conn.pdbx_value_order 
_struct_conn.pdbx_role 
covale1 covale both ? A LYS 26 C ? ? ? 1_555 A MSE 27 N ? ? A LYS 25 A MSE 26 1_555 ? ? ? ? ? ? ? 1.332 ? ? 
covale2 covale both ? A MSE 27 C ? ? ? 1_555 A ARG 28 N ? ? A MSE 26 A ARG 27 1_555 ? ? ? ? ? ? ? 1.331 ? ? 
covale3 covale both ? A ALA 34 C ? ? ? 1_555 A MSE 35 N A ? A ALA 33 A MSE 34 1_555 ? ? ? ? ? ? ? 1.331 ? ? 
covale4 covale both ? A ALA 34 C ? ? ? 1_555 A MSE 35 N B ? A ALA 33 A MSE 34 1_555 ? ? ? ? ? ? ? 1.327 ? ? 
covale5 covale both ? A MSE 35 C A ? ? 1_555 A VAL 36 N ? ? A MSE 34 A VAL 35 1_555 ? ? ? ? ? ? ? 1.330 ? ? 
covale6 covale both ? A MSE 35 C B ? ? 1_555 A VAL 36 N ? ? A MSE 34 A VAL 35 1_555 ? ? ? ? ? ? ? 1.332 ? ? 
covale7 covale both ? A VAL 74 C ? ? ? 1_555 A MSE 75 N ? ? A VAL 73 A MSE 74 1_555 ? ? ? ? ? ? ? 1.336 ? ? 
covale8 covale both ? A MSE 75 C ? ? ? 1_555 A THR 76 N ? ? A MSE 74 A THR 75 1_555 ? ? ? ? ? ? ? 1.332 ? ? 
# 
_struct_conn_type.id          covale 
_struct_conn_type.criteria    ? 
_struct_conn_type.reference   ? 
# 
loop_
_pdbx_modification_feature.ordinal 
_pdbx_modification_feature.label_comp_id 
_pdbx_modification_feature.label_asym_id 
_pdbx_modification_feature.label_seq_id 
_pdbx_modification_feature.label_alt_id 
_pdbx_modification_feature.modified_residue_label_comp_id 
_pdbx_modification_feature.modified_residue_label_asym_id 
_pdbx_modification_feature.modified_residue_label_seq_id 
_pdbx_modification_feature.modified_residue_label_alt_id 
_pdbx_modification_feature.auth_comp_id 
_pdbx_modification_feature.auth_asym_id 
_pdbx_modification_feature.auth_seq_id 
_pdbx_modification_feature.PDB_ins_code 
_pdbx_modification_feature.symmetry 
_pdbx_modification_feature.modified_residue_auth_comp_id 
_pdbx_modification_feature.modified_residue_auth_asym_id 
_pdbx_modification_feature.modified_residue_auth_seq_id 
_pdbx_modification_feature.modified_residue_PDB_ins_code 
_pdbx_modification_feature.modified_residue_symmetry 
_pdbx_modification_feature.comp_id_linking_atom 
_pdbx_modification_feature.modified_residue_id_linking_atom 
_pdbx_modification_feature.modified_residue_id 
_pdbx_modification_feature.ref_pcm_id 
_pdbx_modification_feature.ref_comp_id 
_pdbx_modification_feature.type 
_pdbx_modification_feature.category 
1 MSE A 27 ? . . . . MSE A 26 ? 1_555 . . . . . . . MET 1 MSE Selenomethionine 'Named protein modification' 
2 MSE A 35 A . . . . MSE A 34 ? 1_555 . . . . . . . MET 1 MSE Selenomethionine 'Named protein modification' 
3 MSE A 35 B . . . . MSE A 34 ? 1_555 . . . . . . . MET 1 MSE Selenomethionine 'Named protein modification' 
4 MSE A 75 ? . . . . MSE A 74 ? 1_555 . . . . . . . MET 1 MSE Selenomethionine 'Named protein modification' 
# 
_struct_mon_prot_cis.pdbx_id                1 
_struct_mon_prot_cis.label_comp_id          LYS 
_struct_mon_prot_cis.label_seq_id           37 
_struct_mon_prot_cis.label_asym_id          A 
_struct_mon_prot_cis.label_alt_id           . 
_struct_mon_prot_cis.pdbx_PDB_ins_code      ? 
_struct_mon_prot_cis.auth_comp_id           LYS 
_struct_mon_prot_cis.auth_seq_id            36 
_struct_mon_prot_cis.auth_asym_id           A 
_struct_mon_prot_cis.pdbx_label_comp_id_2   PRO 
_struct_mon_prot_cis.pdbx_label_seq_id_2    38 
_struct_mon_prot_cis.pdbx_label_asym_id_2   A 
_struct_mon_prot_cis.pdbx_PDB_ins_code_2    ? 
_struct_mon_prot_cis.pdbx_auth_comp_id_2    PRO 
_struct_mon_prot_cis.pdbx_auth_seq_id_2     37 
_struct_mon_prot_cis.pdbx_auth_asym_id_2    A 
_struct_mon_prot_cis.pdbx_PDB_model_num     1 
_struct_mon_prot_cis.pdbx_omega_angle       5.43 
# 
loop_
_struct_sheet.id 
_struct_sheet.type 
_struct_sheet.number_strands 
_struct_sheet.details 
A ? 5 ? 
B ? 2 ? 
# 
loop_
_struct_sheet_order.sheet_id 
_struct_sheet_order.range_id_1 
_struct_sheet_order.range_id_2 
_struct_sheet_order.offset 
_struct_sheet_order.sense 
A 1 2 ? anti-parallel 
A 2 3 ? anti-parallel 
A 3 4 ? anti-parallel 
A 4 5 ? anti-parallel 
B 1 2 ? anti-parallel 
# 
loop_
_struct_sheet_range.sheet_id 
_struct_sheet_range.id 
_struct_sheet_range.beg_label_comp_id 
_struct_sheet_range.beg_label_asym_id 
_struct_sheet_range.beg_label_seq_id 
_struct_sheet_range.pdbx_beg_PDB_ins_code 
_struct_sheet_range.end_label_comp_id 
_struct_sheet_range.end_label_asym_id 
_struct_sheet_range.end_label_seq_id 
_struct_sheet_range.pdbx_end_PDB_ins_code 
_struct_sheet_range.beg_auth_comp_id 
_struct_sheet_range.beg_auth_asym_id 
_struct_sheet_range.beg_auth_seq_id 
_struct_sheet_range.end_auth_comp_id 
_struct_sheet_range.end_auth_asym_id 
_struct_sheet_range.end_auth_seq_id 
A 1 GLU A 41  ? THR A 47  ? GLU A 40  THR A 46  
A 2 ARG A 28  ? LYS A 37  ? ARG A 27  LYS A 36  
A 3 ALA A 13  ? VAL A 24  ? ALA A 12  VAL A 23  
A 4 ASP A 93  ? ALA A 105 ? ASP A 92  ALA A 104 
A 5 VAL A 108 ? ILE A 121 ? VAL A 107 ILE A 120 
B 1 ARG A 157 ? VAL A 160 ? ARG A 156 VAL A 159 
B 2 THR A 163 ? ASP A 166 ? THR A 162 ASP A 165 
# 
loop_
_pdbx_struct_sheet_hbond.sheet_id 
_pdbx_struct_sheet_hbond.range_id_1 
_pdbx_struct_sheet_hbond.range_id_2 
_pdbx_struct_sheet_hbond.range_1_label_atom_id 
_pdbx_struct_sheet_hbond.range_1_label_comp_id 
_pdbx_struct_sheet_hbond.range_1_label_asym_id 
_pdbx_struct_sheet_hbond.range_1_label_seq_id 
_pdbx_struct_sheet_hbond.range_1_PDB_ins_code 
_pdbx_struct_sheet_hbond.range_1_auth_atom_id 
_pdbx_struct_sheet_hbond.range_1_auth_comp_id 
_pdbx_struct_sheet_hbond.range_1_auth_asym_id 
_pdbx_struct_sheet_hbond.range_1_auth_seq_id 
_pdbx_struct_sheet_hbond.range_2_label_atom_id 
_pdbx_struct_sheet_hbond.range_2_label_comp_id 
_pdbx_struct_sheet_hbond.range_2_label_asym_id 
_pdbx_struct_sheet_hbond.range_2_label_seq_id 
_pdbx_struct_sheet_hbond.range_2_PDB_ins_code 
_pdbx_struct_sheet_hbond.range_2_auth_atom_id 
_pdbx_struct_sheet_hbond.range_2_auth_comp_id 
_pdbx_struct_sheet_hbond.range_2_auth_asym_id 
_pdbx_struct_sheet_hbond.range_2_auth_seq_id 
A 1 2 O LEU A 45  ? O LEU A 44  N LEU A 31  ? N LEU A 30  
A 2 3 O VAL A 36  ? O VAL A 35  N VAL A 16  ? N VAL A 15  
A 3 4 N GLY A 21  ? N GLY A 20  O VAL A 94  ? O VAL A 93  
A 4 5 N ALA A 105 ? N ALA A 104 O VAL A 108 ? O VAL A 107 
B 1 2 N VAL A 160 ? N VAL A 159 O THR A 163 ? O THR A 162 
# 
loop_
_struct_site.id 
_struct_site.pdbx_evidence_code 
_struct_site.pdbx_auth_asym_id 
_struct_site.pdbx_auth_comp_id 
_struct_site.pdbx_auth_seq_id 
_struct_site.pdbx_auth_ins_code 
_struct_site.pdbx_num_residues 
_struct_site.details 
AC1 Software A PO4 167 ? 6 'BINDING SITE FOR RESIDUE PO4 A 167' 
AC2 Software A GOL 168 ? 6 'BINDING SITE FOR RESIDUE GOL A 168' 
AC3 Software A GOL 169 ? 6 'BINDING SITE FOR RESIDUE GOL A 169' 
AC4 Software A GOL 170 ? 5 'BINDING SITE FOR RESIDUE GOL A 170' 
AC5 Software A GOL 171 ? 6 'BINDING SITE FOR RESIDUE GOL A 171' 
AC6 Software A GOL 172 ? 9 'BINDING SITE FOR RESIDUE GOL A 172' 
AC7 Software A GOL 173 ? 9 'BINDING SITE FOR RESIDUE GOL A 173' 
AC8 Software A GOL 174 ? 4 'BINDING SITE FOR RESIDUE GOL A 174' 
AC9 Software A GOL 175 ? 7 'BINDING SITE FOR RESIDUE GOL A 175' 
# 
loop_
_struct_site_gen.id 
_struct_site_gen.site_id 
_struct_site_gen.pdbx_num_res 
_struct_site_gen.label_comp_id 
_struct_site_gen.label_asym_id 
_struct_site_gen.label_seq_id 
_struct_site_gen.pdbx_auth_ins_code 
_struct_site_gen.auth_comp_id 
_struct_site_gen.auth_asym_id 
_struct_site_gen.auth_seq_id 
_struct_site_gen.label_atom_id 
_struct_site_gen.label_alt_id 
_struct_site_gen.symmetry 
_struct_site_gen.details 
1  AC1 6 GLY A 25  ? GLY A 24  . ? 1_555 ? 
2  AC1 6 LYS A 26  ? LYS A 25  . ? 1_555 ? 
3  AC1 6 ARG A 28  ? ARG A 27  . ? 1_555 ? 
4  AC1 6 ASP A 48  ? ASP A 47  . ? 1_555 ? 
5  AC1 6 HOH K .   ? HOH A 264 . ? 6_655 ? 
6  AC1 6 HOH K .   ? HOH A 283 . ? 1_555 ? 
7  AC2 6 LYS A 83  ? LYS A 82  . ? 1_555 ? 
8  AC2 6 ARG A 84  ? ARG A 83  . ? 1_555 ? 
9  AC2 6 HOH K .   ? HOH A 260 . ? 1_555 ? 
10 AC2 6 HOH K .   ? HOH A 303 . ? 3_565 ? 
11 AC2 6 HOH K .   ? HOH A 304 . ? 1_555 ? 
12 AC2 6 HOH K .   ? HOH A 308 . ? 1_555 ? 
13 AC3 6 ALA A 23  ? ALA A 22  . ? 1_555 ? 
14 AC3 6 ARG A 79  ? ARG A 78  . ? 1_555 ? 
15 AC3 6 ASP A 91  ? ASP A 90  . ? 1_555 ? 
16 AC3 6 LEU A 92  ? LEU A 91  . ? 1_555 ? 
17 AC3 6 HOH K .   ? HOH A 197 . ? 1_555 ? 
18 AC3 6 HOH K .   ? HOH A 242 . ? 1_555 ? 
19 AC4 5 LYS A 26  ? LYS A 25  . ? 1_555 ? 
20 AC4 5 ARG A 79  ? ARG A 78  . ? 1_555 ? 
21 AC4 5 GLY A 161 ? GLY A 160 . ? 6_655 ? 
22 AC4 5 ASP A 162 ? ASP A 161 . ? 6_655 ? 
23 AC4 5 HOH K .   ? HOH A 242 . ? 1_555 ? 
24 AC5 6 GLU A 14  ? GLU A 13  . ? 4_455 ? 
25 AC5 6 PRO A 38  ? PRO A 37  . ? 4_455 ? 
26 AC5 6 TRP A 102 ? TRP A 101 . ? 4_455 ? 
27 AC5 6 HOH K .   ? HOH A 228 . ? 1_555 ? 
28 AC5 6 HOH K .   ? HOH A 233 . ? 1_555 ? 
29 AC5 6 HOH K .   ? HOH A 271 . ? 4_455 ? 
30 AC6 9 ALA A 80  ? ALA A 79  . ? 2_664 ? 
31 AC6 9 ARG A 84  ? ARG A 83  . ? 2_664 ? 
32 AC6 9 SER A 124 ? SER A 123 . ? 1_555 ? 
33 AC6 9 PRO A 125 ? PRO A 124 . ? 1_555 ? 
34 AC6 9 ASP A 126 ? ASP A 125 . ? 1_555 ? 
35 AC6 9 GLN A 131 ? GLN A 130 . ? 1_555 ? 
36 AC6 9 HOH K .   ? HOH A 183 . ? 1_555 ? 
37 AC6 9 HOH K .   ? HOH A 189 . ? 1_555 ? 
38 AC6 9 HOH K .   ? HOH A 308 . ? 2_664 ? 
39 AC7 9 ALA A 13  ? ALA A 12  . ? 1_555 ? 
40 AC7 9 LYS A 86  ? LYS A 85  . ? 4_565 ? 
41 AC7 9 THR A 88  ? THR A 87  . ? 4_565 ? 
42 AC7 9 TRP A 102 ? TRP A 101 . ? 1_555 ? 
43 AC7 9 ALA A 103 ? ALA A 102 . ? 1_555 ? 
44 AC7 9 LYS A 104 ? LYS A 103 . ? 1_555 ? 
45 AC7 9 ASP A 126 ? ASP A 125 . ? 4_565 ? 
46 AC7 9 HOH K .   ? HOH A 253 . ? 1_555 ? 
47 AC7 9 HOH K .   ? HOH A 293 . ? 4_565 ? 
48 AC8 4 LYS A 83  ? LYS A 82  . ? 1_555 ? 
49 AC8 4 THR A 88  ? THR A 87  . ? 1_555 ? 
50 AC8 4 ASP A 162 ? ASP A 161 . ? 6_655 ? 
51 AC8 4 HOH K .   ? HOH A 293 . ? 1_555 ? 
52 AC9 7 ARG A 84  ? ARG A 83  . ? 2_664 ? 
53 AC9 7 LYS A 104 ? LYS A 103 . ? 4_455 ? 
54 AC9 7 GLY A 106 ? GLY A 105 . ? 4_455 ? 
55 AC9 7 HIS A 123 ? HIS A 122 . ? 1_555 ? 
56 AC9 7 PRO A 125 ? PRO A 124 . ? 1_555 ? 
57 AC9 7 HOH K .   ? HOH A 290 . ? 1_555 ? 
58 AC9 7 HOH K .   ? HOH A 301 . ? 1_555 ? 
# 
_pdbx_entry_details.entry_id                   3CJE 
_pdbx_entry_details.sequence_details           
;THE CONSTRUCT WAS EXPRESSED WITH A PURIFICATION TAG
MGSDKIHHHHHHENLYFQG. THE TAG WAS REMOVED WITH TEV PROTEASE
LEAVING ONLY A GLYCINE (0) FOLLOWED BY THE TARGET SEQUENCE.
;
_pdbx_entry_details.compound_details           ? 
_pdbx_entry_details.source_details             ? 
_pdbx_entry_details.nonpolymer_details         ? 
_pdbx_entry_details.has_ligand_of_interest     ? 
_pdbx_entry_details.has_protein_modification   Y 
# 
_pdbx_validate_torsion.id              1 
_pdbx_validate_torsion.PDB_model_num   1 
_pdbx_validate_torsion.auth_comp_id    GLU 
_pdbx_validate_torsion.auth_asym_id    A 
_pdbx_validate_torsion.auth_seq_id     40 
_pdbx_validate_torsion.PDB_ins_code    ? 
_pdbx_validate_torsion.label_alt_id    B 
_pdbx_validate_torsion.phi             -170.41 
_pdbx_validate_torsion.psi             134.64 
# 
_pdbx_SG_project.project_name          'PSI, Protein Structure Initiative' 
_pdbx_SG_project.full_name_of_center   'Joint Center for Structural Genomics' 
_pdbx_SG_project.id                    1 
_pdbx_SG_project.initial_of_center     JCSG 
# 
loop_
_pdbx_struct_mod_residue.id 
_pdbx_struct_mod_residue.label_asym_id 
_pdbx_struct_mod_residue.label_comp_id 
_pdbx_struct_mod_residue.label_seq_id 
_pdbx_struct_mod_residue.auth_asym_id 
_pdbx_struct_mod_residue.auth_comp_id 
_pdbx_struct_mod_residue.auth_seq_id 
_pdbx_struct_mod_residue.PDB_ins_code 
_pdbx_struct_mod_residue.parent_comp_id 
_pdbx_struct_mod_residue.details 
1 A MSE 27 A MSE 26 ? MET SELENOMETHIONINE 
2 A MSE 35 A MSE 34 ? MET SELENOMETHIONINE 
3 A MSE 75 A MSE 74 ? MET SELENOMETHIONINE 
# 
_pdbx_struct_special_symmetry.id              1 
_pdbx_struct_special_symmetry.PDB_model_num   1 
_pdbx_struct_special_symmetry.auth_asym_id    A 
_pdbx_struct_special_symmetry.auth_comp_id    HOH 
_pdbx_struct_special_symmetry.auth_seq_id     176 
_pdbx_struct_special_symmetry.PDB_ins_code    ? 
_pdbx_struct_special_symmetry.label_asym_id   K 
_pdbx_struct_special_symmetry.label_comp_id   HOH 
_pdbx_struct_special_symmetry.label_seq_id    . 
# 
_pdbx_refine_tls.id               1 
_pdbx_refine_tls.details          ? 
_pdbx_refine_tls.method           refined 
_pdbx_refine_tls.origin_x         -0.2567 
_pdbx_refine_tls.origin_y         0.3467 
_pdbx_refine_tls.origin_z         -0.0482 
_pdbx_refine_tls.T[1][1]          -0.0290 
_pdbx_refine_tls.T[2][2]          -0.0308 
_pdbx_refine_tls.T[3][3]          -0.0312 
_pdbx_refine_tls.T[1][2]          0.0015 
_pdbx_refine_tls.T[1][3]          -0.0109 
_pdbx_refine_tls.T[2][3]          0.0000 
_pdbx_refine_tls.L[1][1]          0.6543 
_pdbx_refine_tls.L[2][2]          0.5334 
_pdbx_refine_tls.L[3][3]          0.2195 
_pdbx_refine_tls.L[1][2]          0.2900 
_pdbx_refine_tls.L[1][3]          -0.0966 
_pdbx_refine_tls.L[2][3]          0.0071 
_pdbx_refine_tls.S[1][1]          -0.0106 
_pdbx_refine_tls.S[2][2]          -0.0185 
_pdbx_refine_tls.S[3][3]          0.0290 
_pdbx_refine_tls.S[1][2]          -0.0327 
_pdbx_refine_tls.S[1][3]          -0.0295 
_pdbx_refine_tls.S[2][3]          -0.0241 
_pdbx_refine_tls.S[2][1]          -0.0162 
_pdbx_refine_tls.S[3][1]          0.0077 
_pdbx_refine_tls.S[3][2]          0.0147 
_pdbx_refine_tls.pdbx_refine_id   'X-RAY DIFFRACTION' 
# 
_pdbx_refine_tls_group.id                  1 
_pdbx_refine_tls_group.refine_tls_id       1 
_pdbx_refine_tls_group.beg_label_asym_id   A 
_pdbx_refine_tls_group.beg_label_seq_id    12 
_pdbx_refine_tls_group.end_label_asym_id   A 
_pdbx_refine_tls_group.end_label_seq_id    167 
_pdbx_refine_tls_group.selection           ? 
_pdbx_refine_tls_group.beg_auth_asym_id    A 
_pdbx_refine_tls_group.beg_auth_seq_id     11 
_pdbx_refine_tls_group.end_auth_asym_id    A 
_pdbx_refine_tls_group.end_auth_seq_id     166 
_pdbx_refine_tls_group.pdbx_refine_id      'X-RAY DIFFRACTION' 
_pdbx_refine_tls_group.selection_details   ? 
# 
_phasing.method   SAD 
# 
loop_
_pdbx_unobs_or_zero_occ_residues.id 
_pdbx_unobs_or_zero_occ_residues.PDB_model_num 
_pdbx_unobs_or_zero_occ_residues.polymer_flag 
_pdbx_unobs_or_zero_occ_residues.occupancy_flag 
_pdbx_unobs_or_zero_occ_residues.auth_asym_id 
_pdbx_unobs_or_zero_occ_residues.auth_comp_id 
_pdbx_unobs_or_zero_occ_residues.auth_seq_id 
_pdbx_unobs_or_zero_occ_residues.PDB_ins_code 
_pdbx_unobs_or_zero_occ_residues.label_asym_id 
_pdbx_unobs_or_zero_occ_residues.label_comp_id 
_pdbx_unobs_or_zero_occ_residues.label_seq_id 
1  1 Y 1 A GLY 0  ? A GLY 1  
2  1 Y 1 A MSE 1  ? A MSE 2  
3  1 Y 1 A ALA 2  ? A ALA 3  
4  1 Y 1 A LEU 3  ? A LEU 4  
5  1 Y 1 A THR 4  ? A THR 5  
6  1 Y 1 A PRO 5  ? A PRO 6  
7  1 Y 1 A ASP 6  ? A ASP 7  
8  1 Y 1 A GLN 7  ? A GLN 8  
9  1 Y 1 A MSE 8  ? A MSE 9  
10 1 Y 1 A PRO 9  ? A PRO 10 
11 1 Y 1 A ASP 10 ? A ASP 11 
12 1 Y 1 A PHE 51 ? A PHE 52 
13 1 Y 1 A HIS 52 ? A HIS 53 
14 1 Y 1 A GLY 53 ? A GLY 54 
15 1 Y 1 A GLY 54 ? A GLY 55 
16 1 Y 1 A ASP 55 ? A ASP 56 
17 1 Y 1 A ALA 56 ? A ALA 57 
# 
loop_
_chem_comp_atom.comp_id 
_chem_comp_atom.atom_id 
_chem_comp_atom.type_symbol 
_chem_comp_atom.pdbx_aromatic_flag 
_chem_comp_atom.pdbx_stereo_config 
_chem_comp_atom.pdbx_ordinal 
ALA N    N  N N 1   
ALA CA   C  N S 2   
ALA C    C  N N 3   
ALA O    O  N N 4   
ALA CB   C  N N 5   
ALA OXT  O  N N 6   
ALA H    H  N N 7   
ALA H2   H  N N 8   
ALA HA   H  N N 9   
ALA HB1  H  N N 10  
ALA HB2  H  N N 11  
ALA HB3  H  N N 12  
ALA HXT  H  N N 13  
ARG N    N  N N 14  
ARG CA   C  N S 15  
ARG C    C  N N 16  
ARG O    O  N N 17  
ARG CB   C  N N 18  
ARG CG   C  N N 19  
ARG CD   C  N N 20  
ARG NE   N  N N 21  
ARG CZ   C  N N 22  
ARG NH1  N  N N 23  
ARG NH2  N  N N 24  
ARG OXT  O  N N 25  
ARG H    H  N N 26  
ARG H2   H  N N 27  
ARG HA   H  N N 28  
ARG HB2  H  N N 29  
ARG HB3  H  N N 30  
ARG HG2  H  N N 31  
ARG HG3  H  N N 32  
ARG HD2  H  N N 33  
ARG HD3  H  N N 34  
ARG HE   H  N N 35  
ARG HH11 H  N N 36  
ARG HH12 H  N N 37  
ARG HH21 H  N N 38  
ARG HH22 H  N N 39  
ARG HXT  H  N N 40  
ASN N    N  N N 41  
ASN CA   C  N S 42  
ASN C    C  N N 43  
ASN O    O  N N 44  
ASN CB   C  N N 45  
ASN CG   C  N N 46  
ASN OD1  O  N N 47  
ASN ND2  N  N N 48  
ASN OXT  O  N N 49  
ASN H    H  N N 50  
ASN H2   H  N N 51  
ASN HA   H  N N 52  
ASN HB2  H  N N 53  
ASN HB3  H  N N 54  
ASN HD21 H  N N 55  
ASN HD22 H  N N 56  
ASN HXT  H  N N 57  
ASP N    N  N N 58  
ASP CA   C  N S 59  
ASP C    C  N N 60  
ASP O    O  N N 61  
ASP CB   C  N N 62  
ASP CG   C  N N 63  
ASP OD1  O  N N 64  
ASP OD2  O  N N 65  
ASP OXT  O  N N 66  
ASP H    H  N N 67  
ASP H2   H  N N 68  
ASP HA   H  N N 69  
ASP HB2  H  N N 70  
ASP HB3  H  N N 71  
ASP HD2  H  N N 72  
ASP HXT  H  N N 73  
CYS N    N  N N 74  
CYS CA   C  N R 75  
CYS C    C  N N 76  
CYS O    O  N N 77  
CYS CB   C  N N 78  
CYS SG   S  N N 79  
CYS OXT  O  N N 80  
CYS H    H  N N 81  
CYS H2   H  N N 82  
CYS HA   H  N N 83  
CYS HB2  H  N N 84  
CYS HB3  H  N N 85  
CYS HG   H  N N 86  
CYS HXT  H  N N 87  
GLN N    N  N N 88  
GLN CA   C  N S 89  
GLN C    C  N N 90  
GLN O    O  N N 91  
GLN CB   C  N N 92  
GLN CG   C  N N 93  
GLN CD   C  N N 94  
GLN OE1  O  N N 95  
GLN NE2  N  N N 96  
GLN OXT  O  N N 97  
GLN H    H  N N 98  
GLN H2   H  N N 99  
GLN HA   H  N N 100 
GLN HB2  H  N N 101 
GLN HB3  H  N N 102 
GLN HG2  H  N N 103 
GLN HG3  H  N N 104 
GLN HE21 H  N N 105 
GLN HE22 H  N N 106 
GLN HXT  H  N N 107 
GLU N    N  N N 108 
GLU CA   C  N S 109 
GLU C    C  N N 110 
GLU O    O  N N 111 
GLU CB   C  N N 112 
GLU CG   C  N N 113 
GLU CD   C  N N 114 
GLU OE1  O  N N 115 
GLU OE2  O  N N 116 
GLU OXT  O  N N 117 
GLU H    H  N N 118 
GLU H2   H  N N 119 
GLU HA   H  N N 120 
GLU HB2  H  N N 121 
GLU HB3  H  N N 122 
GLU HG2  H  N N 123 
GLU HG3  H  N N 124 
GLU HE2  H  N N 125 
GLU HXT  H  N N 126 
GLY N    N  N N 127 
GLY CA   C  N N 128 
GLY C    C  N N 129 
GLY O    O  N N 130 
GLY OXT  O  N N 131 
GLY H    H  N N 132 
GLY H2   H  N N 133 
GLY HA2  H  N N 134 
GLY HA3  H  N N 135 
GLY HXT  H  N N 136 
GOL C1   C  N N 137 
GOL O1   O  N N 138 
GOL C2   C  N N 139 
GOL O2   O  N N 140 
GOL C3   C  N N 141 
GOL O3   O  N N 142 
GOL H11  H  N N 143 
GOL H12  H  N N 144 
GOL HO1  H  N N 145 
GOL H2   H  N N 146 
GOL HO2  H  N N 147 
GOL H31  H  N N 148 
GOL H32  H  N N 149 
GOL HO3  H  N N 150 
HIS N    N  N N 151 
HIS CA   C  N S 152 
HIS C    C  N N 153 
HIS O    O  N N 154 
HIS CB   C  N N 155 
HIS CG   C  Y N 156 
HIS ND1  N  Y N 157 
HIS CD2  C  Y N 158 
HIS CE1  C  Y N 159 
HIS NE2  N  Y N 160 
HIS OXT  O  N N 161 
HIS H    H  N N 162 
HIS H2   H  N N 163 
HIS HA   H  N N 164 
HIS HB2  H  N N 165 
HIS HB3  H  N N 166 
HIS HD1  H  N N 167 
HIS HD2  H  N N 168 
HIS HE1  H  N N 169 
HIS HE2  H  N N 170 
HIS HXT  H  N N 171 
HOH O    O  N N 172 
HOH H1   H  N N 173 
HOH H2   H  N N 174 
ILE N    N  N N 175 
ILE CA   C  N S 176 
ILE C    C  N N 177 
ILE O    O  N N 178 
ILE CB   C  N S 179 
ILE CG1  C  N N 180 
ILE CG2  C  N N 181 
ILE CD1  C  N N 182 
ILE OXT  O  N N 183 
ILE H    H  N N 184 
ILE H2   H  N N 185 
ILE HA   H  N N 186 
ILE HB   H  N N 187 
ILE HG12 H  N N 188 
ILE HG13 H  N N 189 
ILE HG21 H  N N 190 
ILE HG22 H  N N 191 
ILE HG23 H  N N 192 
ILE HD11 H  N N 193 
ILE HD12 H  N N 194 
ILE HD13 H  N N 195 
ILE HXT  H  N N 196 
LEU N    N  N N 197 
LEU CA   C  N S 198 
LEU C    C  N N 199 
LEU O    O  N N 200 
LEU CB   C  N N 201 
LEU CG   C  N N 202 
LEU CD1  C  N N 203 
LEU CD2  C  N N 204 
LEU OXT  O  N N 205 
LEU H    H  N N 206 
LEU H2   H  N N 207 
LEU HA   H  N N 208 
LEU HB2  H  N N 209 
LEU HB3  H  N N 210 
LEU HG   H  N N 211 
LEU HD11 H  N N 212 
LEU HD12 H  N N 213 
LEU HD13 H  N N 214 
LEU HD21 H  N N 215 
LEU HD22 H  N N 216 
LEU HD23 H  N N 217 
LEU HXT  H  N N 218 
LYS N    N  N N 219 
LYS CA   C  N S 220 
LYS C    C  N N 221 
LYS O    O  N N 222 
LYS CB   C  N N 223 
LYS CG   C  N N 224 
LYS CD   C  N N 225 
LYS CE   C  N N 226 
LYS NZ   N  N N 227 
LYS OXT  O  N N 228 
LYS H    H  N N 229 
LYS H2   H  N N 230 
LYS HA   H  N N 231 
LYS HB2  H  N N 232 
LYS HB3  H  N N 233 
LYS HG2  H  N N 234 
LYS HG3  H  N N 235 
LYS HD2  H  N N 236 
LYS HD3  H  N N 237 
LYS HE2  H  N N 238 
LYS HE3  H  N N 239 
LYS HZ1  H  N N 240 
LYS HZ2  H  N N 241 
LYS HZ3  H  N N 242 
LYS HXT  H  N N 243 
MSE N    N  N N 244 
MSE CA   C  N S 245 
MSE C    C  N N 246 
MSE O    O  N N 247 
MSE OXT  O  N N 248 
MSE CB   C  N N 249 
MSE CG   C  N N 250 
MSE SE   SE N N 251 
MSE CE   C  N N 252 
MSE H    H  N N 253 
MSE H2   H  N N 254 
MSE HA   H  N N 255 
MSE HXT  H  N N 256 
MSE HB2  H  N N 257 
MSE HB3  H  N N 258 
MSE HG2  H  N N 259 
MSE HG3  H  N N 260 
MSE HE1  H  N N 261 
MSE HE2  H  N N 262 
MSE HE3  H  N N 263 
PHE N    N  N N 264 
PHE CA   C  N S 265 
PHE C    C  N N 266 
PHE O    O  N N 267 
PHE CB   C  N N 268 
PHE CG   C  Y N 269 
PHE CD1  C  Y N 270 
PHE CD2  C  Y N 271 
PHE CE1  C  Y N 272 
PHE CE2  C  Y N 273 
PHE CZ   C  Y N 274 
PHE OXT  O  N N 275 
PHE H    H  N N 276 
PHE H2   H  N N 277 
PHE HA   H  N N 278 
PHE HB2  H  N N 279 
PHE HB3  H  N N 280 
PHE HD1  H  N N 281 
PHE HD2  H  N N 282 
PHE HE1  H  N N 283 
PHE HE2  H  N N 284 
PHE HZ   H  N N 285 
PHE HXT  H  N N 286 
PO4 P    P  N N 287 
PO4 O1   O  N N 288 
PO4 O2   O  N N 289 
PO4 O3   O  N N 290 
PO4 O4   O  N N 291 
PRO N    N  N N 292 
PRO CA   C  N S 293 
PRO C    C  N N 294 
PRO O    O  N N 295 
PRO CB   C  N N 296 
PRO CG   C  N N 297 
PRO CD   C  N N 298 
PRO OXT  O  N N 299 
PRO H    H  N N 300 
PRO HA   H  N N 301 
PRO HB2  H  N N 302 
PRO HB3  H  N N 303 
PRO HG2  H  N N 304 
PRO HG3  H  N N 305 
PRO HD2  H  N N 306 
PRO HD3  H  N N 307 
PRO HXT  H  N N 308 
SER N    N  N N 309 
SER CA   C  N S 310 
SER C    C  N N 311 
SER O    O  N N 312 
SER CB   C  N N 313 
SER OG   O  N N 314 
SER OXT  O  N N 315 
SER H    H  N N 316 
SER H2   H  N N 317 
SER HA   H  N N 318 
SER HB2  H  N N 319 
SER HB3  H  N N 320 
SER HG   H  N N 321 
SER HXT  H  N N 322 
THR N    N  N N 323 
THR CA   C  N S 324 
THR C    C  N N 325 
THR O    O  N N 326 
THR CB   C  N R 327 
THR OG1  O  N N 328 
THR CG2  C  N N 329 
THR OXT  O  N N 330 
THR H    H  N N 331 
THR H2   H  N N 332 
THR HA   H  N N 333 
THR HB   H  N N 334 
THR HG1  H  N N 335 
THR HG21 H  N N 336 
THR HG22 H  N N 337 
THR HG23 H  N N 338 
THR HXT  H  N N 339 
TRP N    N  N N 340 
TRP CA   C  N S 341 
TRP C    C  N N 342 
TRP O    O  N N 343 
TRP CB   C  N N 344 
TRP CG   C  Y N 345 
TRP CD1  C  Y N 346 
TRP CD2  C  Y N 347 
TRP NE1  N  Y N 348 
TRP CE2  C  Y N 349 
TRP CE3  C  Y N 350 
TRP CZ2  C  Y N 351 
TRP CZ3  C  Y N 352 
TRP CH2  C  Y N 353 
TRP OXT  O  N N 354 
TRP H    H  N N 355 
TRP H2   H  N N 356 
TRP HA   H  N N 357 
TRP HB2  H  N N 358 
TRP HB3  H  N N 359 
TRP HD1  H  N N 360 
TRP HE1  H  N N 361 
TRP HE3  H  N N 362 
TRP HZ2  H  N N 363 
TRP HZ3  H  N N 364 
TRP HH2  H  N N 365 
TRP HXT  H  N N 366 
TYR N    N  N N 367 
TYR CA   C  N S 368 
TYR C    C  N N 369 
TYR O    O  N N 370 
TYR CB   C  N N 371 
TYR CG   C  Y N 372 
TYR CD1  C  Y N 373 
TYR CD2  C  Y N 374 
TYR CE1  C  Y N 375 
TYR CE2  C  Y N 376 
TYR CZ   C  Y N 377 
TYR OH   O  N N 378 
TYR OXT  O  N N 379 
TYR H    H  N N 380 
TYR H2   H  N N 381 
TYR HA   H  N N 382 
TYR HB2  H  N N 383 
TYR HB3  H  N N 384 
TYR HD1  H  N N 385 
TYR HD2  H  N N 386 
TYR HE1  H  N N 387 
TYR HE2  H  N N 388 
TYR HH   H  N N 389 
TYR HXT  H  N N 390 
VAL N    N  N N 391 
VAL CA   C  N S 392 
VAL C    C  N N 393 
VAL O    O  N N 394 
VAL CB   C  N N 395 
VAL CG1  C  N N 396 
VAL CG2  C  N N 397 
VAL OXT  O  N N 398 
VAL H    H  N N 399 
VAL H2   H  N N 400 
VAL HA   H  N N 401 
VAL HB   H  N N 402 
VAL HG11 H  N N 403 
VAL HG12 H  N N 404 
VAL HG13 H  N N 405 
VAL HG21 H  N N 406 
VAL HG22 H  N N 407 
VAL HG23 H  N N 408 
VAL HXT  H  N N 409 
# 
loop_
_chem_comp_bond.comp_id 
_chem_comp_bond.atom_id_1 
_chem_comp_bond.atom_id_2 
_chem_comp_bond.value_order 
_chem_comp_bond.pdbx_aromatic_flag 
_chem_comp_bond.pdbx_stereo_config 
_chem_comp_bond.pdbx_ordinal 
ALA N   CA   sing N N 1   
ALA N   H    sing N N 2   
ALA N   H2   sing N N 3   
ALA CA  C    sing N N 4   
ALA CA  CB   sing N N 5   
ALA CA  HA   sing N N 6   
ALA C   O    doub N N 7   
ALA C   OXT  sing N N 8   
ALA CB  HB1  sing N N 9   
ALA CB  HB2  sing N N 10  
ALA CB  HB3  sing N N 11  
ALA OXT HXT  sing N N 12  
ARG N   CA   sing N N 13  
ARG N   H    sing N N 14  
ARG N   H2   sing N N 15  
ARG CA  C    sing N N 16  
ARG CA  CB   sing N N 17  
ARG CA  HA   sing N N 18  
ARG C   O    doub N N 19  
ARG C   OXT  sing N N 20  
ARG CB  CG   sing N N 21  
ARG CB  HB2  sing N N 22  
ARG CB  HB3  sing N N 23  
ARG CG  CD   sing N N 24  
ARG CG  HG2  sing N N 25  
ARG CG  HG3  sing N N 26  
ARG CD  NE   sing N N 27  
ARG CD  HD2  sing N N 28  
ARG CD  HD3  sing N N 29  
ARG NE  CZ   sing N N 30  
ARG NE  HE   sing N N 31  
ARG CZ  NH1  sing N N 32  
ARG CZ  NH2  doub N N 33  
ARG NH1 HH11 sing N N 34  
ARG NH1 HH12 sing N N 35  
ARG NH2 HH21 sing N N 36  
ARG NH2 HH22 sing N N 37  
ARG OXT HXT  sing N N 38  
ASN N   CA   sing N N 39  
ASN N   H    sing N N 40  
ASN N   H2   sing N N 41  
ASN CA  C    sing N N 42  
ASN CA  CB   sing N N 43  
ASN CA  HA   sing N N 44  
ASN C   O    doub N N 45  
ASN C   OXT  sing N N 46  
ASN CB  CG   sing N N 47  
ASN CB  HB2  sing N N 48  
ASN CB  HB3  sing N N 49  
ASN CG  OD1  doub N N 50  
ASN CG  ND2  sing N N 51  
ASN ND2 HD21 sing N N 52  
ASN ND2 HD22 sing N N 53  
ASN OXT HXT  sing N N 54  
ASP N   CA   sing N N 55  
ASP N   H    sing N N 56  
ASP N   H2   sing N N 57  
ASP CA  C    sing N N 58  
ASP CA  CB   sing N N 59  
ASP CA  HA   sing N N 60  
ASP C   O    doub N N 61  
ASP C   OXT  sing N N 62  
ASP CB  CG   sing N N 63  
ASP CB  HB2  sing N N 64  
ASP CB  HB3  sing N N 65  
ASP CG  OD1  doub N N 66  
ASP CG  OD2  sing N N 67  
ASP OD2 HD2  sing N N 68  
ASP OXT HXT  sing N N 69  
CYS N   CA   sing N N 70  
CYS N   H    sing N N 71  
CYS N   H2   sing N N 72  
CYS CA  C    sing N N 73  
CYS CA  CB   sing N N 74  
CYS CA  HA   sing N N 75  
CYS C   O    doub N N 76  
CYS C   OXT  sing N N 77  
CYS CB  SG   sing N N 78  
CYS CB  HB2  sing N N 79  
CYS CB  HB3  sing N N 80  
CYS SG  HG   sing N N 81  
CYS OXT HXT  sing N N 82  
GLN N   CA   sing N N 83  
GLN N   H    sing N N 84  
GLN N   H2   sing N N 85  
GLN CA  C    sing N N 86  
GLN CA  CB   sing N N 87  
GLN CA  HA   sing N N 88  
GLN C   O    doub N N 89  
GLN C   OXT  sing N N 90  
GLN CB  CG   sing N N 91  
GLN CB  HB2  sing N N 92  
GLN CB  HB3  sing N N 93  
GLN CG  CD   sing N N 94  
GLN CG  HG2  sing N N 95  
GLN CG  HG3  sing N N 96  
GLN CD  OE1  doub N N 97  
GLN CD  NE2  sing N N 98  
GLN NE2 HE21 sing N N 99  
GLN NE2 HE22 sing N N 100 
GLN OXT HXT  sing N N 101 
GLU N   CA   sing N N 102 
GLU N   H    sing N N 103 
GLU N   H2   sing N N 104 
GLU CA  C    sing N N 105 
GLU CA  CB   sing N N 106 
GLU CA  HA   sing N N 107 
GLU C   O    doub N N 108 
GLU C   OXT  sing N N 109 
GLU CB  CG   sing N N 110 
GLU CB  HB2  sing N N 111 
GLU CB  HB3  sing N N 112 
GLU CG  CD   sing N N 113 
GLU CG  HG2  sing N N 114 
GLU CG  HG3  sing N N 115 
GLU CD  OE1  doub N N 116 
GLU CD  OE2  sing N N 117 
GLU OE2 HE2  sing N N 118 
GLU OXT HXT  sing N N 119 
GLY N   CA   sing N N 120 
GLY N   H    sing N N 121 
GLY N   H2   sing N N 122 
GLY CA  C    sing N N 123 
GLY CA  HA2  sing N N 124 
GLY CA  HA3  sing N N 125 
GLY C   O    doub N N 126 
GLY C   OXT  sing N N 127 
GLY OXT HXT  sing N N 128 
GOL C1  O1   sing N N 129 
GOL C1  C2   sing N N 130 
GOL C1  H11  sing N N 131 
GOL C1  H12  sing N N 132 
GOL O1  HO1  sing N N 133 
GOL C2  O2   sing N N 134 
GOL C2  C3   sing N N 135 
GOL C2  H2   sing N N 136 
GOL O2  HO2  sing N N 137 
GOL C3  O3   sing N N 138 
GOL C3  H31  sing N N 139 
GOL C3  H32  sing N N 140 
GOL O3  HO3  sing N N 141 
HIS N   CA   sing N N 142 
HIS N   H    sing N N 143 
HIS N   H2   sing N N 144 
HIS CA  C    sing N N 145 
HIS CA  CB   sing N N 146 
HIS CA  HA   sing N N 147 
HIS C   O    doub N N 148 
HIS C   OXT  sing N N 149 
HIS CB  CG   sing N N 150 
HIS CB  HB2  sing N N 151 
HIS CB  HB3  sing N N 152 
HIS CG  ND1  sing Y N 153 
HIS CG  CD2  doub Y N 154 
HIS ND1 CE1  doub Y N 155 
HIS ND1 HD1  sing N N 156 
HIS CD2 NE2  sing Y N 157 
HIS CD2 HD2  sing N N 158 
HIS CE1 NE2  sing Y N 159 
HIS CE1 HE1  sing N N 160 
HIS NE2 HE2  sing N N 161 
HIS OXT HXT  sing N N 162 
HOH O   H1   sing N N 163 
HOH O   H2   sing N N 164 
ILE N   CA   sing N N 165 
ILE N   H    sing N N 166 
ILE N   H2   sing N N 167 
ILE CA  C    sing N N 168 
ILE CA  CB   sing N N 169 
ILE CA  HA   sing N N 170 
ILE C   O    doub N N 171 
ILE C   OXT  sing N N 172 
ILE CB  CG1  sing N N 173 
ILE CB  CG2  sing N N 174 
ILE CB  HB   sing N N 175 
ILE CG1 CD1  sing N N 176 
ILE CG1 HG12 sing N N 177 
ILE CG1 HG13 sing N N 178 
ILE CG2 HG21 sing N N 179 
ILE CG2 HG22 sing N N 180 
ILE CG2 HG23 sing N N 181 
ILE CD1 HD11 sing N N 182 
ILE CD1 HD12 sing N N 183 
ILE CD1 HD13 sing N N 184 
ILE OXT HXT  sing N N 185 
LEU N   CA   sing N N 186 
LEU N   H    sing N N 187 
LEU N   H2   sing N N 188 
LEU CA  C    sing N N 189 
LEU CA  CB   sing N N 190 
LEU CA  HA   sing N N 191 
LEU C   O    doub N N 192 
LEU C   OXT  sing N N 193 
LEU CB  CG   sing N N 194 
LEU CB  HB2  sing N N 195 
LEU CB  HB3  sing N N 196 
LEU CG  CD1  sing N N 197 
LEU CG  CD2  sing N N 198 
LEU CG  HG   sing N N 199 
LEU CD1 HD11 sing N N 200 
LEU CD1 HD12 sing N N 201 
LEU CD1 HD13 sing N N 202 
LEU CD2 HD21 sing N N 203 
LEU CD2 HD22 sing N N 204 
LEU CD2 HD23 sing N N 205 
LEU OXT HXT  sing N N 206 
LYS N   CA   sing N N 207 
LYS N   H    sing N N 208 
LYS N   H2   sing N N 209 
LYS CA  C    sing N N 210 
LYS CA  CB   sing N N 211 
LYS CA  HA   sing N N 212 
LYS C   O    doub N N 213 
LYS C   OXT  sing N N 214 
LYS CB  CG   sing N N 215 
LYS CB  HB2  sing N N 216 
LYS CB  HB3  sing N N 217 
LYS CG  CD   sing N N 218 
LYS CG  HG2  sing N N 219 
LYS CG  HG3  sing N N 220 
LYS CD  CE   sing N N 221 
LYS CD  HD2  sing N N 222 
LYS CD  HD3  sing N N 223 
LYS CE  NZ   sing N N 224 
LYS CE  HE2  sing N N 225 
LYS CE  HE3  sing N N 226 
LYS NZ  HZ1  sing N N 227 
LYS NZ  HZ2  sing N N 228 
LYS NZ  HZ3  sing N N 229 
LYS OXT HXT  sing N N 230 
MSE N   CA   sing N N 231 
MSE N   H    sing N N 232 
MSE N   H2   sing N N 233 
MSE CA  C    sing N N 234 
MSE CA  CB   sing N N 235 
MSE CA  HA   sing N N 236 
MSE C   O    doub N N 237 
MSE C   OXT  sing N N 238 
MSE OXT HXT  sing N N 239 
MSE CB  CG   sing N N 240 
MSE CB  HB2  sing N N 241 
MSE CB  HB3  sing N N 242 
MSE CG  SE   sing N N 243 
MSE CG  HG2  sing N N 244 
MSE CG  HG3  sing N N 245 
MSE SE  CE   sing N N 246 
MSE CE  HE1  sing N N 247 
MSE CE  HE2  sing N N 248 
MSE CE  HE3  sing N N 249 
PHE N   CA   sing N N 250 
PHE N   H    sing N N 251 
PHE N   H2   sing N N 252 
PHE CA  C    sing N N 253 
PHE CA  CB   sing N N 254 
PHE CA  HA   sing N N 255 
PHE C   O    doub N N 256 
PHE C   OXT  sing N N 257 
PHE CB  CG   sing N N 258 
PHE CB  HB2  sing N N 259 
PHE CB  HB3  sing N N 260 
PHE CG  CD1  doub Y N 261 
PHE CG  CD2  sing Y N 262 
PHE CD1 CE1  sing Y N 263 
PHE CD1 HD1  sing N N 264 
PHE CD2 CE2  doub Y N 265 
PHE CD2 HD2  sing N N 266 
PHE CE1 CZ   doub Y N 267 
PHE CE1 HE1  sing N N 268 
PHE CE2 CZ   sing Y N 269 
PHE CE2 HE2  sing N N 270 
PHE CZ  HZ   sing N N 271 
PHE OXT HXT  sing N N 272 
PO4 P   O1   doub N N 273 
PO4 P   O2   sing N N 274 
PO4 P   O3   sing N N 275 
PO4 P   O4   sing N N 276 
PRO N   CA   sing N N 277 
PRO N   CD   sing N N 278 
PRO N   H    sing N N 279 
PRO CA  C    sing N N 280 
PRO CA  CB   sing N N 281 
PRO CA  HA   sing N N 282 
PRO C   O    doub N N 283 
PRO C   OXT  sing N N 284 
PRO CB  CG   sing N N 285 
PRO CB  HB2  sing N N 286 
PRO CB  HB3  sing N N 287 
PRO CG  CD   sing N N 288 
PRO CG  HG2  sing N N 289 
PRO CG  HG3  sing N N 290 
PRO CD  HD2  sing N N 291 
PRO CD  HD3  sing N N 292 
PRO OXT HXT  sing N N 293 
SER N   CA   sing N N 294 
SER N   H    sing N N 295 
SER N   H2   sing N N 296 
SER CA  C    sing N N 297 
SER CA  CB   sing N N 298 
SER CA  HA   sing N N 299 
SER C   O    doub N N 300 
SER C   OXT  sing N N 301 
SER CB  OG   sing N N 302 
SER CB  HB2  sing N N 303 
SER CB  HB3  sing N N 304 
SER OG  HG   sing N N 305 
SER OXT HXT  sing N N 306 
THR N   CA   sing N N 307 
THR N   H    sing N N 308 
THR N   H2   sing N N 309 
THR CA  C    sing N N 310 
THR CA  CB   sing N N 311 
THR CA  HA   sing N N 312 
THR C   O    doub N N 313 
THR C   OXT  sing N N 314 
THR CB  OG1  sing N N 315 
THR CB  CG2  sing N N 316 
THR CB  HB   sing N N 317 
THR OG1 HG1  sing N N 318 
THR CG2 HG21 sing N N 319 
THR CG2 HG22 sing N N 320 
THR CG2 HG23 sing N N 321 
THR OXT HXT  sing N N 322 
TRP N   CA   sing N N 323 
TRP N   H    sing N N 324 
TRP N   H2   sing N N 325 
TRP CA  C    sing N N 326 
TRP CA  CB   sing N N 327 
TRP CA  HA   sing N N 328 
TRP C   O    doub N N 329 
TRP C   OXT  sing N N 330 
TRP CB  CG   sing N N 331 
TRP CB  HB2  sing N N 332 
TRP CB  HB3  sing N N 333 
TRP CG  CD1  doub Y N 334 
TRP CG  CD2  sing Y N 335 
TRP CD1 NE1  sing Y N 336 
TRP CD1 HD1  sing N N 337 
TRP CD2 CE2  doub Y N 338 
TRP CD2 CE3  sing Y N 339 
TRP NE1 CE2  sing Y N 340 
TRP NE1 HE1  sing N N 341 
TRP CE2 CZ2  sing Y N 342 
TRP CE3 CZ3  doub Y N 343 
TRP CE3 HE3  sing N N 344 
TRP CZ2 CH2  doub Y N 345 
TRP CZ2 HZ2  sing N N 346 
TRP CZ3 CH2  sing Y N 347 
TRP CZ3 HZ3  sing N N 348 
TRP CH2 HH2  sing N N 349 
TRP OXT HXT  sing N N 350 
TYR N   CA   sing N N 351 
TYR N   H    sing N N 352 
TYR N   H2   sing N N 353 
TYR CA  C    sing N N 354 
TYR CA  CB   sing N N 355 
TYR CA  HA   sing N N 356 
TYR C   O    doub N N 357 
TYR C   OXT  sing N N 358 
TYR CB  CG   sing N N 359 
TYR CB  HB2  sing N N 360 
TYR CB  HB3  sing N N 361 
TYR CG  CD1  doub Y N 362 
TYR CG  CD2  sing Y N 363 
TYR CD1 CE1  sing Y N 364 
TYR CD1 HD1  sing N N 365 
TYR CD2 CE2  doub Y N 366 
TYR CD2 HD2  sing N N 367 
TYR CE1 CZ   doub Y N 368 
TYR CE1 HE1  sing N N 369 
TYR CE2 CZ   sing Y N 370 
TYR CE2 HE2  sing N N 371 
TYR CZ  OH   sing N N 372 
TYR OH  HH   sing N N 373 
TYR OXT HXT  sing N N 374 
VAL N   CA   sing N N 375 
VAL N   H    sing N N 376 
VAL N   H2   sing N N 377 
VAL CA  C    sing N N 378 
VAL CA  CB   sing N N 379 
VAL CA  HA   sing N N 380 
VAL C   O    doub N N 381 
VAL C   OXT  sing N N 382 
VAL CB  CG1  sing N N 383 
VAL CB  CG2  sing N N 384 
VAL CB  HB   sing N N 385 
VAL CG1 HG11 sing N N 386 
VAL CG1 HG12 sing N N 387 
VAL CG1 HG13 sing N N 388 
VAL CG2 HG21 sing N N 389 
VAL CG2 HG22 sing N N 390 
VAL CG2 HG23 sing N N 391 
VAL OXT HXT  sing N N 392 
# 
_atom_sites.entry_id                    3CJE 
_atom_sites.fract_transf_matrix[1][1]   0.01094356 
_atom_sites.fract_transf_matrix[1][2]   -0.00383998 
_atom_sites.fract_transf_matrix[1][3]   0.00802138 
_atom_sites.fract_transf_matrix[2][1]   0.01316971 
_atom_sites.fract_transf_matrix[2][2]   0.00250232 
_atom_sites.fract_transf_matrix[2][3]   -0.00437438 
_atom_sites.fract_transf_matrix[3][1]   -0.00026922 
_atom_sites.fract_transf_matrix[3][2]   0.01262129 
_atom_sites.fract_transf_matrix[3][3]   0.00640933 
_atom_sites.fract_transf_vector[1]      0.477803 
_atom_sites.fract_transf_vector[2]      0.950955 
_atom_sites.fract_transf_vector[3]      0.092438 
# 
loop_
_atom_type.symbol 
C  
N  
O  
P  
S  
SE 
# 
loop_
_atom_site.group_PDB 
_atom_site.id 
_atom_site.type_symbol 
_atom_site.label_atom_id 
_atom_site.label_alt_id 
_atom_site.label_comp_id 
_atom_site.label_asym_id 
_atom_site.label_entity_id 
_atom_site.label_seq_id 
_atom_site.pdbx_PDB_ins_code 
_atom_site.Cartn_x 
_atom_site.Cartn_y 
_atom_site.Cartn_z 
_atom_site.occupancy 
_atom_site.B_iso_or_equiv 
_atom_site.pdbx_formal_charge 
_atom_site.auth_seq_id 
_atom_site.auth_comp_id 
_atom_site.auth_asym_id 
_atom_site.auth_atom_id 
_atom_site.pdbx_PDB_model_num 
ATOM   1    N  N   . ARG A 1 12  ? 13.852  -2.743  -19.238 1.00 45.21 ? 11  ARG A N   1 
ATOM   2    C  CA  . ARG A 1 12  ? 13.124  -2.189  -18.030 1.00 44.00 ? 11  ARG A CA  1 
ATOM   3    C  C   . ARG A 1 12  ? 13.802  -2.642  -16.733 1.00 37.94 ? 11  ARG A C   1 
ATOM   4    O  O   . ARG A 1 12  ? 13.720  -3.836  -16.349 1.00 39.71 ? 11  ARG A O   1 
ATOM   5    C  CB  . ARG A 1 12  ? 11.643  -2.614  -18.004 1.00 46.05 ? 11  ARG A CB  1 
ATOM   6    N  N   . ALA A 1 13  ? 14.519  -1.726  -16.080 1.00 27.34 ? 12  ALA A N   1 
ATOM   7    C  CA  . ALA A 1 13  ? 15.066  -2.060  -14.772 1.00 17.90 ? 12  ALA A CA  1 
ATOM   8    C  C   . ALA A 1 13  ? 13.982  -1.777  -13.769 1.00 16.45 ? 12  ALA A C   1 
ATOM   9    O  O   . ALA A 1 13  ? 13.488  -0.647  -13.708 1.00 17.08 ? 12  ALA A O   1 
ATOM   10   C  CB  . ALA A 1 13  ? 16.255  -1.246  -14.475 1.00 17.56 ? 12  ALA A CB  1 
ATOM   11   N  N   . GLU A 1 14  ? 13.633  -2.797  -12.996 1.00 15.20 ? 13  GLU A N   1 
ATOM   12   C  CA  . GLU A 1 14  ? 12.493  -2.747  -12.093 1.00 15.61 ? 13  GLU A CA  1 
ATOM   13   C  C   . GLU A 1 14  ? 12.870  -2.826  -10.625 1.00 16.74 ? 13  GLU A C   1 
ATOM   14   O  O   . GLU A 1 14  ? 13.818  -3.525  -10.225 1.00 15.64 ? 13  GLU A O   1 
ATOM   15   C  CB  . GLU A 1 14  ? 11.541  -3.905  -12.388 1.00 15.92 ? 13  GLU A CB  1 
ATOM   16   C  CG  . GLU A 1 14  ? 10.844  -3.800  -13.718 1.00 20.47 ? 13  GLU A CG  1 
ATOM   17   C  CD  . GLU A 1 14  ? 9.824   -4.917  -13.958 1.00 20.99 ? 13  GLU A CD  1 
ATOM   18   O  OE1 . GLU A 1 14  ? 9.848   -5.955  -13.234 1.00 27.86 ? 13  GLU A OE1 1 
ATOM   19   O  OE2 . GLU A 1 14  ? 9.012   -4.698  -14.868 1.00 30.85 ? 13  GLU A OE2 1 
ATOM   20   N  N   . VAL A 1 15  ? 12.035  -2.182  -9.817  1.00 14.35 ? 14  VAL A N   1 
ATOM   21   C  CA  . VAL A 1 15  ? 11.994  -2.374  -8.387  1.00 14.68 ? 14  VAL A CA  1 
ATOM   22   C  C   . VAL A 1 15  ? 10.600  -2.940  -8.111  1.00 15.12 ? 14  VAL A C   1 
ATOM   23   O  O   . VAL A 1 15  ? 9.609   -2.388  -8.590  1.00 15.13 ? 14  VAL A O   1 
ATOM   24   C  CB  . VAL A 1 15  ? 12.266  -1.061  -7.575  1.00 15.05 ? 14  VAL A CB  1 
ATOM   25   C  CG1 . VAL A 1 15  ? 11.973  -1.312  -6.059  1.00 15.43 ? 14  VAL A CG1 1 
ATOM   26   C  CG2 . VAL A 1 15  ? 13.701  -0.544  -7.818  1.00 15.46 ? 14  VAL A CG2 1 
ATOM   27   N  N   . VAL A 1 16  ? 10.519  -4.067  -7.397  1.00 13.19 ? 15  VAL A N   1 
ATOM   28   C  CA  . VAL A 1 16  ? 9.251   -4.796  -7.194  1.00 14.74 ? 15  VAL A CA  1 
ATOM   29   C  C   . VAL A 1 16  ? 9.142   -5.089  -5.716  1.00 14.46 ? 15  VAL A C   1 
ATOM   30   O  O   . VAL A 1 16  ? 10.031  -5.676  -5.137  1.00 15.02 ? 15  VAL A O   1 
ATOM   31   C  CB  . VAL A 1 16  ? 9.162   -6.131  -7.985  1.00 14.95 ? 15  VAL A CB  1 
ATOM   32   C  CG1 . VAL A 1 16  ? 7.859   -6.838  -7.699  1.00 16.47 ? 15  VAL A CG1 1 
ATOM   33   C  CG2 . VAL A 1 16  ? 9.352   -5.871  -9.500  1.00 15.83 ? 15  VAL A CG2 1 
ATOM   34   N  N   . PHE A 1 17  ? 8.033   -4.653  -5.119  1.00 13.27 ? 16  PHE A N   1 
ATOM   35   C  CA  . PHE A 1 17  ? 7.678   -5.021  -3.759  1.00 14.82 ? 16  PHE A CA  1 
ATOM   36   C  C   . PHE A 1 17  ? 6.334   -5.725  -3.753  1.00 15.58 ? 16  PHE A C   1 
ATOM   37   O  O   . PHE A 1 17  ? 5.439   -5.422  -4.551  1.00 15.83 ? 16  PHE A O   1 
ATOM   38   C  CB  . PHE A 1 17  ? 7.575   -3.790  -2.850  1.00 14.48 ? 16  PHE A CB  1 
ATOM   39   C  CG  . PHE A 1 17  ? 8.890   -3.311  -2.302  1.00 15.12 ? 16  PHE A CG  1 
ATOM   40   C  CD1 . PHE A 1 17  ? 9.793   -2.654  -3.102  1.00 14.09 ? 16  PHE A CD1 1 
ATOM   41   C  CD2 . PHE A 1 17  ? 9.244   -3.539  -0.973  1.00 15.43 ? 16  PHE A CD2 1 
ATOM   42   C  CE1 . PHE A 1 17  ? 11.025  -2.201  -2.572  1.00 15.79 ? 16  PHE A CE1 1 
ATOM   43   C  CE2 . PHE A 1 17  ? 10.485  -3.058  -0.459  1.00 17.22 ? 16  PHE A CE2 1 
ATOM   44   C  CZ  . PHE A 1 17  ? 11.341  -2.411  -1.255  1.00 17.76 ? 16  PHE A CZ  1 
ATOM   45   N  N   . THR A 1 18  ? 6.215   -6.654  -2.820  1.00 13.93 ? 17  THR A N   1 
ATOM   46   C  CA  . THR A 1 18  ? 4.941   -7.264  -2.512  1.00 15.66 ? 17  THR A CA  1 
ATOM   47   C  C   . THR A 1 18  ? 4.606   -7.133  -1.029  1.00 15.68 ? 17  THR A C   1 
ATOM   48   O  O   . THR A 1 18  ? 5.484   -6.936  -0.192  1.00 15.03 ? 17  THR A O   1 
ATOM   49   C  CB  . THR A 1 18  ? 4.930   -8.739  -2.881  1.00 16.73 ? 17  THR A CB  1 
ATOM   50   O  OG1 . THR A 1 18  ? 5.912   -9.483  -2.121  1.00 17.85 ? 17  THR A OG1 1 
ATOM   51   C  CG2 . THR A 1 18  ? 5.197   -8.918  -4.396  1.00 17.05 ? 17  THR A CG2 1 
ATOM   52   N  N   . CYS A 1 19  ? 3.331   -7.302  -0.719  1.00 15.69 ? 18  CYS A N   1 
ATOM   53   C  CA  . CYS A 1 19  ? 2.879   -7.299  0.671   1.00 13.30 ? 18  CYS A CA  1 
ATOM   54   C  C   . CYS A 1 19  ? 1.728   -8.251  0.774   1.00 17.22 ? 18  CYS A C   1 
ATOM   55   O  O   . CYS A 1 19  ? 0.785   -8.156  -0.011  1.00 18.46 ? 18  CYS A O   1 
ATOM   56   C  CB  . CYS A 1 19  ? 2.441   -5.922  1.067   1.00 16.97 ? 18  CYS A CB  1 
ATOM   57   S  SG  . CYS A 1 19  ? 1.952   -5.787  2.817   1.00 18.55 ? 18  CYS A SG  1 
ATOM   58   N  N   . ASN A 1 20  ? 1.837   -9.183  1.704   1.00 16.92 ? 19  ASN A N   1 
ATOM   59   C  CA  . ASN A 1 20  ? 0.735   -10.050 2.046   1.00 15.44 ? 19  ASN A CA  1 
ATOM   60   C  C   . ASN A 1 20  ? 0.255   -9.658  3.423   1.00 14.81 ? 19  ASN A C   1 
ATOM   61   O  O   . ASN A 1 20  ? 0.978   -9.779  4.403   1.00 16.77 ? 19  ASN A O   1 
ATOM   62   C  CB  . ASN A 1 20  ? 1.064   -11.513 2.058   1.00 17.62 ? 19  ASN A CB  1 
ATOM   63   C  CG  . ASN A 1 20  ? -0.220  -12.338 2.279   1.00 28.28 ? 19  ASN A CG  1 
ATOM   64   O  OD1 . ASN A 1 20  ? -1.162  -12.224 1.488   1.00 25.02 ? 19  ASN A OD1 1 
ATOM   65   N  ND2 . ASN A 1 20  ? -0.315  -13.017 3.402   1.00 29.91 ? 19  ASN A ND2 1 
ATOM   66   N  N   . GLY A 1 21  ? -0.965  -9.150  3.478   1.00 14.84 ? 20  GLY A N   1 
ATOM   67   C  CA  . GLY A 1 21  ? -1.543  -8.676  4.720   1.00 13.72 ? 20  GLY A CA  1 
ATOM   68   C  C   . GLY A 1 21  ? -2.583  -9.629  5.251   1.00 16.15 ? 20  GLY A C   1 
ATOM   69   O  O   . GLY A 1 21  ? -3.421  -10.138 4.483   1.00 16.72 ? 20  GLY A O   1 
ATOM   70   N  N   . LYS A 1 22  ? -2.530  -9.857  6.544   1.00 15.03 ? 21  LYS A N   1 
ATOM   71   C  CA  . LYS A 1 22  ? -3.470  -10.695 7.247   1.00 16.10 ? 21  LYS A CA  1 
ATOM   72   C  C   . LYS A 1 22  ? -4.106  -9.963  8.412   1.00 15.59 ? 21  LYS A C   1 
ATOM   73   O  O   . LYS A 1 22  ? -3.403  -9.360  9.220   1.00 17.99 ? 21  LYS A O   1 
ATOM   74   C  CB  . LYS A 1 22  ? -2.780  -11.947 7.760   1.00 17.23 ? 21  LYS A CB  1 
ATOM   75   C  CG  . LYS A 1 22  ? -2.219  -12.829 6.681   1.00 26.61 ? 21  LYS A CG  1 
ATOM   76   C  CD  . LYS A 1 22  ? -1.863  -14.248 7.247   1.00 27.88 ? 21  LYS A CD  1 
ATOM   77   N  N   . ALA A 1 23  ? -5.435  -10.002 8.472   1.00 16.98 ? 22  ALA A N   1 
ATOM   78   C  CA  . ALA A 1 23  ? -6.188  -9.354  9.548   1.00 16.82 ? 22  ALA A CA  1 
ATOM   79   C  C   . ALA A 1 23  ? -6.157  -10.194 10.800  1.00 18.07 ? 22  ALA A C   1 
ATOM   80   O  O   . ALA A 1 23  ? -6.512  -11.379 10.766  1.00 19.11 ? 22  ALA A O   1 
ATOM   81   C  CB  . ALA A 1 23  ? -7.640  -9.099  9.125   1.00 19.04 ? 22  ALA A CB  1 
ATOM   82   N  N   . VAL A 1 24  ? -5.759  -9.573  11.895  1.00 17.54 ? 23  VAL A N   1 
ATOM   83   C  CA  . VAL A 1 24  ? -5.811  -10.185 13.212  1.00 18.75 ? 23  VAL A CA  1 
ATOM   84   C  C   . VAL A 1 24  ? -6.495  -9.232  14.211  1.00 20.79 ? 23  VAL A C   1 
ATOM   85   O  O   . VAL A 1 24  ? -6.714  -8.049  13.949  1.00 18.55 ? 23  VAL A O   1 
ATOM   86   C  CB  . VAL A 1 24  ? -4.403  -10.591 13.711  1.00 19.83 ? 23  VAL A CB  1 
ATOM   87   C  CG1 . VAL A 1 24  ? -3.722  -11.524 12.684  1.00 23.16 ? 23  VAL A CG1 1 
ATOM   88   C  CG2 . VAL A 1 24  ? -3.552  -9.386  13.966  1.00 20.64 ? 23  VAL A CG2 1 
ATOM   89   N  N   . GLY A 1 25  ? -6.821  -9.753  15.375  1.00 20.56 ? 24  GLY A N   1 
ATOM   90   C  CA  . GLY A 1 25  ? -7.345  -8.880  16.431  1.00 20.75 ? 24  GLY A CA  1 
ATOM   91   C  C   . GLY A 1 25  ? -8.607  -8.168  15.946  1.00 18.85 ? 24  GLY A C   1 
ATOM   92   O  O   . GLY A 1 25  ? -9.399  -8.706  15.163  1.00 21.44 ? 24  GLY A O   1 
ATOM   93   N  N   . LYS A 1 26  ? -8.755  -6.928  16.380  1.00 18.73 ? 25  LYS A N   1 
ATOM   94   C  CA  . LYS A 1 26  ? -9.921  -6.135  16.001  1.00 18.75 ? 25  LYS A CA  1 
ATOM   95   C  C   . LYS A 1 26  ? -9.670  -5.250  14.809  1.00 16.35 ? 25  LYS A C   1 
ATOM   96   O  O   . LYS A 1 26  ? -10.541 -5.150  13.914  1.00 21.69 ? 25  LYS A O   1 
ATOM   97   C  CB  . LYS A 1 26  ? -10.334 -5.262  17.179  1.00 18.83 ? 25  LYS A CB  1 
ATOM   98   C  CG  . LYS A 1 26  ? -10.855 -6.087  18.354  1.00 21.95 ? 25  LYS A CG  1 
ATOM   99   C  CD  . LYS A 1 26  ? -11.137 -5.200  19.521  1.00 23.10 ? 25  LYS A CD  1 
ATOM   100  C  CE  . LYS A 1 26  ? -11.802 -6.030  20.641  1.00 27.39 ? 25  LYS A CE  1 
ATOM   101  N  NZ  . LYS A 1 26  ? -12.075 -5.216  21.895  1.00 31.40 ? 25  LYS A NZ  1 
HETATM 102  N  N   . MSE A 1 27  ? -8.519  -4.579  14.787  1.00 16.84 ? 26  MSE A N   1 
HETATM 103  C  CA  . MSE A 1 27  ? -8.159  -3.707  13.655  1.00 20.33 ? 26  MSE A CA  1 
HETATM 104  C  C   . MSE A 1 27  ? -6.692  -3.840  13.223  1.00 17.62 ? 26  MSE A C   1 
HETATM 105  O  O   . MSE A 1 27  ? -6.225  -3.063  12.386  1.00 20.40 ? 26  MSE A O   1 
HETATM 106  C  CB  . MSE A 1 27  ? -8.495  -2.223  13.947  1.00 21.19 ? 26  MSE A CB  1 
HETATM 107  C  CG  . MSE A 1 27  ? -10.005 -1.857  13.927  1.00 24.23 ? 26  MSE A CG  1 
HETATM 108  SE SE  . MSE A 1 27  ? -10.954 -2.272  12.297  0.75 30.81 ? 26  MSE A SE  1 
HETATM 109  C  CE  . MSE A 1 27  ? -10.694 -0.602  11.339  1.00 33.30 ? 26  MSE A CE  1 
ATOM   110  N  N   . ARG A 1 28  ? -5.969  -4.808  13.782  1.00 16.45 ? 27  ARG A N   1 
ATOM   111  C  CA  . ARG A 1 28  ? -4.555  -4.951  13.501  1.00 18.06 ? 27  ARG A CA  1 
ATOM   112  C  C   . ARG A 1 28  ? -4.355  -5.723  12.216  1.00 15.54 ? 27  ARG A C   1 
ATOM   113  O  O   . ARG A 1 28  ? -4.941  -6.787  12.001  1.00 16.46 ? 27  ARG A O   1 
ATOM   114  C  CB  . ARG A 1 28  ? -3.855  -5.674  14.652  1.00 18.60 ? 27  ARG A CB  1 
ATOM   115  C  CG  . ARG A 1 28  ? -2.371  -5.901  14.399  1.00 19.38 ? 27  ARG A CG  1 
ATOM   116  C  CD  . ARG A 1 28  ? -1.691  -6.419  15.649  1.00 23.32 ? 27  ARG A CD  1 
ATOM   117  N  NE  . ARG A 1 28  ? -0.344  -6.905  15.352  1.00 24.05 ? 27  ARG A NE  1 
ATOM   118  C  CZ  . ARG A 1 28  ? 0.781   -6.216  15.543  1.00 26.78 ? 27  ARG A CZ  1 
ATOM   119  N  NH1 . ARG A 1 28  ? 0.757   -5.014  16.048  1.00 32.28 ? 27  ARG A NH1 1 
ATOM   120  N  NH2 . ARG A 1 28  ? 1.950   -6.769  15.236  1.00 34.31 ? 27  ARG A NH2 1 
ATOM   121  N  N   . ASN A 1 29  ? -3.441  -5.224  11.383  1.00 16.02 ? 28  ASN A N   1 
ATOM   122  C  CA  . ASN A 1 29  ? -3.101  -5.881  10.145  1.00 16.26 ? 28  ASN A CA  1 
ATOM   123  C  C   . ASN A 1 29  ? -1.636  -6.258  10.175  1.00 15.57 ? 28  ASN A C   1 
ATOM   124  O  O   . ASN A 1 29  ? -0.792  -5.389  10.398  1.00 17.68 ? 28  ASN A O   1 
ATOM   125  C  CB  . ASN A 1 29  ? -3.382  -4.949  8.977   1.00 16.10 ? 28  ASN A CB  1 
ATOM   126  C  CG  . ASN A 1 29  ? -4.834  -4.613  8.859   1.00 21.04 ? 28  ASN A CG  1 
ATOM   127  O  OD1 . ASN A 1 29  ? -5.687  -5.494  8.969   1.00 19.10 ? 28  ASN A OD1 1 
ATOM   128  N  ND2 . ASN A 1 29  ? -5.119  -3.329  8.692   1.00 23.43 ? 28  ASN A ND2 1 
ATOM   129  N  N   A GLU A 1 30  ? -1.330  -7.531  9.947   0.50 14.62 ? 29  GLU A N   1 
ATOM   130  N  N   B GLU A 1 30  ? -1.342  -7.552  10.005  0.50 15.05 ? 29  GLU A N   1 
ATOM   131  C  CA  A GLU A 1 30  ? 0.051   -7.981  9.950   0.50 15.56 ? 29  GLU A CA  1 
ATOM   132  C  CA  B GLU A 1 30  ? 0.035   -8.038  9.915   0.50 16.05 ? 29  GLU A CA  1 
ATOM   133  C  C   A GLU A 1 30  ? 0.532   -8.116  8.511   0.50 15.24 ? 29  GLU A C   1 
ATOM   134  C  C   B GLU A 1 30  ? 0.434   -7.991  8.450   0.50 16.48 ? 29  GLU A C   1 
ATOM   135  O  O   A GLU A 1 30  ? -0.010  -8.922  7.754   0.50 16.88 ? 29  GLU A O   1 
ATOM   136  O  O   B GLU A 1 30  ? -0.274  -8.522  7.589   0.50 17.17 ? 29  GLU A O   1 
ATOM   137  C  CB  A GLU A 1 30  ? 0.153   -9.287  10.727  0.50 15.80 ? 29  GLU A CB  1 
ATOM   138  C  CB  B GLU A 1 30  ? 0.149   -9.478  10.428  0.50 17.77 ? 29  GLU A CB  1 
ATOM   139  C  CG  A GLU A 1 30  ? -0.060  -9.050  12.218  0.50 14.98 ? 29  GLU A CG  1 
ATOM   140  C  CG  B GLU A 1 30  ? -0.318  -9.682  11.872  0.50 23.15 ? 29  GLU A CG  1 
ATOM   141  C  CD  A GLU A 1 30  ? 0.027   -10.310 13.090  0.50 21.99 ? 29  GLU A CD  1 
ATOM   142  C  CD  B GLU A 1 30  ? 0.650   -9.156  12.926  0.50 35.33 ? 29  GLU A CD  1 
ATOM   143  O  OE1 A GLU A 1 30  ? 0.019   -11.434 12.548  0.50 22.66 ? 29  GLU A OE1 1 
ATOM   144  O  OE1 B GLU A 1 30  ? 1.692   -8.572  12.565  0.50 33.30 ? 29  GLU A OE1 1 
ATOM   145  O  OE2 A GLU A 1 30  ? 0.088   -10.158 14.341  0.50 32.12 ? 29  GLU A OE2 1 
ATOM   146  O  OE2 B GLU A 1 30  ? 0.366   -9.337  14.137  0.50 34.43 ? 29  GLU A OE2 1 
ATOM   147  N  N   . LEU A 1 31  ? 1.530   -7.292  8.166   1.00 15.75 ? 30  LEU A N   1 
ATOM   148  C  CA  . LEU A 1 31  ? 1.928   -7.009  6.819   1.00 15.99 ? 30  LEU A CA  1 
ATOM   149  C  C   . LEU A 1 31  ? 3.297   -7.622  6.547   1.00 19.14 ? 30  LEU A C   1 
ATOM   150  O  O   . LEU A 1 31  ? 4.286   -7.112  7.024   1.00 21.29 ? 30  LEU A O   1 
ATOM   151  C  CB  . LEU A 1 31  ? 1.967   -5.494  6.620   1.00 17.52 ? 30  LEU A CB  1 
ATOM   152  C  CG  . LEU A 1 31  ? 0.638   -4.803  6.957   1.00 22.47 ? 30  LEU A CG  1 
ATOM   153  C  CD1 . LEU A 1 31  ? 0.749   -3.327  7.197   1.00 20.96 ? 30  LEU A CD1 1 
ATOM   154  C  CD2 . LEU A 1 31  ? -0.418  -5.189  5.884   1.00 21.66 ? 30  LEU A CD2 1 
ATOM   155  N  N   . ASP A 1 32  ? 3.316   -8.696  5.765   1.00 17.47 ? 31  ASP A N   1 
ATOM   156  C  CA  . ASP A 1 32  ? 4.527   -9.384  5.363   1.00 16.77 ? 31  ASP A CA  1 
ATOM   157  C  C   . ASP A 1 32  ? 4.996   -8.775  4.044   1.00 16.61 ? 31  ASP A C   1 
ATOM   158  O  O   . ASP A 1 32  ? 4.495   -9.107  2.975   1.00 16.41 ? 31  ASP A O   1 
ATOM   159  C  CB  . ASP A 1 32  ? 4.232   -10.872 5.179   1.00 17.88 ? 31  ASP A CB  1 
ATOM   160  C  CG  . ASP A 1 32  ? 5.423   -11.680 4.673   1.00 32.26 ? 31  ASP A CG  1 
ATOM   161  O  OD1 . ASP A 1 32  ? 6.613   -11.187 4.632   1.00 32.66 ? 31  ASP A OD1 1 
ATOM   162  O  OD2 . ASP A 1 32  ? 5.122   -12.853 4.279   1.00 40.70 ? 31  ASP A OD2 1 
ATOM   163  N  N   . VAL A 1 33  ? 5.949   -7.851  4.132   1.00 16.11 ? 32  VAL A N   1 
ATOM   164  C  CA  . VAL A 1 33  ? 6.467   -7.134  2.964   1.00 15.15 ? 32  VAL A CA  1 
ATOM   165  C  C   . VAL A 1 33  ? 7.717   -7.790  2.450   1.00 16.29 ? 32  VAL A C   1 
ATOM   166  O  O   . VAL A 1 33  ? 8.560   -8.285  3.233   1.00 16.28 ? 32  VAL A O   1 
ATOM   167  C  CB  . VAL A 1 33  ? 6.777   -5.641  3.310   1.00 16.65 ? 32  VAL A CB  1 
ATOM   168  C  CG1 . VAL A 1 33  ? 7.362   -4.888  2.115   1.00 18.58 ? 32  VAL A CG1 1 
ATOM   169  C  CG2 . VAL A 1 33  ? 5.529   -4.940  3.844   1.00 17.63 ? 32  VAL A CG2 1 
ATOM   170  N  N   . ALA A 1 34  ? 7.822   -7.900  1.132   1.00 15.32 ? 33  ALA A N   1 
ATOM   171  C  CA  . ALA A 1 34  ? 9.058   -8.356  0.528   1.00 15.08 ? 33  ALA A CA  1 
ATOM   172  C  C   . ALA A 1 34  ? 9.510   -7.425  -0.587  1.00 16.95 ? 33  ALA A C   1 
ATOM   173  O  O   . ALA A 1 34  ? 8.689   -7.012  -1.415  1.00 16.56 ? 33  ALA A O   1 
ATOM   174  C  CB  . ALA A 1 34  ? 8.877   -9.746  -0.075  1.00 16.60 ? 33  ALA A CB  1 
HETATM 175  N  N   A MSE A 1 35  ? 10.797  -7.088  -0.627  0.50 17.20 ? 34  MSE A N   1 
HETATM 176  N  N   B MSE A 1 35  ? 10.794  -7.090  -0.607  0.50 16.60 ? 34  MSE A N   1 
HETATM 177  C  CA  A MSE A 1 35  ? 11.392  -6.606  -1.863  0.50 16.16 ? 34  MSE A CA  1 
HETATM 178  C  CA  B MSE A 1 35  ? 11.417  -6.660  -1.837  0.50 14.73 ? 34  MSE A CA  1 
HETATM 179  C  C   A MSE A 1 35  ? 11.699  -7.862  -2.661  0.50 16.31 ? 34  MSE A C   1 
HETATM 180  C  C   B MSE A 1 35  ? 11.592  -7.944  -2.629  0.50 16.06 ? 34  MSE A C   1 
HETATM 181  O  O   A MSE A 1 35  ? 12.308  -8.812  -2.143  0.50 16.16 ? 34  MSE A O   1 
HETATM 182  O  O   B MSE A 1 35  ? 11.980  -9.005  -2.069  0.50 15.93 ? 34  MSE A O   1 
HETATM 183  C  CB  A MSE A 1 35  ? 12.682  -5.807  -1.642  0.50 17.42 ? 34  MSE A CB  1 
HETATM 184  C  CB  B MSE A 1 35  ? 12.783  -6.015  -1.603  0.50 15.68 ? 34  MSE A CB  1 
HETATM 185  C  CG  A MSE A 1 35  ? 13.158  -5.171  -2.912  0.50 18.24 ? 34  MSE A CG  1 
HETATM 186  C  CG  B MSE A 1 35  ? 13.379  -5.530  -2.876  0.50 15.16 ? 34  MSE A CG  1 
HETATM 187  SE SE  A MSE A 1 35  ? 14.700  -3.966  -2.695  0.37 24.46 ? 34  MSE A SE  1 
HETATM 188  SE SE  B MSE A 1 35  ? 15.217  -4.973  -2.652  0.38 20.30 ? 34  MSE A SE  1 
HETATM 189  C  CE  A MSE A 1 35  ? 15.821  -5.127  -1.615  0.50 22.35 ? 34  MSE A CE  1 
HETATM 190  C  CE  B MSE A 1 35  ? 14.912  -3.572  -1.333  0.50 29.10 ? 34  MSE A CE  1 
ATOM   191  N  N   . VAL A 1 36  ? 11.266  -7.879  -3.919  1.00 14.53 ? 35  VAL A N   1 
ATOM   192  C  CA  . VAL A 1 36  ? 11.462  -8.994  -4.827  1.00 15.15 ? 35  VAL A CA  1 
ATOM   193  C  C   . VAL A 1 36  ? 12.561  -8.670  -5.834  1.00 16.32 ? 35  VAL A C   1 
ATOM   194  O  O   . VAL A 1 36  ? 13.424  -9.514  -6.121  1.00 18.53 ? 35  VAL A O   1 
ATOM   195  C  CB  . VAL A 1 36  ? 10.137  -9.370  -5.545  1.00 17.32 ? 35  VAL A CB  1 
ATOM   196  C  CG1 . VAL A 1 36  ? 10.393  -10.535 -6.487  1.00 22.15 ? 35  VAL A CG1 1 
ATOM   197  C  CG2 . VAL A 1 36  ? 9.069   -9.742  -4.496  1.00 19.76 ? 35  VAL A CG2 1 
ATOM   198  N  N   . LYS A 1 37  ? 12.540  -7.456  -6.371  1.00 16.68 ? 36  LYS A N   1 
ATOM   199  C  CA  . LYS A 1 37  ? 13.619  -6.935  -7.203  1.00 18.44 ? 36  LYS A CA  1 
ATOM   200  C  C   . LYS A 1 37  ? 13.978  -5.556  -6.685  1.00 17.20 ? 36  LYS A C   1 
ATOM   201  O  O   . LYS A 1 37  ? 13.091  -4.803  -6.287  1.00 15.36 ? 36  LYS A O   1 
ATOM   202  C  CB  . LYS A 1 37  ? 13.177  -6.816  -8.665  1.00 18.57 ? 36  LYS A CB  1 
ATOM   203  C  CG  . LYS A 1 37  ? 12.688  -8.080  -9.303  1.00 23.46 ? 36  LYS A CG  1 
ATOM   204  C  CD  . LYS A 1 37  ? 12.310  -7.740  -10.763 1.00 30.57 ? 36  LYS A CD  1 
ATOM   205  C  CE  . LYS A 1 37  ? 11.649  -8.875  -11.538 1.00 43.15 ? 36  LYS A CE  1 
ATOM   206  N  NZ  . LYS A 1 37  ? 11.667  -8.551  -13.019 1.00 46.86 ? 36  LYS A NZ  1 
ATOM   207  N  N   . PRO A 1 38  ? 15.274  -5.172  -6.750  1.00 15.45 ? 37  PRO A N   1 
ATOM   208  C  CA  . PRO A 1 38  ? 16.406  -5.900  -7.377  1.00 16.84 ? 37  PRO A CA  1 
ATOM   209  C  C   . PRO A 1 38  ? 16.951  -7.146  -6.656  1.00 15.90 ? 37  PRO A C   1 
ATOM   210  O  O   . PRO A 1 38  ? 17.641  -7.965  -7.274  1.00 16.28 ? 37  PRO A O   1 
ATOM   211  C  CB  . PRO A 1 38  ? 17.506  -4.846  -7.416  1.00 15.41 ? 37  PRO A CB  1 
ATOM   212  C  CG  . PRO A 1 38  ? 16.901  -3.583  -7.216  1.00 23.49 ? 37  PRO A CG  1 
ATOM   213  C  CD  . PRO A 1 38  ? 15.681  -3.806  -6.384  1.00 15.75 ? 37  PRO A CD  1 
ATOM   214  N  N   . PHE A 1 39  ? 16.667  -7.264  -5.367  1.00 16.78 ? 38  PHE A N   1 
ATOM   215  C  CA  . PHE A 1 39  ? 17.019  -8.494  -4.640  1.00 18.26 ? 38  PHE A CA  1 
ATOM   216  C  C   . PHE A 1 39  ? 15.932  -8.780  -3.635  1.00 18.36 ? 38  PHE A C   1 
ATOM   217  O  O   . PHE A 1 39  ? 15.023  -7.971  -3.429  1.00 17.98 ? 38  PHE A O   1 
ATOM   218  C  CB  . PHE A 1 39  ? 18.418  -8.409  -3.989  1.00 18.15 ? 38  PHE A CB  1 
ATOM   219  C  CG  . PHE A 1 39  ? 18.537  -7.412  -2.882  1.00 19.63 ? 38  PHE A CG  1 
ATOM   220  C  CD1 . PHE A 1 39  ? 18.909  -6.092  -3.137  1.00 16.85 ? 38  PHE A CD1 1 
ATOM   221  C  CD2 . PHE A 1 39  ? 18.320  -7.778  -1.577  1.00 26.82 ? 38  PHE A CD2 1 
ATOM   222  C  CE1 . PHE A 1 39  ? 19.064  -5.176  -2.128  1.00 23.22 ? 38  PHE A CE1 1 
ATOM   223  C  CE2 . PHE A 1 39  ? 18.436  -6.852  -0.548  1.00 29.43 ? 38  PHE A CE2 1 
ATOM   224  C  CZ  . PHE A 1 39  ? 18.804  -5.542  -0.825  1.00 28.04 ? 38  PHE A CZ  1 
ATOM   225  N  N   A GLU A 1 40  ? 16.001  -9.942  -2.989  0.50 17.91 ? 39  GLU A N   1 
ATOM   226  N  N   B GLU A 1 40  ? 15.998  -9.986  -3.078  0.50 16.62 ? 39  GLU A N   1 
ATOM   227  C  CA  A GLU A 1 40  ? 14.926  -10.389 -2.094  0.50 18.64 ? 39  GLU A CA  1 
ATOM   228  C  CA  B GLU A 1 40  ? 15.002  -10.433 -2.132  0.50 16.64 ? 39  GLU A CA  1 
ATOM   229  C  C   A GLU A 1 40  ? 15.208  -10.075 -0.619  0.50 18.17 ? 39  GLU A C   1 
ATOM   230  C  C   B GLU A 1 40  ? 15.388  -10.041 -0.710  0.50 16.50 ? 39  GLU A C   1 
ATOM   231  O  O   A GLU A 1 40  ? 16.201  -10.562 -0.068  0.50 17.06 ? 39  GLU A O   1 
ATOM   232  O  O   B GLU A 1 40  ? 16.542  -10.158 -0.270  0.50 16.13 ? 39  GLU A O   1 
ATOM   233  C  CB  A GLU A 1 40  ? 14.737  -11.909 -2.259  0.50 19.42 ? 39  GLU A CB  1 
ATOM   234  C  CB  B GLU A 1 40  ? 14.801  -11.951 -2.213  0.50 18.14 ? 39  GLU A CB  1 
ATOM   235  C  CG  A GLU A 1 40  ? 14.344  -12.340 -3.664  0.50 18.22 ? 39  GLU A CG  1 
ATOM   236  C  CG  B GLU A 1 40  ? 13.561  -12.449 -1.426  0.50 21.17 ? 39  GLU A CG  1 
ATOM   237  C  CD  A GLU A 1 40  ? 14.152  -13.863 -3.838  0.50 25.87 ? 39  GLU A CD  1 
ATOM   238  C  CD  B GLU A 1 40  ? 12.243  -12.186 -2.158  0.50 23.33 ? 39  GLU A CD  1 
ATOM   239  O  OE1 A GLU A 1 40  ? 14.747  -14.673 -3.086  0.50 30.42 ? 39  GLU A OE1 1 
ATOM   240  O  OE1 B GLU A 1 40  ? 12.185  -12.361 -3.389  0.50 38.38 ? 39  GLU A OE1 1 
ATOM   241  O  OE2 A GLU A 1 40  ? 13.406  -14.246 -4.763  0.50 37.70 ? 39  GLU A OE2 1 
ATOM   242  O  OE2 B GLU A 1 40  ? 11.269  -11.830 -1.504  0.50 22.12 ? 39  GLU A OE2 1 
ATOM   243  N  N   A GLU A 1 41  ? 14.343  -9.293  0.030   0.60 18.17 ? 40  GLU A N   1 
ATOM   244  N  N   B GLU A 1 41  ? 14.369  -9.586  0.022   0.40 15.29 ? 40  GLU A N   1 
ATOM   245  C  CA  A GLU A 1 41  ? 14.420  -9.098  1.467   0.60 20.13 ? 40  GLU A CA  1 
ATOM   246  C  CA  B GLU A 1 41  ? 14.476  -9.212  1.439   0.40 17.77 ? 40  GLU A CA  1 
ATOM   247  C  C   A GLU A 1 41  ? 13.008  -9.124  1.990   0.60 17.85 ? 40  GLU A C   1 
ATOM   248  C  C   B GLU A 1 41  ? 13.077  -8.956  2.050   0.40 17.10 ? 40  GLU A C   1 
ATOM   249  O  O   A GLU A 1 41  ? 12.077  -8.835  1.256   0.60 17.45 ? 40  GLU A O   1 
ATOM   250  O  O   B GLU A 1 41  ? 12.257  -8.225  1.465   0.40 15.48 ? 40  GLU A O   1 
ATOM   251  C  CB  A GLU A 1 41  ? 15.115  -7.779  1.802   0.60 19.81 ? 40  GLU A CB  1 
ATOM   252  C  CB  B GLU A 1 41  ? 15.405  -7.988  1.634   0.40 18.24 ? 40  GLU A CB  1 
ATOM   253  C  CG  A GLU A 1 41  ? 15.608  -7.755  3.250   0.60 22.85 ? 40  GLU A CG  1 
ATOM   254  C  CG  B GLU A 1 41  ? 14.961  -6.696  0.954   0.40 19.68 ? 40  GLU A CG  1 
ATOM   255  C  CD  A GLU A 1 41  ? 16.495  -6.585  3.589   0.60 27.38 ? 40  GLU A CD  1 
ATOM   256  C  CD  B GLU A 1 41  ? 15.771  -5.438  1.344   0.40 21.74 ? 40  GLU A CD  1 
ATOM   257  O  OE1 A GLU A 1 41  ? 16.873  -5.816  2.677   0.60 34.50 ? 40  GLU A OE1 1 
ATOM   258  O  OE1 B GLU A 1 41  ? 16.751  -5.536  2.112   0.40 30.58 ? 40  GLU A OE1 1 
ATOM   259  O  OE2 A GLU A 1 41  ? 16.831  -6.458  4.795   0.60 35.29 ? 40  GLU A OE2 1 
ATOM   260  O  OE2 B GLU A 1 41  ? 15.409  -4.343  0.872   0.40 22.72 ? 40  GLU A OE2 1 
ATOM   261  N  N   . ARG A 1 42  ? 12.844  -9.504  3.248   1.00 17.61 ? 41  ARG A N   1 
ATOM   262  C  CA  . ARG A 1 42  ? 11.539  -9.526  3.881   1.00 19.02 ? 41  ARG A CA  1 
ATOM   263  C  C   . ARG A 1 42  ? 11.516  -8.678  5.132   1.00 17.63 ? 41  ARG A C   1 
ATOM   264  O  O   . ARG A 1 42  ? 12.500  -8.613  5.862   1.00 17.32 ? 41  ARG A O   1 
ATOM   265  C  CB  . ARG A 1 42  ? 11.124  -10.959 4.245   1.00 21.70 ? 41  ARG A CB  1 
ATOM   266  C  CG  . ARG A 1 42  ? 10.865  -11.847 3.020   1.00 32.64 ? 41  ARG A CG  1 
ATOM   267  C  CD  . ARG A 1 42  ? 9.785   -12.934 3.241   1.00 37.39 ? 41  ARG A CD  1 
ATOM   268  N  NE  . ARG A 1 42  ? 9.269   -13.440 1.954   1.00 49.44 ? 41  ARG A NE  1 
ATOM   269  C  CZ  . ARG A 1 42  ? 8.051   -13.216 1.438   1.00 55.88 ? 41  ARG A CZ  1 
ATOM   270  N  NH1 . ARG A 1 42  ? 7.129   -12.489 2.070   1.00 46.92 ? 41  ARG A NH1 1 
ATOM   271  N  NH2 . ARG A 1 42  ? 7.745   -13.746 0.254   1.00 60.39 ? 41  ARG A NH2 1 
ATOM   272  N  N   . PHE A 1 43  ? 10.380  -8.043  5.384   1.00 16.74 ? 42  PHE A N   1 
ATOM   273  C  CA  . PHE A 1 43  ? 10.164  -7.183  6.537   1.00 19.05 ? 42  PHE A CA  1 
ATOM   274  C  C   . PHE A 1 43  ? 8.784   -7.479  7.130   1.00 20.87 ? 42  PHE A C   1 
ATOM   275  O  O   . PHE A 1 43  ? 7.812   -7.540  6.398   1.00 23.08 ? 42  PHE A O   1 
ATOM   276  C  CB  . PHE A 1 43  ? 10.207  -5.731  6.086   1.00 17.72 ? 42  PHE A CB  1 
ATOM   277  C  CG  . PHE A 1 43  ? 11.366  -5.422  5.176   1.00 20.92 ? 42  PHE A CG  1 
ATOM   278  C  CD1 . PHE A 1 43  ? 12.595  -5.106  5.722   1.00 25.96 ? 42  PHE A CD1 1 
ATOM   279  C  CD2 . PHE A 1 43  ? 11.233  -5.473  3.788   1.00 23.91 ? 42  PHE A CD2 1 
ATOM   280  C  CE1 . PHE A 1 43  ? 13.680  -4.848  4.904   1.00 20.17 ? 42  PHE A CE1 1 
ATOM   281  C  CE2 . PHE A 1 43  ? 12.297  -5.217  2.983   1.00 25.28 ? 42  PHE A CE2 1 
ATOM   282  C  CZ  . PHE A 1 43  ? 13.526  -4.895  3.555   1.00 21.06 ? 42  PHE A CZ  1 
ATOM   283  N  N   . ALA A 1 44  ? 8.698   -7.657  8.442   1.00 19.56 ? 43  ALA A N   1 
ATOM   284  C  CA  . ALA A 1 44  ? 7.423   -7.902  9.109   1.00 20.60 ? 43  ALA A CA  1 
ATOM   285  C  C   . ALA A 1 44  ? 6.969   -6.570  9.673   1.00 23.58 ? 43  ALA A C   1 
ATOM   286  O  O   . ALA A 1 44  ? 7.603   -6.018  10.573  1.00 24.32 ? 43  ALA A O   1 
ATOM   287  C  CB  . ALA A 1 44  ? 7.545   -8.981  10.202  1.00 22.54 ? 43  ALA A CB  1 
ATOM   288  N  N   A LEU A 1 45  ? 5.875   -6.049  9.143   0.50 17.23 ? 44  LEU A N   1 
ATOM   289  N  N   B LEU A 1 45  ? 5.948   -5.976  9.057   0.50 18.25 ? 44  LEU A N   1 
ATOM   290  C  CA  A LEU A 1 45  ? 5.338   -4.780  9.601   0.50 16.90 ? 44  LEU A CA  1 
ATOM   291  C  CA  B LEU A 1 45  ? 5.359   -4.710  9.526   0.50 18.68 ? 44  LEU A CA  1 
ATOM   292  C  C   A LEU A 1 45  ? 3.880   -4.956  10.015  0.50 17.71 ? 44  LEU A C   1 
ATOM   293  C  C   B LEU A 1 45  ? 3.926   -4.950  10.045  0.50 18.56 ? 44  LEU A C   1 
ATOM   294  O  O   A LEU A 1 45  ? 3.308   -6.051  9.889   0.50 17.13 ? 44  LEU A O   1 
ATOM   295  O  O   B LEU A 1 45  ? 3.420   -6.080  10.016  0.50 17.49 ? 44  LEU A O   1 
ATOM   296  C  CB  A LEU A 1 45  ? 5.495   -3.720  8.512   0.50 17.83 ? 44  LEU A CB  1 
ATOM   297  C  CB  B LEU A 1 45  ? 5.353   -3.643  8.410   0.50 20.20 ? 44  LEU A CB  1 
ATOM   298  C  CG  A LEU A 1 45  ? 6.908   -3.535  7.956   0.50 13.50 ? 44  LEU A CG  1 
ATOM   299  C  CG  B LEU A 1 45  ? 6.554   -2.739  8.056   0.50 22.29 ? 44  LEU A CG  1 
ATOM   300  C  CD1 A LEU A 1 45  ? 6.880   -2.489  6.769   0.50 13.29 ? 44  LEU A CD1 1 
ATOM   301  C  CD1 B LEU A 1 45  ? 7.311   -2.252  9.247   0.50 24.37 ? 44  LEU A CD1 1 
ATOM   302  C  CD2 A LEU A 1 45  ? 7.869   -3.148  9.050   0.50 18.87 ? 44  LEU A CD2 1 
ATOM   303  C  CD2 B LEU A 1 45  ? 7.475   -3.427  7.054   0.50 21.56 ? 44  LEU A CD2 1 
ATOM   304  N  N   . ALA A 1 46  ? 3.292   -3.884  10.528  1.00 18.10 ? 45  ALA A N   1 
ATOM   305  C  CA  . ALA A 1 46  ? 1.928   -3.965  11.017  1.00 17.34 ? 45  ALA A CA  1 
ATOM   306  C  C   . ALA A 1 46  ? 1.336   -2.576  11.085  1.00 18.43 ? 45  ALA A C   1 
ATOM   307  O  O   . ALA A 1 46  ? 2.056   -1.586  11.188  1.00 20.32 ? 45  ALA A O   1 
ATOM   308  C  CB  . ALA A 1 46  ? 1.883   -4.657  12.368  1.00 18.39 ? 45  ALA A CB  1 
ATOM   309  N  N   . THR A 1 47  ? 0.029   -2.526  11.003  1.00 15.91 ? 46  THR A N   1 
ATOM   310  C  CA  . THR A 1 47  ? -0.729  -1.290  11.295  1.00 17.60 ? 46  THR A CA  1 
ATOM   311  C  C   . THR A 1 47  ? -1.841  -1.632  12.277  1.00 18.97 ? 46  THR A C   1 
ATOM   312  O  O   . THR A 1 47  ? -2.240  -2.796  12.419  1.00 17.37 ? 46  THR A O   1 
ATOM   313  C  CB  . THR A 1 47  ? -1.345  -0.637  10.035  1.00 20.49 ? 46  THR A CB  1 
ATOM   314  O  OG1 . THR A 1 47  ? -2.310  -1.533  9.421   1.00 18.49 ? 46  THR A OG1 1 
ATOM   315  C  CG2 . THR A 1 47  ? -0.281  -0.269  8.992   1.00 18.05 ? 46  THR A CG2 1 
ATOM   316  N  N   . ASP A 1 48  ? -2.358  -0.611  12.949  1.00 18.87 ? 47  ASP A N   1 
ATOM   317  C  CA  . ASP A 1 48  ? -3.466  -0.804  13.881  1.00 19.87 ? 47  ASP A CA  1 
ATOM   318  C  C   . ASP A 1 48  ? -4.180  0.525   14.054  1.00 24.48 ? 47  ASP A C   1 
ATOM   319  O  O   . ASP A 1 48  ? -3.642  1.565   13.677  1.00 21.92 ? 47  ASP A O   1 
ATOM   320  C  CB  . ASP A 1 48  ? -2.943  -1.321  15.206  1.00 20.34 ? 47  ASP A CB  1 
ATOM   321  C  CG  . ASP A 1 48  ? -3.970  -2.170  15.982  1.00 22.35 ? 47  ASP A CG  1 
ATOM   322  O  OD1 . ASP A 1 48  ? -5.186  -2.152  15.659  1.00 21.26 ? 47  ASP A OD1 1 
ATOM   323  O  OD2 . ASP A 1 48  ? -3.477  -2.856  16.889  1.00 27.54 ? 47  ASP A OD2 1 
ATOM   324  N  N   . GLU A 1 49  ? -5.384  0.435   14.601  1.00 31.36 ? 48  GLU A N   1 
ATOM   325  C  CA  . GLU A 1 49  ? -6.226  1.564   14.994  1.00 40.95 ? 48  GLU A CA  1 
ATOM   326  C  C   . GLU A 1 49  ? -6.858  1.263   16.365  1.00 44.14 ? 48  GLU A C   1 
ATOM   327  O  O   . GLU A 1 49  ? -7.279  0.122   16.632  1.00 42.43 ? 48  GLU A O   1 
ATOM   328  C  CB  . GLU A 1 49  ? -7.346  1.741   13.975  1.00 42.40 ? 48  GLU A CB  1 
ATOM   329  C  CG  . GLU A 1 49  ? -7.487  3.175   13.476  1.00 55.91 ? 48  GLU A CG  1 
ATOM   330  C  CD  . GLU A 1 49  ? -7.721  3.223   11.992  1.00 61.17 ? 48  GLU A CD  1 
ATOM   331  O  OE1 . GLU A 1 49  ? -8.868  2.924   11.600  1.00 66.49 ? 48  GLU A OE1 1 
ATOM   332  O  OE2 . GLU A 1 49  ? -6.759  3.530   11.227  1.00 60.54 ? 48  GLU A OE2 1 
ATOM   333  N  N   . GLY A 1 50  ? -6.953  2.311   17.189  1.00 49.58 ? 49  GLY A N   1 
ATOM   334  C  CA  . GLY A 1 50  ? -7.352  2.238   18.624  1.00 53.14 ? 49  GLY A CA  1 
ATOM   335  C  C   . GLY A 1 50  ? -6.399  3.113   19.466  1.00 57.42 ? 49  GLY A C   1 
ATOM   336  O  O   . GLY A 1 50  ? -5.425  3.693   18.940  1.00 59.30 ? 49  GLY A O   1 
ATOM   337  N  N   . ALA A 1 51  ? -6.662  3.224   20.765  1.00 60.26 ? 50  ALA A N   1 
ATOM   338  C  CA  . ALA A 1 51  ? -5.701  3.867   21.684  1.00 59.99 ? 50  ALA A CA  1 
ATOM   339  C  C   . ALA A 1 51  ? -6.205  3.841   23.124  1.00 62.86 ? 50  ALA A C   1 
ATOM   340  O  O   . ALA A 1 51  ? -5.879  2.925   23.890  1.00 65.39 ? 50  ALA A O   1 
ATOM   341  C  CB  . ALA A 1 51  ? -5.388  5.311   21.240  1.00 61.19 ? 50  ALA A CB  1 
ATOM   342  N  N   . SER A 1 58  ? 17.348  -3.681  12.242  1.00 44.85 ? 57  SER A N   1 
ATOM   343  C  CA  . SER A 1 58  ? 17.525  -2.608  11.240  1.00 45.07 ? 57  SER A CA  1 
ATOM   344  C  C   . SER A 1 58  ? 16.194  -2.174  10.597  1.00 39.38 ? 57  SER A C   1 
ATOM   345  O  O   . SER A 1 58  ? 15.349  -3.011  10.251  1.00 39.00 ? 57  SER A O   1 
ATOM   346  C  CB  . SER A 1 58  ? 18.488  -3.053  10.142  1.00 47.01 ? 57  SER A CB  1 
ATOM   347  O  OG  . SER A 1 58  ? 18.711  -2.009  9.203   1.00 52.27 ? 57  SER A OG  1 
ATOM   348  N  N   . ALA A 1 59  ? 16.030  -0.865  10.417  1.00 32.06 ? 58  ALA A N   1 
ATOM   349  C  CA  . ALA A 1 59  ? 14.742  -0.303  9.950   1.00 26.16 ? 58  ALA A CA  1 
ATOM   350  C  C   . ALA A 1 59  ? 14.504  -0.670  8.486   1.00 22.57 ? 58  ALA A C   1 
ATOM   351  O  O   . ALA A 1 59  ? 15.443  -0.877  7.747   1.00 24.59 ? 58  ALA A O   1 
ATOM   352  C  CB  . ALA A 1 59  ? 14.750  1.201   10.135  1.00 24.25 ? 58  ALA A CB  1 
ATOM   353  N  N   . PRO A 1 60  ? 13.237  -0.752  8.057   1.00 18.88 ? 59  PRO A N   1 
ATOM   354  C  CA  . PRO A 1 60  ? 13.002  -1.145  6.662   1.00 19.53 ? 59  PRO A CA  1 
ATOM   355  C  C   . PRO A 1 60  ? 13.251  -0.001  5.694   1.00 19.11 ? 59  PRO A C   1 
ATOM   356  O  O   . PRO A 1 60  ? 13.349  1.164   6.131   1.00 19.17 ? 59  PRO A O   1 
ATOM   357  C  CB  . PRO A 1 60  ? 11.520  -1.492  6.629   1.00 20.70 ? 59  PRO A CB  1 
ATOM   358  C  CG  . PRO A 1 60  ? 10.948  -0.982  7.840   1.00 27.09 ? 59  PRO A CG  1 
ATOM   359  C  CD  . PRO A 1 60  ? 11.989  -0.558  8.800   1.00 23.07 ? 59  PRO A CD  1 
ATOM   360  N  N   . PRO A 1 61  ? 13.346  -0.300  4.391   1.00 18.03 ? 60  PRO A N   1 
ATOM   361  C  CA  . PRO A 1 61  ? 13.474  0.782   3.437   1.00 17.31 ? 60  PRO A CA  1 
ATOM   362  C  C   . PRO A 1 61  ? 12.164  1.526   3.229   1.00 15.60 ? 60  PRO A C   1 
ATOM   363  O  O   . PRO A 1 61  ? 11.076  1.015   3.516   1.00 15.23 ? 60  PRO A O   1 
ATOM   364  C  CB  . PRO A 1 61  ? 13.881  0.088   2.124   1.00 17.94 ? 60  PRO A CB  1 
ATOM   365  C  CG  . PRO A 1 61  ? 13.312  -1.280  2.255   1.00 18.83 ? 60  PRO A CG  1 
ATOM   366  C  CD  . PRO A 1 61  ? 13.315  -1.618  3.728   1.00 19.25 ? 60  PRO A CD  1 
ATOM   367  N  N   . PRO A 1 62  ? 12.277  2.767   2.740   1.00 15.04 ? 61  PRO A N   1 
ATOM   368  C  CA  . PRO A 1 62  ? 11.071  3.575   2.566   1.00 16.78 ? 61  PRO A CA  1 
ATOM   369  C  C   . PRO A 1 62  ? 9.957   2.922   1.743   1.00 15.14 ? 61  PRO A C   1 
ATOM   370  O  O   . PRO A 1 62  ? 8.771   3.056   2.067   1.00 15.29 ? 61  PRO A O   1 
ATOM   371  C  CB  . PRO A 1 62  ? 11.606  4.824   1.847   1.00 19.20 ? 61  PRO A CB  1 
ATOM   372  C  CG  . PRO A 1 62  ? 13.001  4.957   2.297   1.00 19.47 ? 61  PRO A CG  1 
ATOM   373  C  CD  . PRO A 1 62  ? 13.502  3.528   2.409   1.00 16.44 ? 61  PRO A CD  1 
ATOM   374  N  N   . LEU A 1 63  ? 10.285  2.197   0.670   1.00 15.01 ? 62  LEU A N   1 
ATOM   375  C  CA  . LEU A 1 63  ? 9.211   1.630   -0.165  1.00 14.81 ? 62  LEU A CA  1 
ATOM   376  C  C   . LEU A 1 63  ? 8.475   0.516   0.604   1.00 15.09 ? 62  LEU A C   1 
ATOM   377  O  O   . LEU A 1 63  ? 7.307   0.200   0.274   1.00 14.54 ? 62  LEU A O   1 
ATOM   378  C  CB  . LEU A 1 63  ? 9.741   1.119   -1.507  1.00 16.43 ? 62  LEU A CB  1 
ATOM   379  C  CG  . LEU A 1 63  ? 10.158  2.224   -2.497  1.00 21.34 ? 62  LEU A CG  1 
ATOM   380  C  CD1 . LEU A 1 63  ? 10.547  1.590   -3.853  1.00 21.11 ? 62  LEU A CD1 1 
ATOM   381  C  CD2 . LEU A 1 63  ? 9.107   3.256   -2.649  1.00 26.35 ? 62  LEU A CD2 1 
ATOM   382  N  N   . ALA A 1 64  ? 9.156   -0.124  1.565   1.00 14.82 ? 63  ALA A N   1 
ATOM   383  C  CA  . ALA A 1 64  ? 8.475   -1.142  2.413   1.00 14.34 ? 63  ALA A CA  1 
ATOM   384  C  C   . ALA A 1 64  ? 7.400   -0.473  3.255   1.00 14.17 ? 63  ALA A C   1 
ATOM   385  O  O   . ALA A 1 64  ? 6.300   -0.996  3.408   1.00 14.67 ? 63  ALA A O   1 
ATOM   386  C  CB  . ALA A 1 64  ? 9.478   -1.916  3.351   1.00 13.41 ? 63  ALA A CB  1 
ATOM   387  N  N   . LEU A 1 65  ? 7.734   0.679   3.847   1.00 14.69 ? 64  LEU A N   1 
ATOM   388  C  CA  . LEU A 1 65  ? 6.716   1.421   4.612   1.00 14.26 ? 64  LEU A CA  1 
ATOM   389  C  C   . LEU A 1 65  ? 5.566   1.835   3.689   1.00 14.11 ? 64  LEU A C   1 
ATOM   390  O  O   . LEU A 1 65  ? 4.400   1.758   4.083   1.00 15.90 ? 64  LEU A O   1 
ATOM   391  C  CB  . LEU A 1 65  ? 7.340   2.611   5.332   1.00 15.01 ? 64  LEU A CB  1 
ATOM   392  C  CG  . LEU A 1 65  ? 8.358   2.341   6.433   1.00 19.49 ? 64  LEU A CG  1 
ATOM   393  C  CD1 . LEU A 1 65  ? 8.712   3.700   7.120   1.00 17.37 ? 64  LEU A CD1 1 
ATOM   394  C  CD2 . LEU A 1 65  ? 7.856   1.387   7.446   1.00 22.74 ? 64  LEU A CD2 1 
ATOM   395  N  N   . PHE A 1 66  ? 5.863   2.318   2.470   1.00 14.38 ? 65  PHE A N   1 
ATOM   396  C  CA  . PHE A 1 66  ? 4.814   2.712   1.523   1.00 14.71 ? 65  PHE A CA  1 
ATOM   397  C  C   . PHE A 1 66  ? 3.848   1.557   1.220   1.00 15.26 ? 65  PHE A C   1 
ATOM   398  O  O   . PHE A 1 66  ? 2.637   1.703   1.314   1.00 14.92 ? 65  PHE A O   1 
ATOM   399  C  CB  . PHE A 1 66  ? 5.432   3.199   0.209   1.00 15.95 ? 65  PHE A CB  1 
ATOM   400  C  CG  . PHE A 1 66  ? 4.425   3.396   -0.864  1.00 14.12 ? 65  PHE A CG  1 
ATOM   401  C  CD1 . PHE A 1 66  ? 3.531   4.455   -0.825  1.00 14.69 ? 65  PHE A CD1 1 
ATOM   402  C  CD2 . PHE A 1 66  ? 4.285   2.451   -1.890  1.00 15.68 ? 65  PHE A CD2 1 
ATOM   403  C  CE1 . PHE A 1 66  ? 2.568   4.602   -1.838  1.00 19.39 ? 65  PHE A CE1 1 
ATOM   404  C  CE2 . PHE A 1 66  ? 3.312   2.618   -2.901  1.00 17.49 ? 65  PHE A CE2 1 
ATOM   405  C  CZ  . PHE A 1 66  ? 2.461   3.683   -2.845  1.00 18.82 ? 65  PHE A CZ  1 
ATOM   406  N  N   . ILE A 1 67  ? 4.379   0.403   0.804   1.00 14.84 ? 66  ILE A N   1 
ATOM   407  C  CA  . ILE A 1 67  ? 3.502   -0.703  0.389   1.00 14.15 ? 66  ILE A CA  1 
ATOM   408  C  C   . ILE A 1 67  ? 2.704   -1.263  1.575   1.00 13.96 ? 66  ILE A C   1 
ATOM   409  O  O   . ILE A 1 67  ? 1.548   -1.630  1.428   1.00 15.59 ? 66  ILE A O   1 
ATOM   410  C  CB  . ILE A 1 67  ? 4.227   -1.799  -0.411  1.00 15.38 ? 66  ILE A CB  1 
ATOM   411  C  CG1 . ILE A 1 67  ? 3.209   -2.662  -1.184  1.00 15.80 ? 66  ILE A CG1 1 
ATOM   412  C  CG2 . ILE A 1 67  ? 5.180   -2.613  0.442   1.00 15.25 ? 66  ILE A CG2 1 
ATOM   413  C  CD1 . ILE A 1 67  ? 3.813   -3.641  -2.182  1.00 14.52 ? 66  ILE A CD1 1 
ATOM   414  N  N   . ALA A 1 68  ? 3.328   -1.293  2.763   1.00 14.32 ? 67  ALA A N   1 
ATOM   415  C  CA  . ALA A 1 68  ? 2.628   -1.684  3.997   1.00 14.75 ? 67  ALA A CA  1 
ATOM   416  C  C   . ALA A 1 68  ? 1.483   -0.700  4.288   1.00 16.31 ? 67  ALA A C   1 
ATOM   417  O  O   . ALA A 1 68  ? 0.385   -1.109  4.629   1.00 16.45 ? 67  ALA A O   1 
ATOM   418  C  CB  . ALA A 1 68  ? 3.573   -1.776  5.182   1.00 16.15 ? 67  ALA A CB  1 
ATOM   419  N  N   . GLY A 1 69  ? 1.746   0.588   4.144   1.00 15.99 ? 68  GLY A N   1 
ATOM   420  C  CA  . GLY A 1 69  ? 0.727   1.616   4.321   1.00 16.28 ? 68  GLY A CA  1 
ATOM   421  C  C   . GLY A 1 69  ? -0.440  1.439   3.393   1.00 14.69 ? 68  GLY A C   1 
ATOM   422  O  O   . GLY A 1 69  ? -1.593  1.500   3.781   1.00 15.67 ? 68  GLY A O   1 
ATOM   423  N  N   . LEU A 1 70  ? -0.145  1.210   2.115   1.00 15.80 ? 69  LEU A N   1 
ATOM   424  C  CA  . LEU A 1 70  ? -1.207  1.042   1.108   1.00 15.05 ? 69  LEU A CA  1 
ATOM   425  C  C   . LEU A 1 70  ? -2.035  -0.179  1.436   1.00 15.72 ? 69  LEU A C   1 
ATOM   426  O  O   . LEU A 1 70  ? -3.245  -0.102  1.465   1.00 14.61 ? 69  LEU A O   1 
ATOM   427  C  CB  . LEU A 1 70  ? -0.567  0.896   -0.256  1.00 15.73 ? 69  LEU A CB  1 
ATOM   428  C  CG  . LEU A 1 70  ? -1.567  0.628   -1.378  1.00 16.36 ? 69  LEU A CG  1 
ATOM   429  C  CD1 . LEU A 1 70  ? -2.737  1.673   -1.485  1.00 17.42 ? 69  LEU A CD1 1 
ATOM   430  C  CD2 . LEU A 1 70  ? -0.809  0.455   -2.698  1.00 18.86 ? 69  LEU A CD2 1 
ATOM   431  N  N   . THR A 1 71  ? -1.370  -1.305  1.724   1.00 15.98 ? 70  THR A N   1 
ATOM   432  C  CA  . THR A 1 71  ? -2.072  -2.570  2.009   1.00 15.21 ? 70  THR A CA  1 
ATOM   433  C  C   . THR A 1 71  ? -2.919  -2.413  3.280   1.00 14.18 ? 70  THR A C   1 
ATOM   434  O  O   . THR A 1 71  ? -4.095  -2.814  3.323   1.00 16.11 ? 70  THR A O   1 
ATOM   435  C  CB  . THR A 1 71  ? -1.078  -3.730  2.115   1.00 16.38 ? 70  THR A CB  1 
ATOM   436  O  OG1 . THR A 1 71  ? -0.247  -3.728  0.929   1.00 17.34 ? 70  THR A OG1 1 
ATOM   437  C  CG2 . THR A 1 71  ? -1.793  -5.068  2.253   1.00 19.08 ? 70  THR A CG2 1 
ATOM   438  N  N   . GLY A 1 72  ? -2.331  -1.834  4.322   1.00 14.99 ? 71  GLY A N   1 
ATOM   439  C  CA  . GLY A 1 72  ? -3.014  -1.604  5.583   1.00 16.59 ? 71  GLY A CA  1 
ATOM   440  C  C   . GLY A 1 72  ? -4.199  -0.663  5.454   1.00 17.12 ? 71  GLY A C   1 
ATOM   441  O  O   . GLY A 1 72  ? -5.218  -0.869  6.093   1.00 16.33 ? 71  GLY A O   1 
ATOM   442  N  N   . CYS A 1 73  ? -4.062  0.348   4.605   1.00 16.63 ? 72  CYS A N   1 
ATOM   443  C  CA  . CYS A 1 73  ? -5.147  1.338   4.374   1.00 17.24 ? 72  CYS A CA  1 
ATOM   444  C  C   . CYS A 1 73  ? -6.361  0.628   3.746   1.00 16.18 ? 72  CYS A C   1 
ATOM   445  O  O   . CYS A 1 73  ? -7.490  0.720   4.240   1.00 17.39 ? 72  CYS A O   1 
ATOM   446  C  CB  . CYS A 1 73  ? -4.654  2.490   3.525   1.00 19.07 ? 72  CYS A CB  1 
ATOM   447  S  SG  . CYS A 1 73  ? -5.815  3.942   3.631   1.00 28.52 ? 72  CYS A SG  1 
ATOM   448  N  N   . VAL A 1 74  ? -6.111  -0.159  2.708   1.00 16.11 ? 73  VAL A N   1 
ATOM   449  C  CA  . VAL A 1 74  ? -7.162  -0.911  2.023   1.00 15.88 ? 73  VAL A CA  1 
ATOM   450  C  C   . VAL A 1 74  ? -7.851  -1.853  2.996   1.00 14.72 ? 73  VAL A C   1 
ATOM   451  O  O   . VAL A 1 74  ? -9.074  -1.903  3.108   1.00 16.41 ? 73  VAL A O   1 
ATOM   452  C  CB  . VAL A 1 74  ? -6.585  -1.705  0.821   1.00 17.64 ? 73  VAL A CB  1 
ATOM   453  C  CG1 . VAL A 1 74  ? -7.607  -2.734  0.270   1.00 23.78 ? 73  VAL A CG1 1 
ATOM   454  C  CG2 . VAL A 1 74  ? -6.166  -0.711  -0.294  1.00 21.18 ? 73  VAL A CG2 1 
HETATM 455  N  N   . MSE A 1 75  ? -7.045  -2.613  3.743   1.00 15.45 ? 74  MSE A N   1 
HETATM 456  C  CA  . MSE A 1 75  ? -7.577  -3.570  4.721   1.00 15.32 ? 74  MSE A CA  1 
HETATM 457  C  C   . MSE A 1 75  ? -8.414  -2.895  5.792   1.00 15.87 ? 74  MSE A C   1 
HETATM 458  O  O   . MSE A 1 75  ? -9.484  -3.395  6.161   1.00 15.82 ? 74  MSE A O   1 
HETATM 459  C  CB  . MSE A 1 75  ? -6.414  -4.363  5.342   1.00 15.73 ? 74  MSE A CB  1 
HETATM 460  C  CG  . MSE A 1 75  ? -5.768  -5.270  4.386   1.00 14.11 ? 74  MSE A CG  1 
HETATM 461  SE SE  . MSE A 1 75  ? -4.265  -6.182  5.210   0.75 20.37 ? 74  MSE A SE  1 
HETATM 462  C  CE  . MSE A 1 75  ? -5.312  -7.432  6.266   1.00 18.70 ? 74  MSE A CE  1 
ATOM   463  N  N   . THR A 1 76  ? -7.935  -1.758  6.294   1.00 14.75 ? 75  THR A N   1 
ATOM   464  C  CA  . THR A 1 76  ? -8.659  -1.022  7.305   1.00 15.65 ? 75  THR A CA  1 
ATOM   465  C  C   . THR A 1 76  ? -10.047 -0.613  6.812   1.00 14.64 ? 75  THR A C   1 
ATOM   466  O  O   . THR A 1 76  ? -11.038 -0.771  7.531   1.00 17.23 ? 75  THR A O   1 
ATOM   467  C  CB  . THR A 1 76  ? -7.825  0.177   7.812   1.00 19.41 ? 75  THR A CB  1 
ATOM   468  O  OG1 . THR A 1 76  ? -6.647  -0.343  8.459   1.00 22.24 ? 75  THR A OG1 1 
ATOM   469  C  CG2 . THR A 1 76  ? -8.625  1.010   8.818   1.00 24.11 ? 75  THR A CG2 1 
ATOM   470  N  N   . GLN A 1 77  ? -10.148 -0.116  5.575   1.00 15.62 ? 76  GLN A N   1 
ATOM   471  C  CA  . GLN A 1 77  ? -11.454 0.307   5.056   1.00 15.05 ? 76  GLN A CA  1 
ATOM   472  C  C   . GLN A 1 77  ? -12.392 -0.892  4.872   1.00 13.79 ? 76  GLN A C   1 
ATOM   473  O  O   . GLN A 1 77  ? -13.584 -0.808  5.159   1.00 15.55 ? 76  GLN A O   1 
ATOM   474  C  CB  . GLN A 1 77  ? -11.310 1.044   3.720   1.00 18.18 ? 76  GLN A CB  1 
ATOM   475  C  CG  . GLN A 1 77  ? -10.265 2.140   3.653   1.00 24.37 ? 76  GLN A CG  1 
ATOM   476  C  CD  . GLN A 1 77  ? -10.471 3.151   4.679   1.00 28.49 ? 76  GLN A CD  1 
ATOM   477  O  OE1 . GLN A 1 77  ? -11.619 3.555   4.928   1.00 27.76 ? 76  GLN A OE1 1 
ATOM   478  N  NE2 . GLN A 1 77  ? -9.383  3.577   5.319   1.00 33.08 ? 76  GLN A NE2 1 
ATOM   479  N  N   . ILE A 1 78  ? -11.864 -2.012  4.352   1.00 14.61 ? 77  ILE A N   1 
ATOM   480  C  CA  . ILE A 1 78  ? -12.660 -3.231  4.245   1.00 15.34 ? 77  ILE A CA  1 
ATOM   481  C  C   . ILE A 1 78  ? -13.250 -3.629  5.591   1.00 15.25 ? 77  ILE A C   1 
ATOM   482  O  O   . ILE A 1 78  ? -14.458 -3.901  5.732   1.00 16.01 ? 77  ILE A O   1 
ATOM   483  C  CB  . ILE A 1 78  ? -11.847 -4.374  3.641   1.00 13.25 ? 77  ILE A CB  1 
ATOM   484  C  CG1 . ILE A 1 78  ? -11.515 -4.075  2.178   1.00 15.55 ? 77  ILE A CG1 1 
ATOM   485  C  CG2 . ILE A 1 78  ? -12.600 -5.715  3.746   1.00 15.89 ? 77  ILE A CG2 1 
ATOM   486  C  CD1 . ILE A 1 78  ? -10.478 -5.026  1.571   1.00 17.82 ? 77  ILE A CD1 1 
ATOM   487  N  N   . ARG A 1 79  ? -12.400 -3.642  6.618   1.00 15.24 ? 78  ARG A N   1 
ATOM   488  C  CA  . ARG A 1 79  ? -12.816 -4.031  7.951   1.00 15.83 ? 78  ARG A CA  1 
ATOM   489  C  C   . ARG A 1 79  ? -13.786 -3.039  8.582   1.00 17.72 ? 78  ARG A C   1 
ATOM   490  O  O   . ARG A 1 79  ? -14.739 -3.466  9.228   1.00 18.47 ? 78  ARG A O   1 
ATOM   491  C  CB  . ARG A 1 79  ? -11.599 -4.279  8.841   1.00 16.80 ? 78  ARG A CB  1 
ATOM   492  C  CG  . ARG A 1 79  ? -10.708 -5.410  8.346   1.00 17.79 ? 78  ARG A CG  1 
ATOM   493  C  CD  . ARG A 1 79  ? -9.459  -5.578  9.199   1.00 18.08 ? 78  ARG A CD  1 
ATOM   494  N  NE  . ARG A 1 79  ? -9.772  -6.332  10.407  1.00 17.38 ? 78  ARG A NE  1 
ATOM   495  C  CZ  . ARG A 1 79  ? -8.876  -6.694  11.320  1.00 20.52 ? 78  ARG A CZ  1 
ATOM   496  N  NH1 . ARG A 1 79  ? -7.639  -6.370  11.202  1.00 18.29 ? 78  ARG A NH1 1 
ATOM   497  N  NH2 . ARG A 1 79  ? -9.259  -7.417  12.327  1.00 22.57 ? 78  ARG A NH2 1 
ATOM   498  N  N   . ALA A 1 80  ? -13.567 -1.748  8.364   1.00 15.53 ? 79  ALA A N   1 
ATOM   499  C  CA  . ALA A 1 80  ? -14.426 -0.694  8.902   1.00 15.12 ? 79  ALA A CA  1 
ATOM   500  C  C   . ALA A 1 80  ? -15.807 -0.680  8.237   1.00 17.01 ? 79  ALA A C   1 
ATOM   501  O  O   . ALA A 1 80  ? -16.807 -0.354  8.866   1.00 15.88 ? 79  ALA A O   1 
ATOM   502  C  CB  . ALA A 1 80  ? -13.767 0.671   8.753   1.00 17.78 ? 79  ALA A CB  1 
ATOM   503  N  N   . PHE A 1 81  ? -15.861 -1.025  6.964   1.00 13.32 ? 80  PHE A N   1 
ATOM   504  C  CA  . PHE A 1 81  ? -17.108 -0.878  6.196   1.00 13.83 ? 80  PHE A CA  1 
ATOM   505  C  C   . PHE A 1 81  ? -17.921 -2.179  6.081   1.00 13.73 ? 80  PHE A C   1 
ATOM   506  O  O   . PHE A 1 81  ? -19.096 -2.130  5.727   1.00 15.30 ? 80  PHE A O   1 
ATOM   507  C  CB  . PHE A 1 81  ? -16.794 -0.386  4.789   1.00 14.81 ? 80  PHE A CB  1 
ATOM   508  C  CG  . PHE A 1 81  ? -16.256 1.044   4.680   1.00 15.72 ? 80  PHE A CG  1 
ATOM   509  C  CD1 . PHE A 1 81  ? -16.319 1.940   5.715   1.00 18.38 ? 80  PHE A CD1 1 
ATOM   510  C  CD2 . PHE A 1 81  ? -15.766 1.503   3.472   1.00 14.68 ? 80  PHE A CD2 1 
ATOM   511  C  CE1 . PHE A 1 81  ? -15.826 3.225   5.548   1.00 18.19 ? 80  PHE A CE1 1 
ATOM   512  C  CE2 . PHE A 1 81  ? -15.326 2.768   3.310   1.00 16.70 ? 80  PHE A CE2 1 
ATOM   513  C  CZ  . PHE A 1 81  ? -15.334 3.629   4.347   1.00 17.46 ? 80  PHE A CZ  1 
ATOM   514  N  N   . ALA A 1 82  ? -17.318 -3.322  6.382   1.00 15.22 ? 81  ALA A N   1 
ATOM   515  C  CA  . ALA A 1 82  ? -17.972 -4.610  6.070   1.00 15.60 ? 81  ALA A CA  1 
ATOM   516  C  C   . ALA A 1 82  ? -19.349 -4.751  6.668   1.00 16.12 ? 81  ALA A C   1 
ATOM   517  O  O   . ALA A 1 82  ? -20.345 -4.999  5.974   1.00 16.68 ? 81  ALA A O   1 
ATOM   518  C  CB  . ALA A 1 82  ? -17.066 -5.772  6.518   1.00 14.67 ? 81  ALA A CB  1 
ATOM   519  N  N   . LYS A 1 83  ? -19.475 -4.578  7.971   1.00 16.20 ? 82  LYS A N   1 
ATOM   520  C  CA  . LYS A 1 83  ? -20.791 -4.770  8.582   1.00 18.36 ? 82  LYS A CA  1 
ATOM   521  C  C   . LYS A 1 83  ? -21.812 -3.729  8.120   1.00 16.35 ? 82  LYS A C   1 
ATOM   522  O  O   . LYS A 1 83  ? -22.984 -4.070  7.876   1.00 17.49 ? 82  LYS A O   1 
ATOM   523  C  CB  . LYS A 1 83  ? -20.691 -4.791  10.106  1.00 21.25 ? 82  LYS A CB  1 
ATOM   524  C  CG  . LYS A 1 83  ? -22.045 -5.059  10.742  1.00 27.22 ? 82  LYS A CG  1 
ATOM   525  C  CD  . LYS A 1 83  ? -22.005 -4.969  12.247  1.00 31.06 ? 82  LYS A CD  1 
ATOM   526  C  CE  . LYS A 1 83  ? -23.394 -5.276  12.852  1.00 43.60 ? 82  LYS A CE  1 
ATOM   527  N  NZ  . LYS A 1 83  ? -23.858 -6.615  12.412  1.00 49.11 ? 82  LYS A NZ  1 
ATOM   528  N  N   . ARG A 1 84  ? -21.364 -2.489  7.992   1.00 16.76 ? 83  ARG A N   1 
ATOM   529  C  CA  . ARG A 1 84  ? -22.217 -1.414  7.497   1.00 17.68 ? 83  ARG A CA  1 
ATOM   530  C  C   . ARG A 1 84  ? -22.818 -1.759  6.134   1.00 18.51 ? 83  ARG A C   1 
ATOM   531  O  O   . ARG A 1 84  ? -23.942 -1.411  5.833   1.00 18.78 ? 83  ARG A O   1 
ATOM   532  C  CB  . ARG A 1 84  ? -21.362 -0.159  7.377   1.00 19.39 ? 83  ARG A CB  1 
ATOM   533  C  CG  . ARG A 1 84  ? -22.022 1.079   6.893   1.00 24.62 ? 83  ARG A CG  1 
ATOM   534  C  CD  . ARG A 1 84  ? -23.125 1.567   7.816   1.00 26.72 ? 83  ARG A CD  1 
ATOM   535  N  NE  . ARG A 1 84  ? -22.711 1.781   9.199   1.00 23.76 ? 83  ARG A NE  1 
ATOM   536  C  CZ  . ARG A 1 84  ? -22.001 2.822   9.649   1.00 25.66 ? 83  ARG A CZ  1 
ATOM   537  N  NH1 . ARG A 1 84  ? -21.607 3.765   8.842   1.00 24.61 ? 83  ARG A NH1 1 
ATOM   538  N  NH2 . ARG A 1 84  ? -21.715 2.933   10.946  1.00 22.41 ? 83  ARG A NH2 1 
ATOM   539  N  N   . LEU A 1 85  ? -22.035 -2.435  5.301   1.00 16.65 ? 84  LEU A N   1 
ATOM   540  C  CA  . LEU A 1 85  ? -22.468 -2.835  3.949   1.00 15.78 ? 84  LEU A CA  1 
ATOM   541  C  C   . LEU A 1 85  ? -22.952 -4.312  3.863   1.00 17.21 ? 84  LEU A C   1 
ATOM   542  O  O   . LEU A 1 85  ? -23.093 -4.883  2.757   1.00 17.97 ? 84  LEU A O   1 
ATOM   543  C  CB  . LEU A 1 85  ? -21.325 -2.537  2.959   1.00 17.19 ? 84  LEU A CB  1 
ATOM   544  C  CG  . LEU A 1 85  ? -20.926 -1.032  2.895   1.00 17.80 ? 84  LEU A CG  1 
ATOM   545  C  CD1 . LEU A 1 85  ? -19.786 -0.863  1.873   1.00 19.20 ? 84  LEU A CD1 1 
ATOM   546  C  CD2 . LEU A 1 85  ? -22.135 -0.113  2.578   1.00 19.47 ? 84  LEU A CD2 1 
ATOM   547  N  N   . LYS A 1 86  ? -23.220 -4.901  5.028   1.00 16.28 ? 85  LYS A N   1 
ATOM   548  C  CA  . LYS A 1 86  ? -23.871 -6.192  5.168   1.00 18.17 ? 85  LYS A CA  1 
ATOM   549  C  C   . LYS A 1 86  ? -23.049 -7.359  4.643   1.00 20.06 ? 85  LYS A C   1 
ATOM   550  O  O   . LYS A 1 86  ? -23.608 -8.370  4.181   1.00 20.28 ? 85  LYS A O   1 
ATOM   551  C  CB  . LYS A 1 86  ? -25.243 -6.178  4.499   1.00 21.63 ? 85  LYS A CB  1 
ATOM   552  C  CG  . LYS A 1 86  ? -26.127 -5.028  4.865   1.00 28.87 ? 85  LYS A CG  1 
ATOM   553  C  CD  . LYS A 1 86  ? -26.462 -5.027  6.295   1.00 31.57 ? 85  LYS A CD  1 
ATOM   554  C  CE  . LYS A 1 86  ? -27.498 -3.919  6.569   1.00 44.81 ? 85  LYS A CE  1 
ATOM   555  N  NZ  . LYS A 1 86  ? -28.755 -4.176  5.823   1.00 62.24 ? 85  LYS A NZ  1 
ATOM   556  N  N   . VAL A 1 87  ? -21.728 -7.252  4.749   1.00 15.60 ? 86  VAL A N   1 
ATOM   557  C  CA  . VAL A 1 87  ? -20.828 -8.302  4.324   1.00 14.94 ? 86  VAL A CA  1 
ATOM   558  C  C   . VAL A 1 87  ? -20.104 -8.886  5.528   1.00 17.94 ? 86  VAL A C   1 
ATOM   559  O  O   . VAL A 1 87  ? -19.534 -8.153  6.337   1.00 18.48 ? 86  VAL A O   1 
ATOM   560  C  CB  . VAL A 1 87  ? -19.836 -7.806  3.259   1.00 15.56 ? 86  VAL A CB  1 
ATOM   561  C  CG1 . VAL A 1 87  ? -18.822 -8.908  2.865   1.00 17.42 ? 86  VAL A CG1 1 
ATOM   562  C  CG2 . VAL A 1 87  ? -20.590 -7.236  2.026   1.00 18.69 ? 86  VAL A CG2 1 
ATOM   563  N  N   . THR A 1 88  ? -20.143 -10.207 5.636   1.00 14.22 ? 87  THR A N   1 
ATOM   564  C  CA  . THR A 1 88  ? -19.334 -10.948 6.598   1.00 13.77 ? 87  THR A CA  1 
ATOM   565  C  C   . THR A 1 88  ? -18.008 -11.310 5.966   1.00 16.92 ? 87  THR A C   1 
ATOM   566  O  O   . THR A 1 88  ? -17.944 -11.932 4.893   1.00 16.15 ? 87  THR A O   1 
ATOM   567  C  CB  . THR A 1 88  ? -20.079 -12.213 7.063   1.00 16.92 ? 87  THR A CB  1 
ATOM   568  O  OG1 . THR A 1 88  ? -21.343 -11.844 7.657   1.00 16.88 ? 87  THR A OG1 1 
ATOM   569  C  CG2 . THR A 1 88  ? -19.210 -13.047 8.037   1.00 20.56 ? 87  THR A CG2 1 
ATOM   570  N  N   . VAL A 1 89  ? -16.941 -10.904 6.635   1.00 17.20 ? 88  VAL A N   1 
ATOM   571  C  CA  . VAL A 1 89  ? -15.544 -11.146 6.201   1.00 16.63 ? 88  VAL A CA  1 
ATOM   572  C  C   . VAL A 1 89  ? -14.859 -11.940 7.288   1.00 19.19 ? 88  VAL A C   1 
ATOM   573  O  O   . VAL A 1 89  ? -15.000 -11.614 8.468   1.00 20.01 ? 88  VAL A O   1 
ATOM   574  C  CB  . VAL A 1 89  ? -14.799 -9.791  5.988   1.00 18.15 ? 88  VAL A CB  1 
ATOM   575  C  CG1 . VAL A 1 89  ? -13.302 -10.006 5.666   1.00 17.56 ? 88  VAL A CG1 1 
ATOM   576  C  CG2 . VAL A 1 89  ? -15.471 -8.956  4.889   1.00 15.41 ? 88  VAL A CG2 1 
ATOM   577  N  N   A THR A 1 90  ? -14.125 -12.981 6.902   0.50 18.67 ? 89  THR A N   1 
ATOM   578  N  N   B THR A 1 90  ? -14.148 -13.000 6.922   0.50 19.85 ? 89  THR A N   1 
ATOM   579  C  CA  A THR A 1 90  ? -13.399 -13.828 7.858   0.50 18.22 ? 89  THR A CA  1 
ATOM   580  C  CA  B THR A 1 90  ? -13.372 -13.746 7.916   0.50 20.93 ? 89  THR A CA  1 
ATOM   581  C  C   A THR A 1 90  ? -11.958 -13.968 7.377   0.50 18.35 ? 89  THR A C   1 
ATOM   582  C  C   B THR A 1 90  ? -11.967 -13.996 7.399   0.50 19.73 ? 89  THR A C   1 
ATOM   583  O  O   A THR A 1 90  ? -11.728 -14.151 6.192   0.50 17.20 ? 89  THR A O   1 
ATOM   584  O  O   B THR A 1 90  ? -11.775 -14.293 6.229   0.50 18.34 ? 89  THR A O   1 
ATOM   585  C  CB  A THR A 1 90  ? -14.061 -15.222 7.986   0.50 21.05 ? 89  THR A CB  1 
ATOM   586  C  CB  B THR A 1 90  ? -14.056 -15.067 8.342   0.50 24.13 ? 89  THR A CB  1 
ATOM   587  O  OG1 A THR A 1 90  ? -15.458 -15.074 8.307   0.50 19.45 ? 89  THR A OG1 1 
ATOM   588  O  OG1 B THR A 1 90  ? -14.162 -15.965 7.227   0.50 31.33 ? 89  THR A OG1 1 
ATOM   589  C  CG2 A THR A 1 90  ? -13.375 -16.068 9.063   0.50 19.53 ? 89  THR A CG2 1 
ATOM   590  C  CG2 B THR A 1 90  ? -15.447 -14.779 8.904   0.50 24.00 ? 89  THR A CG2 1 
ATOM   591  N  N   . ASP A 1 91  ? -10.990 -13.844 8.282   1.00 18.75 ? 90  ASP A N   1 
ATOM   592  C  CA  . ASP A 1 91  ? -9.594  -14.118 7.941   1.00 20.54 ? 90  ASP A CA  1 
ATOM   593  C  C   . ASP A 1 91  ? -9.169  -13.358 6.669   1.00 17.32 ? 90  ASP A C   1 
ATOM   594  O  O   . ASP A 1 91  ? -8.591  -13.924 5.715   1.00 20.53 ? 90  ASP A O   1 
ATOM   595  C  CB  . ASP A 1 91  ? -9.410  -15.621 7.748   1.00 21.93 ? 90  ASP A CB  1 
ATOM   596  C  CG  . ASP A 1 91  ? -9.561  -16.397 9.059   1.00 33.59 ? 90  ASP A CG  1 
ATOM   597  O  OD1 . ASP A 1 91  ? -9.341  -15.810 10.136  1.00 35.23 ? 90  ASP A OD1 1 
ATOM   598  O  OD2 . ASP A 1 91  ? -9.912  -17.589 8.990   1.00 41.39 ? 90  ASP A OD2 1 
ATOM   599  N  N   . LEU A 1 92  ? -9.495  -12.083 6.655   1.00 16.80 ? 91  LEU A N   1 
ATOM   600  C  CA  . LEU A 1 92  ? -9.161  -11.230 5.534   1.00 14.70 ? 91  LEU A CA  1 
ATOM   601  C  C   . LEU A 1 92  ? -7.678  -11.342 5.169   1.00 15.19 ? 91  LEU A C   1 
ATOM   602  O  O   . LEU A 1 92  ? -6.799  -11.268 6.053   1.00 17.28 ? 91  LEU A O   1 
ATOM   603  C  CB  . LEU A 1 92  ? -9.490  -9.785  5.885   1.00 15.80 ? 91  LEU A CB  1 
ATOM   604  C  CG  . LEU A 1 92  ? -9.126  -8.733  4.849   1.00 15.99 ? 91  LEU A CG  1 
ATOM   605  C  CD1 . LEU A 1 92  ? -9.899  -8.868  3.479   1.00 16.57 ? 91  LEU A CD1 1 
ATOM   606  C  CD2 . LEU A 1 92  ? -9.313  -7.315  5.504   1.00 18.44 ? 91  LEU A CD2 1 
ATOM   607  N  N   . ASP A 1 93  ? -7.417  -11.509 3.879   1.00 15.22 ? 92  ASP A N   1 
ATOM   608  C  CA  . ASP A 1 93  ? -6.060  -11.492 3.340   1.00 14.57 ? 92  ASP A CA  1 
ATOM   609  C  C   . ASP A 1 93  ? -6.056  -10.609 2.102   1.00 17.87 ? 92  ASP A C   1 
ATOM   610  O  O   . ASP A 1 93  ? -6.931  -10.732 1.234   1.00 17.45 ? 92  ASP A O   1 
ATOM   611  C  CB  . ASP A 1 93  ? -5.594  -12.874 2.950   1.00 16.88 ? 92  ASP A CB  1 
ATOM   612  C  CG  . ASP A 1 93  ? -4.119  -12.914 2.626   1.00 24.31 ? 92  ASP A CG  1 
ATOM   613  O  OD1 . ASP A 1 93  ? -3.698  -12.332 1.599   1.00 25.97 ? 92  ASP A OD1 1 
ATOM   614  O  OD2 . ASP A 1 93  ? -3.380  -13.526 3.435   1.00 30.65 ? 92  ASP A OD2 1 
ATOM   615  N  N   . VAL A 1 94  ? -5.083  -9.699  2.049   1.00 16.03 ? 93  VAL A N   1 
ATOM   616  C  CA  . VAL A 1 94  ? -4.895  -8.802  0.925   1.00 15.06 ? 93  VAL A CA  1 
ATOM   617  C  C   . VAL A 1 94  ? -3.476  -8.897  0.445   1.00 20.80 ? 93  VAL A C   1 
ATOM   618  O  O   . VAL A 1 94  ? -2.550  -8.764  1.256   1.00 19.53 ? 93  VAL A O   1 
ATOM   619  C  CB  . VAL A 1 94  ? -5.249  -7.342  1.271   1.00 15.93 ? 93  VAL A CB  1 
ATOM   620  C  CG1 . VAL A 1 94  ? -4.890  -6.362  0.101   1.00 17.44 ? 93  VAL A CG1 1 
ATOM   621  C  CG2 . VAL A 1 94  ? -6.741  -7.260  1.666   1.00 19.19 ? 93  VAL A CG2 1 
ATOM   622  N  N   . GLU A 1 95  ? -3.309  -9.127  -0.855  1.00 15.89 ? 94  GLU A N   1 
ATOM   623  C  CA  . GLU A 1 95  ? -1.981  -9.277  -1.474  1.00 19.79 ? 94  GLU A CA  1 
ATOM   624  C  C   . GLU A 1 95  ? -1.793  -8.092  -2.411  1.00 20.84 ? 94  GLU A C   1 
ATOM   625  O  O   . GLU A 1 95  ? -2.646  -7.816  -3.245  1.00 21.83 ? 94  GLU A O   1 
ATOM   626  C  CB  . GLU A 1 95  ? -1.905  -10.584 -2.272  1.00 23.16 ? 94  GLU A CB  1 
ATOM   627  C  CG  . GLU A 1 95  ? -2.197  -11.867 -1.450  1.00 30.63 ? 94  GLU A CG  1 
ATOM   628  C  CD  . GLU A 1 95  ? -2.278  -13.224 -2.261  1.00 37.87 ? 94  GLU A CD  1 
ATOM   629  O  OE1 . GLU A 1 95  ? -3.238  -13.470 -3.054  1.00 44.06 ? 94  GLU A OE1 1 
ATOM   630  O  OE2 . GLU A 1 95  ? -1.379  -14.076 -2.041  1.00 58.46 ? 94  GLU A OE2 1 
ATOM   631  N  N   A CYS A 1 96  ? -0.684  -7.380  -2.279  0.70 15.34 ? 95  CYS A N   1 
ATOM   632  N  N   B CYS A 1 96  ? -0.700  -7.363  -2.224  0.30 19.09 ? 95  CYS A N   1 
ATOM   633  C  CA  A CYS A 1 96  ? -0.418  -6.183  -3.075  0.70 13.31 ? 95  CYS A CA  1 
ATOM   634  C  CA  B CYS A 1 96  ? -0.367  -6.220  -3.066  0.30 18.68 ? 95  CYS A CA  1 
ATOM   635  C  C   A CYS A 1 96  ? 0.963   -6.319  -3.726  0.70 15.17 ? 95  CYS A C   1 
ATOM   636  C  C   B CYS A 1 96  ? 0.947   -6.496  -3.800  0.30 17.18 ? 95  CYS A C   1 
ATOM   637  O  O   A CYS A 1 96  ? 1.930   -6.748  -3.062  0.70 15.58 ? 95  CYS A O   1 
ATOM   638  O  O   B CYS A 1 96  ? 1.834   -7.205  -3.297  0.30 15.87 ? 95  CYS A O   1 
ATOM   639  C  CB  A CYS A 1 96  ? -0.455  -4.956  -2.186  0.70 16.20 ? 95  CYS A CB  1 
ATOM   640  C  CB  B CYS A 1 96  ? -0.256  -4.940  -2.231  0.30 20.20 ? 95  CYS A CB  1 
ATOM   641  S  SG  A CYS A 1 96  ? -0.002  -3.424  -3.006  0.70 16.40 ? 95  CYS A SG  1 
ATOM   642  S  SG  B CYS A 1 96  ? -1.827  -4.347  -1.511  0.30 29.18 ? 95  CYS A SG  1 
ATOM   643  N  N   . ARG A 1 97  ? 1.046   -5.972  -5.013  1.00 14.71 ? 96  ARG A N   1 
ATOM   644  C  CA  . ARG A 1 97  ? 2.297   -5.980  -5.750  1.00 14.60 ? 96  ARG A CA  1 
ATOM   645  C  C   . ARG A 1 97  ? 2.437   -4.652  -6.446  1.00 15.29 ? 96  ARG A C   1 
ATOM   646  O  O   . ARG A 1 97  ? 1.505   -4.190  -7.140  1.00 14.77 ? 96  ARG A O   1 
ATOM   647  C  CB  . ARG A 1 97  ? 2.342   -7.112  -6.782  1.00 16.51 ? 96  ARG A CB  1 
ATOM   648  C  CG  . ARG A 1 97  ? 3.634   -7.156  -7.554  1.00 16.48 ? 96  ARG A CG  1 
ATOM   649  C  CD  . ARG A 1 97  ? 3.643   -8.417  -8.413  1.00 23.12 ? 96  ARG A CD  1 
ATOM   650  N  NE  . ARG A 1 97  ? 4.841   -8.557  -9.200  1.00 29.89 ? 96  ARG A NE  1 
ATOM   651  C  CZ  . ARG A 1 97  ? 4.967   -8.162  -10.459 1.00 32.83 ? 96  ARG A CZ  1 
ATOM   652  N  NH1 . ARG A 1 97  ? 3.962   -7.565  -11.115 1.00 31.57 ? 96  ARG A NH1 1 
ATOM   653  N  NH2 . ARG A 1 97  ? 6.128   -8.362  -11.069 1.00 36.82 ? 96  ARG A NH2 1 
ATOM   654  N  N   . VAL A 1 98  ? 3.560   -3.989  -6.224  1.00 13.10 ? 97  VAL A N   1 
ATOM   655  C  CA  . VAL A 1 98  ? 3.838   -2.712  -6.852  1.00 14.06 ? 97  VAL A CA  1 
ATOM   656  C  C   . VAL A 1 98  ? 5.181   -2.808  -7.599  1.00 15.08 ? 97  VAL A C   1 
ATOM   657  O  O   . VAL A 1 98  ? 6.162   -3.314  -7.061  1.00 14.27 ? 97  VAL A O   1 
ATOM   658  C  CB  . VAL A 1 98  ? 3.855   -1.539  -5.846  1.00 15.37 ? 97  VAL A CB  1 
ATOM   659  C  CG1 . VAL A 1 98  ? 4.039   -0.188  -6.581  1.00 15.95 ? 97  VAL A CG1 1 
ATOM   660  C  CG2 . VAL A 1 98  ? 2.542   -1.519  -5.010  1.00 17.12 ? 97  VAL A CG2 1 
ATOM   661  N  N   . VAL A 1 99  ? 5.203   -2.312  -8.825  1.00 13.69 ? 98  VAL A N   1 
ATOM   662  C  CA  . VAL A 1 99  ? 6.359   -2.319  -9.699  1.00 13.43 ? 98  VAL A CA  1 
ATOM   663  C  C   . VAL A 1 99  ? 6.659   -0.879  -10.103 1.00 15.26 ? 98  VAL A C   1 
ATOM   664  O  O   . VAL A 1 99  ? 5.777   -0.154  -10.558 1.00 13.94 ? 98  VAL A O   1 
ATOM   665  C  CB  . VAL A 1 99  ? 6.168   -3.169  -10.969 1.00 15.01 ? 98  VAL A CB  1 
ATOM   666  C  CG1 . VAL A 1 99  ? 7.466   -3.189  -11.797 1.00 15.40 ? 98  VAL A CG1 1 
ATOM   667  C  CG2 . VAL A 1 99  ? 5.699   -4.573  -10.572 1.00 13.60 ? 98  VAL A CG2 1 
ATOM   668  N  N   . TRP A 1 100 ? 7.927   -0.495  -9.944  1.00 13.92 ? 99  TRP A N   1 
ATOM   669  C  CA  . TRP A 1 100 ? 8.460   0.746   -10.449 1.00 12.91 ? 99  TRP A CA  1 
ATOM   670  C  C   . TRP A 1 100 ? 9.603   0.453   -11.402 1.00 14.97 ? 99  TRP A C   1 
ATOM   671  O  O   . TRP A 1 100 ? 10.151  -0.631  -11.403 1.00 15.90 ? 99  TRP A O   1 
ATOM   672  C  CB  . TRP A 1 100 ? 9.052   1.604   -9.321  1.00 13.77 ? 99  TRP A CB  1 
ATOM   673  C  CG  . TRP A 1 100 ? 8.117   2.087   -8.245  1.00 13.79 ? 99  TRP A CG  1 
ATOM   674  C  CD1 . TRP A 1 100 ? 7.443   3.287   -8.222  1.00 15.16 ? 99  TRP A CD1 1 
ATOM   675  C  CD2 . TRP A 1 100 ? 7.774   1.416   -7.044  1.00 14.30 ? 99  TRP A CD2 1 
ATOM   676  N  NE1 . TRP A 1 100 ? 6.709   3.393   -7.069  1.00 14.54 ? 99  TRP A NE1 1 
ATOM   677  C  CE2 . TRP A 1 100 ? 6.864   2.258   -6.330  1.00 13.53 ? 99  TRP A CE2 1 
ATOM   678  C  CE3 . TRP A 1 100 ? 8.109   0.162   -6.485  1.00 15.14 ? 99  TRP A CE3 1 
ATOM   679  C  CZ2 . TRP A 1 100 ? 6.372   1.925   -5.065  1.00 16.58 ? 99  TRP A CZ2 1 
ATOM   680  C  CZ3 . TRP A 1 100 ? 7.570   -0.190  -5.266  1.00 17.53 ? 99  TRP A CZ3 1 
ATOM   681  C  CH2 . TRP A 1 100 ? 6.711   0.693   -4.549  1.00 16.65 ? 99  TRP A CH2 1 
ATOM   682  N  N   A ASP A 1 101 ? 10.011  1.459   -12.149 0.50 15.51 ? 100 ASP A N   1 
ATOM   683  N  N   B ASP A 1 101 ? 9.924   1.439   -12.243 0.50 16.74 ? 100 ASP A N   1 
ATOM   684  C  CA  A ASP A 1 101 ? 11.219  1.311   -12.934 0.50 15.82 ? 100 ASP A CA  1 
ATOM   685  C  CA  B ASP A 1 101 ? 11.105  1.394   -13.122 0.50 17.90 ? 100 ASP A CA  1 
ATOM   686  C  C   A ASP A 1 101 ? 12.077  2.543   -12.864 0.50 14.69 ? 100 ASP A C   1 
ATOM   687  C  C   B ASP A 1 101 ? 12.086  2.513   -12.763 0.50 16.94 ? 100 ASP A C   1 
ATOM   688  O  O   A ASP A 1 101 ? 11.619  3.636   -12.505 0.50 12.79 ? 100 ASP A O   1 
ATOM   689  O  O   B ASP A 1 101 ? 11.711  3.490   -12.076 0.50 16.15 ? 100 ASP A O   1 
ATOM   690  C  CB  A ASP A 1 101 ? 10.896  0.946   -14.363 0.50 14.38 ? 100 ASP A CB  1 
ATOM   691  C  CB  B ASP A 1 101 ? 10.710  1.536   -14.592 0.50 20.59 ? 100 ASP A CB  1 
ATOM   692  C  CG  A ASP A 1 101 ? 9.878   1.885   -14.993 0.50 20.12 ? 100 ASP A CG  1 
ATOM   693  C  CG  B ASP A 1 101 ? 10.009  0.292   -15.149 0.50 25.92 ? 100 ASP A CG  1 
ATOM   694  O  OD1 A ASP A 1 101 ? 9.926   3.082   -14.691 0.50 20.46 ? 100 ASP A OD1 1 
ATOM   695  O  OD1 B ASP A 1 101 ? 10.235  -0.815  -14.640 0.50 32.02 ? 100 ASP A OD1 1 
ATOM   696  O  OD2 A ASP A 1 101 ? 9.047   1.423   -15.800 0.50 26.55 ? 100 ASP A OD2 1 
ATOM   697  O  OD2 B ASP A 1 101 ? 9.249   0.431   -16.129 0.50 42.77 ? 100 ASP A OD2 1 
ATOM   698  N  N   . TRP A 1 102 ? 13.348  2.333   -13.176 1.00 14.86 ? 101 TRP A N   1 
ATOM   699  C  CA  . TRP A 1 102 ? 14.311  3.417   -13.208 1.00 13.78 ? 101 TRP A CA  1 
ATOM   700  C  C   . TRP A 1 102 ? 15.062  3.456   -14.526 1.00 14.39 ? 101 TRP A C   1 
ATOM   701  O  O   . TRP A 1 102 ? 15.156  2.441   -15.247 1.00 12.79 ? 101 TRP A O   1 
ATOM   702  C  CB  . TRP A 1 102 ? 15.272  3.363   -12.002 1.00 15.42 ? 101 TRP A CB  1 
ATOM   703  C  CG  . TRP A 1 102 ? 16.544  2.491   -12.183 1.00 13.33 ? 101 TRP A CG  1 
ATOM   704  C  CD1 . TRP A 1 102 ? 17.739  2.860   -12.769 1.00 15.67 ? 101 TRP A CD1 1 
ATOM   705  C  CD2 . TRP A 1 102 ? 16.715  1.150   -11.732 1.00 15.79 ? 101 TRP A CD2 1 
ATOM   706  N  NE1 . TRP A 1 102 ? 18.621  1.810   -12.719 1.00 19.89 ? 101 TRP A NE1 1 
ATOM   707  C  CE2 . TRP A 1 102 ? 18.008  0.750   -12.093 1.00 14.61 ? 101 TRP A CE2 1 
ATOM   708  C  CE3 . TRP A 1 102 ? 15.874  0.238   -11.083 1.00 14.47 ? 101 TRP A CE3 1 
ATOM   709  C  CZ2 . TRP A 1 102 ? 18.486  -0.542  -11.822 1.00 17.39 ? 101 TRP A CZ2 1 
ATOM   710  C  CZ3 . TRP A 1 102 ? 16.346  -1.034  -10.793 1.00 20.18 ? 101 TRP A CZ3 1 
ATOM   711  C  CH2 . TRP A 1 102 ? 17.645  -1.408  -11.163 1.00 18.18 ? 101 TRP A CH2 1 
ATOM   712  N  N   . ALA A 1 103 ? 15.662  4.613   -14.797 1.00 16.33 ? 102 ALA A N   1 
ATOM   713  C  CA  . ALA A 1 103 ? 16.543  4.796   -15.930 1.00 17.17 ? 102 ALA A CA  1 
ATOM   714  C  C   . ALA A 1 103 ? 17.648  5.764   -15.534 1.00 15.40 ? 102 ALA A C   1 
ATOM   715  O  O   . ALA A 1 103 ? 17.439  6.689   -14.761 1.00 15.26 ? 102 ALA A O   1 
ATOM   716  C  CB  . ALA A 1 103 ? 15.772  5.313   -17.138 1.00 19.72 ? 102 ALA A CB  1 
ATOM   717  N  N   A LYS A 1 104 ? 18.824  5.546   -16.122 0.50 16.77 ? 103 LYS A N   1 
ATOM   718  N  N   B LYS A 1 104 ? 18.871  5.524   -16.003 0.50 17.44 ? 103 LYS A N   1 
ATOM   719  C  CA  A LYS A 1 104 ? 19.971  6.425   -15.927 0.50 16.13 ? 103 LYS A CA  1 
ATOM   720  C  CA  B LYS A 1 104 ? 19.962  6.435   -15.641 0.50 17.78 ? 103 LYS A CA  1 
ATOM   721  C  C   A LYS A 1 104 ? 19.601  7.823   -16.396 0.50 16.49 ? 103 LYS A C   1 
ATOM   722  C  C   B LYS A 1 104 ? 19.715  7.755   -16.361 0.50 17.14 ? 103 LYS A C   1 
ATOM   723  O  O   A LYS A 1 104 ? 18.868  7.977   -17.379 0.50 19.09 ? 103 LYS A O   1 
ATOM   724  O  O   B LYS A 1 104 ? 19.184  7.773   -17.469 0.50 19.24 ? 103 LYS A O   1 
ATOM   725  C  CB  A LYS A 1 104 ? 21.184  5.921   -16.728 0.50 15.80 ? 103 LYS A CB  1 
ATOM   726  C  CB  B LYS A 1 104 ? 21.362  5.877   -15.945 0.50 18.63 ? 103 LYS A CB  1 
ATOM   727  C  CG  A LYS A 1 104 ? 22.383  6.837   -16.638 0.50 17.50 ? 103 LYS A CG  1 
ATOM   728  C  CG  B LYS A 1 104 ? 21.628  5.530   -17.382 0.50 23.95 ? 103 LYS A CG  1 
ATOM   729  C  CD  A LYS A 1 104 ? 23.618  6.237   -17.287 0.50 16.92 ? 103 LYS A CD  1 
ATOM   730  C  CD  B LYS A 1 104 ? 22.967  4.824   -17.501 0.50 21.27 ? 103 LYS A CD  1 
ATOM   731  C  CE  A LYS A 1 104 ? 24.843  7.094   -16.976 0.50 20.69 ? 103 LYS A CE  1 
ATOM   732  C  CE  B LYS A 1 104 ? 23.194  4.262   -18.888 0.50 28.04 ? 103 LYS A CE  1 
ATOM   733  N  NZ  A LYS A 1 104 ? 24.727  8.393   -17.627 0.50 19.66 ? 103 LYS A NZ  1 
ATOM   734  N  NZ  B LYS A 1 104 ? 24.297  3.265   -18.894 0.50 24.66 ? 103 LYS A NZ  1 
ATOM   735  N  N   . ALA A 1 105 ? 20.089  8.840   -15.683 1.00 16.85 ? 104 ALA A N   1 
ATOM   736  C  CA  . ALA A 1 105 ? 19.893  10.230  -16.099 1.00 20.77 ? 104 ALA A CA  1 
ATOM   737  C  C   . ALA A 1 105 ? 21.184  10.944  -15.762 1.00 20.22 ? 104 ALA A C   1 
ATOM   738  O  O   . ALA A 1 105 ? 21.323  11.492  -14.666 1.00 20.10 ? 104 ALA A O   1 
ATOM   739  C  CB  . ALA A 1 105 ? 18.738  10.854  -15.353 1.00 20.93 ? 104 ALA A CB  1 
ATOM   740  N  N   . GLY A 1 106 ? 22.157  10.857  -16.665 1.00 23.49 ? 105 GLY A N   1 
ATOM   741  C  CA  . GLY A 1 106 ? 23.476  11.415  -16.402 1.00 22.88 ? 105 GLY A CA  1 
ATOM   742  C  C   . GLY A 1 106 ? 24.116  10.735  -15.216 1.00 20.73 ? 105 GLY A C   1 
ATOM   743  O  O   . GLY A 1 106 ? 24.246  9.513   -15.195 1.00 22.42 ? 105 GLY A O   1 
ATOM   744  N  N   . PRO A 1 107 ? 24.483  11.519  -14.170 1.00 17.33 ? 106 PRO A N   1 
ATOM   745  C  CA  . PRO A 1 107 ? 25.159  10.900  -13.021 1.00 17.83 ? 106 PRO A CA  1 
ATOM   746  C  C   . PRO A 1 107 ? 24.240  10.209  -12.005 1.00 16.19 ? 106 PRO A C   1 
ATOM   747  O  O   . PRO A 1 107 ? 24.726  9.574   -11.056 1.00 15.93 ? 106 PRO A O   1 
ATOM   748  C  CB  . PRO A 1 107 ? 25.810  12.096  -12.333 1.00 17.58 ? 106 PRO A CB  1 
ATOM   749  C  CG  . PRO A 1 107 ? 24.885  13.207  -12.608 1.00 18.13 ? 106 PRO A CG  1 
ATOM   750  C  CD  . PRO A 1 107 ? 24.350  12.975  -13.997 1.00 18.29 ? 106 PRO A CD  1 
ATOM   751  N  N   . VAL A 1 108 ? 22.924  10.342  -12.181 1.00 14.26 ? 107 VAL A N   1 
ATOM   752  C  CA  . VAL A 1 108 ? 21.970  9.789   -11.240 1.00 14.33 ? 107 VAL A CA  1 
ATOM   753  C  C   . VAL A 1 108 ? 20.900  9.004   -12.023 1.00 14.39 ? 107 VAL A C   1 
ATOM   754  O  O   . VAL A 1 108 ? 21.132  8.625   -13.197 1.00 15.91 ? 107 VAL A O   1 
ATOM   755  C  CB  . VAL A 1 108 ? 21.366  10.881  -10.302 1.00 18.42 ? 107 VAL A CB  1 
ATOM   756  C  CG1 . VAL A 1 108 ? 22.467  11.467  -9.404  1.00 19.22 ? 107 VAL A CG1 1 
ATOM   757  C  CG2 . VAL A 1 108 ? 20.683  11.965  -11.104 1.00 17.20 ? 107 VAL A CG2 1 
ATOM   758  N  N   . TYR A 1 109 ? 19.770  8.708   -11.387 1.00 13.04 ? 108 TYR A N   1 
ATOM   759  C  CA  . TYR A 1 109 ? 18.671  8.006   -12.056 1.00 12.73 ? 108 TYR A CA  1 
ATOM   760  C  C   . TYR A 1 109 ? 17.367  8.736   -11.835 1.00 14.03 ? 108 TYR A C   1 
ATOM   761  O  O   . TYR A 1 109 ? 17.234  9.517   -10.903 1.00 14.01 ? 108 TYR A O   1 
ATOM   762  C  CB  . TYR A 1 109 ? 18.540  6.547   -11.558 1.00 13.10 ? 108 TYR A CB  1 
ATOM   763  C  CG  . TYR A 1 109 ? 18.310  6.430   -10.050 1.00 13.64 ? 108 TYR A CG  1 
ATOM   764  C  CD1 . TYR A 1 109 ? 17.045  6.436   -9.489  1.00 17.38 ? 108 TYR A CD1 1 
ATOM   765  C  CD2 . TYR A 1 109 ? 19.392  6.311   -9.194  1.00 14.31 ? 108 TYR A CD2 1 
ATOM   766  C  CE1 . TYR A 1 109 ? 16.894  6.346   -8.111  1.00 17.90 ? 108 TYR A CE1 1 
ATOM   767  C  CE2 . TYR A 1 109 ? 19.252  6.238   -7.834  1.00 14.86 ? 108 TYR A CE2 1 
ATOM   768  C  CZ  . TYR A 1 109 ? 17.999  6.256   -7.293  1.00 17.77 ? 108 TYR A CZ  1 
ATOM   769  O  OH  . TYR A 1 109 ? 18.021  6.150   -5.912  1.00 24.05 ? 108 TYR A OH  1 
ATOM   770  N  N   . GLU A 1 110 ? 16.416  8.450   -12.694 1.00 14.78 ? 109 GLU A N   1 
ATOM   771  C  CA  . GLU A 1 110 ? 15.040  8.911   -12.566 1.00 15.86 ? 109 GLU A CA  1 
ATOM   772  C  C   . GLU A 1 110 ? 14.104  7.704   -12.556 1.00 16.69 ? 109 GLU A C   1 
ATOM   773  O  O   . GLU A 1 110 ? 14.439  6.620   -13.052 1.00 15.48 ? 109 GLU A O   1 
ATOM   774  C  CB  . GLU A 1 110 ? 14.727  9.889   -13.707 1.00 15.37 ? 109 GLU A CB  1 
ATOM   775  C  CG  . GLU A 1 110 ? 15.632  11.131  -13.661 1.00 25.06 ? 109 GLU A CG  1 
ATOM   776  C  CD  . GLU A 1 110 ? 15.349  12.157  -14.774 1.00 29.70 ? 109 GLU A CD  1 
ATOM   777  O  OE1 . GLU A 1 110 ? 14.515  11.804  -15.651 1.00 32.77 ? 109 GLU A OE1 1 
ATOM   778  O  OE2 . GLU A 1 110 ? 16.000  13.261  -14.777 1.00 28.04 ? 109 GLU A OE2 1 
ATOM   779  N  N   . THR A 1 111 ? 12.949  7.865   -11.933 1.00 13.98 ? 110 THR A N   1 
ATOM   780  C  CA  . THR A 1 111 ? 12.092  6.730   -11.640 1.00 13.56 ? 110 THR A CA  1 
ATOM   781  C  C   . THR A 1 111 ? 10.664  7.018   -12.080 1.00 14.16 ? 110 THR A C   1 
ATOM   782  O  O   . THR A 1 111 ? 10.272  8.181   -12.387 1.00 14.53 ? 110 THR A O   1 
ATOM   783  C  CB  . THR A 1 111 ? 12.102  6.442   -10.123 1.00 17.03 ? 110 THR A CB  1 
ATOM   784  O  OG1 . THR A 1 111 ? 11.491  7.566   -9.461  1.00 18.42 ? 110 THR A OG1 1 
ATOM   785  C  CG2 . THR A 1 111 ? 13.558  6.243   -9.619  1.00 18.26 ? 110 THR A CG2 1 
ATOM   786  N  N   . GLY A 1 112 ? 9.852   5.957   -12.085 1.00 16.01 ? 111 GLY A N   1 
ATOM   787  C  CA  . GLY A 1 112 ? 8.421   6.120   -12.209 1.00 17.62 ? 111 GLY A CA  1 
ATOM   788  C  C   . GLY A 1 112 ? 7.694   4.841   -11.882 1.00 16.97 ? 111 GLY A C   1 
ATOM   789  O  O   . GLY A 1 112 ? 8.320   3.759   -11.852 1.00 15.41 ? 111 GLY A O   1 
ATOM   790  N  N   . PRO A 1 113 ? 6.374   4.941   -11.654 1.00 14.36 ? 112 PRO A N   1 
ATOM   791  C  CA  . PRO A 1 113 ? 5.563   3.791   -11.383 1.00 13.53 ? 112 PRO A CA  1 
ATOM   792  C  C   . PRO A 1 113 ? 5.279   3.003   -12.645 1.00 14.38 ? 112 PRO A C   1 
ATOM   793  O  O   . PRO A 1 113 ? 5.146   3.602   -13.715 1.00 16.26 ? 112 PRO A O   1 
ATOM   794  C  CB  . PRO A 1 113 ? 4.283   4.427   -10.822 1.00 15.88 ? 112 PRO A CB  1 
ATOM   795  C  CG  . PRO A 1 113 ? 4.196   5.673   -11.542 1.00 15.02 ? 112 PRO A CG  1 
ATOM   796  C  CD  . PRO A 1 113 ? 5.567   6.182   -11.669 1.00 15.73 ? 112 PRO A CD  1 
ATOM   797  N  N   . LYS A 1 114 ? 5.172   1.682   -12.526 1.00 14.84 ? 113 LYS A N   1 
ATOM   798  C  CA  . LYS A 1 114 ? 4.798   0.810   -13.630 1.00 18.26 ? 113 LYS A CA  1 
ATOM   799  C  C   . LYS A 1 114 ? 3.458   0.108   -13.426 1.00 18.72 ? 113 LYS A C   1 
ATOM   800  O  O   . LYS A 1 114 ? 2.621   0.085   -14.356 1.00 17.78 ? 113 LYS A O   1 
ATOM   801  C  CB  . LYS A 1 114 ? 5.901   -0.203  -13.887 1.00 18.25 ? 113 LYS A CB  1 
ATOM   802  C  CG  . LYS A 1 114 ? 5.733   -1.064  -15.139 1.00 27.17 ? 113 LYS A CG  1 
ATOM   803  C  CD  . LYS A 1 114 ? 6.966   -1.980  -15.215 1.00 31.46 ? 113 LYS A CD  1 
ATOM   804  C  CE  . LYS A 1 114 ? 7.131   -2.705  -16.531 1.00 43.83 ? 113 LYS A CE  1 
ATOM   805  N  NZ  . LYS A 1 114 ? 8.612   -2.924  -16.745 1.00 47.52 ? 113 LYS A NZ  1 
ATOM   806  N  N   . SER A 1 115 ? 3.231   -0.454  -12.241 1.00 14.93 ? 114 SER A N   1 
ATOM   807  C  CA  . SER A 1 115 ? 1.981   -1.205  -12.014 1.00 16.63 ? 114 SER A CA  1 
ATOM   808  C  C   . SER A 1 115 ? 1.635   -1.333  -10.549 1.00 16.84 ? 114 SER A C   1 
ATOM   809  O  O   . SER A 1 115 ? 2.512   -1.393  -9.696  1.00 15.31 ? 114 SER A O   1 
ATOM   810  C  CB  . SER A 1 115 ? 2.011   -2.588  -12.655 1.00 18.73 ? 114 SER A CB  1 
ATOM   811  O  OG  . SER A 1 115 ? 2.922   -3.437  -12.076 1.00 20.12 ? 114 SER A OG  1 
ATOM   812  N  N   . PHE A 1 116 ? 0.338   -1.380  -10.298 1.00 14.98 ? 115 PHE A N   1 
ATOM   813  C  CA  . PHE A 1 116 ? -0.226  -1.623  -8.985  1.00 15.15 ? 115 PHE A CA  1 
ATOM   814  C  C   . PHE A 1 116 ? -1.307  -2.703  -9.065  1.00 16.03 ? 115 PHE A C   1 
ATOM   815  O  O   . PHE A 1 116 ? -2.212  -2.580  -9.871  1.00 15.46 ? 115 PHE A O   1 
ATOM   816  C  CB  . PHE A 1 116 ? -0.933  -0.382  -8.452  1.00 15.80 ? 115 PHE A CB  1 
ATOM   817  C  CG  . PHE A 1 116 ? -0.009  0.709   -7.963  1.00 15.87 ? 115 PHE A CG  1 
ATOM   818  C  CD1 . PHE A 1 116 ? 0.583   1.597   -8.841  1.00 20.16 ? 115 PHE A CD1 1 
ATOM   819  C  CD2 . PHE A 1 116 ? 0.233   0.828   -6.586  1.00 18.34 ? 115 PHE A CD2 1 
ATOM   820  C  CE1 . PHE A 1 116 ? 1.439   2.602   -8.366  1.00 19.68 ? 115 PHE A CE1 1 
ATOM   821  C  CE2 . PHE A 1 116 ? 1.057   1.838   -6.129  1.00 20.13 ? 115 PHE A CE2 1 
ATOM   822  C  CZ  . PHE A 1 116 ? 1.674   2.680   -7.007  1.00 17.55 ? 115 PHE A CZ  1 
ATOM   823  N  N   . GLU A 1 117 ? -1.222  -3.721  -8.205  1.00 14.97 ? 116 GLU A N   1 
ATOM   824  C  CA  . GLU A 1 117 ? -2.180  -4.829  -8.200  1.00 16.42 ? 116 GLU A CA  1 
ATOM   825  C  C   . GLU A 1 117 ? -2.543  -5.126  -6.771  1.00 17.28 ? 116 GLU A C   1 
ATOM   826  O  O   . GLU A 1 117 ? -1.635  -5.219  -5.908  1.00 17.09 ? 116 GLU A O   1 
ATOM   827  C  CB  . GLU A 1 117 ? -1.557  -6.065  -8.882  1.00 17.30 ? 116 GLU A CB  1 
ATOM   828  C  CG  . GLU A 1 117 ? -1.219  -5.847  -10.346 1.00 23.04 ? 116 GLU A CG  1 
ATOM   829  C  CD  . GLU A 1 117 ? -0.347  -6.958  -11.004 1.00 30.38 ? 116 GLU A CD  1 
ATOM   830  O  OE1 . GLU A 1 117 ? 0.723   -7.380  -10.433 1.00 35.85 ? 116 GLU A OE1 1 
ATOM   831  O  OE2 . GLU A 1 117 ? -0.705  -7.328  -12.153 1.00 48.35 ? 116 GLU A OE2 1 
ATOM   832  N  N   . ILE A 1 118 ? -3.835  -5.248  -6.493  1.00 15.10 ? 117 ILE A N   1 
ATOM   833  C  CA  . ILE A 1 118 ? -4.346  -5.583  -5.145  1.00 14.82 ? 117 ILE A CA  1 
ATOM   834  C  C   . ILE A 1 118 ? -5.369  -6.725  -5.296  1.00 17.84 ? 117 ILE A C   1 
ATOM   835  O  O   . ILE A 1 118 ? -6.371  -6.558  -5.964  1.00 17.91 ? 117 ILE A O   1 
ATOM   836  C  CB  . ILE A 1 118 ? -4.992  -4.375  -4.430  1.00 16.64 ? 117 ILE A CB  1 
ATOM   837  C  CG1 . ILE A 1 118 ? -3.928  -3.288  -4.262  1.00 17.31 ? 117 ILE A CG1 1 
ATOM   838  C  CG2 . ILE A 1 118 ? -5.572  -4.804  -3.085  1.00 19.46 ? 117 ILE A CG2 1 
ATOM   839  C  CD1 . ILE A 1 118 ? -4.399  -2.028  -3.559  1.00 22.45 ? 117 ILE A CD1 1 
ATOM   840  N  N   . ASP A 1 119 ? -5.038  -7.881  -4.726  1.00 15.59 ? 118 ASP A N   1 
ATOM   841  C  CA  . ASP A 1 119 ? -5.911  -9.081  -4.750  1.00 15.91 ? 118 ASP A CA  1 
ATOM   842  C  C   . ASP A 1 119 ? -6.468  -9.288  -3.349  1.00 17.96 ? 118 ASP A C   1 
ATOM   843  O  O   . ASP A 1 119 ? -5.727  -9.330  -2.367  1.00 18.23 ? 118 ASP A O   1 
ATOM   844  C  CB  . ASP A 1 119 ? -5.128  -10.305 -5.146  1.00 18.10 ? 118 ASP A CB  1 
ATOM   845  C  CG  . ASP A 1 119 ? -4.739  -10.306 -6.626  1.00 23.98 ? 118 ASP A CG  1 
ATOM   846  O  OD1 . ASP A 1 119 ? -5.274  -9.523  -7.419  1.00 22.94 ? 118 ASP A OD1 1 
ATOM   847  O  OD2 . ASP A 1 119 ? -3.923  -11.183 -6.995  1.00 29.75 ? 118 ASP A OD2 1 
ATOM   848  N  N   . ILE A 1 120 ? -7.775  -9.467  -3.269  1.00 15.45 ? 119 ILE A N   1 
ATOM   849  C  CA  . ILE A 1 120 ? -8.469  -9.447  -2.005  1.00 14.92 ? 119 ILE A CA  1 
ATOM   850  C  C   . ILE A 1 120 ? -9.167  -10.792 -1.790  1.00 15.98 ? 119 ILE A C   1 
ATOM   851  O  O   . ILE A 1 120 ? -9.877  -11.283 -2.682  1.00 16.74 ? 119 ILE A O   1 
ATOM   852  C  CB  . ILE A 1 120 ? -9.476  -8.308  -2.022  1.00 15.43 ? 119 ILE A CB  1 
ATOM   853  C  CG1 . ILE A 1 120 ? -8.768  -6.936  -2.092  1.00 18.46 ? 119 ILE A CG1 1 
ATOM   854  C  CG2 . ILE A 1 120 ? -10.379 -8.405  -0.770  1.00 14.60 ? 119 ILE A CG2 1 
ATOM   855  C  CD1 . ILE A 1 120 ? -9.601  -5.794  -2.579  1.00 18.47 ? 119 ILE A CD1 1 
ATOM   856  N  N   . ILE A 1 121 ? -8.959  -11.373 -0.606  1.00 14.65 ? 120 ILE A N   1 
ATOM   857  C  CA  . ILE A 1 121 ? -9.587  -12.636 -0.193  1.00 16.25 ? 120 ILE A CA  1 
ATOM   858  C  C   . ILE A 1 121 ? -10.424 -12.397 1.054   1.00 16.38 ? 120 ILE A C   1 
ATOM   859  O  O   . ILE A 1 121 ? -9.892  -12.104 2.153   1.00 16.08 ? 120 ILE A O   1 
ATOM   860  C  CB  . ILE A 1 121 ? -8.546  -13.745 0.088   1.00 17.14 ? 120 ILE A CB  1 
ATOM   861  C  CG1 . ILE A 1 121 ? -7.632  -13.898 -1.126  1.00 18.98 ? 120 ILE A CG1 1 
ATOM   862  C  CG2 . ILE A 1 121 ? -9.287  -15.041 0.459   1.00 18.15 ? 120 ILE A CG2 1 
ATOM   863  C  CD1 . ILE A 1 121 ? -6.440  -14.865 -0.880  1.00 26.26 ? 120 ILE A CD1 1 
ATOM   864  N  N   . LEU A 1 122 ? -11.741 -12.497 0.873   1.00 15.98 ? 121 LEU A N   1 
ATOM   865  C  CA  . LEU A 1 122 ? -12.688 -12.179 1.950   1.00 16.29 ? 121 LEU A CA  1 
ATOM   866  C  C   . LEU A 1 122 ? -13.212 -13.354 2.762   1.00 17.73 ? 121 LEU A C   1 
ATOM   867  O  O   . LEU A 1 122 ? -13.749 -13.134 3.882   1.00 17.26 ? 121 LEU A O   1 
ATOM   868  C  CB  . LEU A 1 122 ? -13.897 -11.399 1.397   1.00 15.33 ? 121 LEU A CB  1 
ATOM   869  C  CG  . LEU A 1 122 ? -13.666 -10.090 0.662   1.00 12.82 ? 121 LEU A CG  1 
ATOM   870  C  CD1 . LEU A 1 122 ? -14.976 -9.440  0.162   1.00 16.38 ? 121 LEU A CD1 1 
ATOM   871  C  CD2 . LEU A 1 122 ? -12.875 -9.058  1.595   1.00 14.71 ? 121 LEU A CD2 1 
ATOM   872  N  N   . HIS A 1 123 ? -13.168 -14.566 2.197   1.00 16.94 ? 122 HIS A N   1 
ATOM   873  C  CA  . HIS A 1 123 ? -13.781 -15.747 2.825   1.00 16.26 ? 122 HIS A CA  1 
ATOM   874  C  C   . HIS A 1 123 ? -15.209 -15.428 3.264   1.00 17.80 ? 122 HIS A C   1 
ATOM   875  O  O   . HIS A 1 123 ? -15.605 -15.714 4.388   1.00 18.55 ? 122 HIS A O   1 
ATOM   876  C  CB  . HIS A 1 123 ? -12.974 -16.270 4.013   1.00 17.50 ? 122 HIS A CB  1 
ATOM   877  C  CG  . HIS A 1 123 ? -11.549 -16.564 3.691   1.00 19.40 ? 122 HIS A CG  1 
ATOM   878  N  ND1 . HIS A 1 123 ? -10.509 -15.791 4.162   1.00 22.70 ? 122 HIS A ND1 1 
ATOM   879  C  CD2 . HIS A 1 123 ? -10.988 -17.538 2.932   1.00 24.77 ? 122 HIS A CD2 1 
ATOM   880  C  CE1 . HIS A 1 123 ? -9.365  -16.289 3.727   1.00 23.74 ? 122 HIS A CE1 1 
ATOM   881  N  NE2 . HIS A 1 123 ? -9.623  -17.340 2.977   1.00 21.83 ? 122 HIS A NE2 1 
ATOM   882  N  N   . SER A 1 124 ? -15.987 -14.834 2.368   1.00 15.32 ? 123 SER A N   1 
ATOM   883  C  CA  . SER A 1 124 ? -17.298 -14.322 2.701   1.00 15.29 ? 123 SER A CA  1 
ATOM   884  C  C   . SER A 1 124 ? -18.398 -15.269 2.255   1.00 14.83 ? 123 SER A C   1 
ATOM   885  O  O   . SER A 1 124 ? -18.306 -15.832 1.174   1.00 17.77 ? 123 SER A O   1 
ATOM   886  C  CB  . SER A 1 124 ? -17.495 -12.985 1.954   1.00 16.00 ? 123 SER A CB  1 
ATOM   887  O  OG  . SER A 1 124 ? -18.840 -12.520 1.989   1.00 16.07 ? 123 SER A OG  1 
ATOM   888  N  N   . PRO A 1 125 ? -19.464 -15.417 3.053   1.00 14.43 ? 124 PRO A N   1 
ATOM   889  C  CA  . PRO A 1 125 ? -20.611 -16.216 2.647   1.00 15.66 ? 124 PRO A CA  1 
ATOM   890  C  C   . PRO A 1 125 ? -21.677 -15.449 1.848   1.00 16.25 ? 124 PRO A C   1 
ATOM   891  O  O   . PRO A 1 125 ? -22.778 -15.975 1.635   1.00 19.76 ? 124 PRO A O   1 
ATOM   892  C  CB  . PRO A 1 125 ? -21.195 -16.626 3.981   1.00 16.10 ? 124 PRO A CB  1 
ATOM   893  C  CG  . PRO A 1 125 ? -20.996 -15.415 4.810   1.00 17.19 ? 124 PRO A CG  1 
ATOM   894  C  CD  . PRO A 1 125 ? -19.639 -14.900 4.426   1.00 16.43 ? 124 PRO A CD  1 
ATOM   895  N  N   . ASP A 1 126 ? -21.374 -14.204 1.478   1.00 15.70 ? 125 ASP A N   1 
ATOM   896  C  CA  . ASP A 1 126 ? -22.327 -13.292 0.860   1.00 14.65 ? 125 ASP A CA  1 
ATOM   897  C  C   . ASP A 1 126 ? -22.260 -13.271 -0.669  1.00 14.82 ? 125 ASP A C   1 
ATOM   898  O  O   . ASP A 1 126 ? -21.298 -13.788 -1.251  1.00 13.78 ? 125 ASP A O   1 
ATOM   899  C  CB  . ASP A 1 126 ? -22.082 -11.897 1.400   1.00 14.18 ? 125 ASP A CB  1 
ATOM   900  C  CG  . ASP A 1 126 ? -22.142 -11.864 2.916   1.00 19.85 ? 125 ASP A CG  1 
ATOM   901  O  OD1 . ASP A 1 126 ? -23.222 -12.036 3.479   1.00 19.61 ? 125 ASP A OD1 1 
ATOM   902  O  OD2 . ASP A 1 126 ? -21.100 -11.703 3.552   1.00 17.25 ? 125 ASP A OD2 1 
ATOM   903  N  N   . PRO A 1 127 ? -23.258 -12.649 -1.330  1.00 13.76 ? 126 PRO A N   1 
ATOM   904  C  CA  . PRO A 1 127 ? -23.213 -12.542 -2.779  1.00 14.74 ? 126 PRO A CA  1 
ATOM   905  C  C   . PRO A 1 127 ? -21.984 -11.800 -3.258  1.00 15.18 ? 126 PRO A C   1 
ATOM   906  O  O   . PRO A 1 127 ? -21.501 -10.861 -2.602  1.00 16.10 ? 126 PRO A O   1 
ATOM   907  C  CB  . PRO A 1 127 ? -24.503 -11.764 -3.124  1.00 15.63 ? 126 PRO A CB  1 
ATOM   908  C  CG  . PRO A 1 127 ? -25.454 -12.088 -2.041  1.00 16.31 ? 126 PRO A CG  1 
ATOM   909  C  CD  . PRO A 1 127 ? -24.547 -12.127 -0.805  1.00 15.01 ? 126 PRO A CD  1 
ATOM   910  N  N   . ILE A 1 128 ? -21.499 -12.218 -4.414  1.00 15.40 ? 127 ILE A N   1 
ATOM   911  C  CA  . ILE A 1 128 ? -20.319 -11.570 -5.014  1.00 16.08 ? 127 ILE A CA  1 
ATOM   912  C  C   . ILE A 1 128 ? -20.565 -10.057 -5.201  1.00 15.03 ? 127 ILE A C   1 
ATOM   913  O  O   . ILE A 1 128 ? -19.670 -9.266  -4.951  1.00 15.59 ? 127 ILE A O   1 
ATOM   914  C  CB  . ILE A 1 128 ? -19.926 -12.248 -6.362  1.00 17.47 ? 127 ILE A CB  1 
ATOM   915  C  CG1 . ILE A 1 128 ? -19.301 -13.621 -6.069  1.00 16.51 ? 127 ILE A CG1 1 
ATOM   916  C  CG2 . ILE A 1 128 ? -18.936 -11.383 -7.170  1.00 18.60 ? 127 ILE A CG2 1 
ATOM   917  C  CD1 . ILE A 1 128 ? -19.270 -14.532 -7.321  1.00 22.86 ? 127 ILE A CD1 1 
ATOM   918  N  N   A GLU A 1 129 ? -21.781 -9.691  -5.611  0.50 16.20 ? 128 GLU A N   1 
ATOM   919  N  N   B GLU A 1 129 ? -21.750 -9.651  -5.619  0.50 16.18 ? 128 GLU A N   1 
ATOM   920  C  CA  A GLU A 1 129 ? -22.179 -8.270  -5.820  0.50 18.35 ? 128 GLU A CA  1 
ATOM   921  C  CA  B GLU A 1 129 ? -21.945 -8.217  -5.876  0.50 17.94 ? 128 GLU A CA  1 
ATOM   922  C  C   A GLU A 1 129 ? -22.003 -7.429  -4.543  0.50 17.72 ? 128 GLU A C   1 
ATOM   923  C  C   B GLU A 1 129 ? -21.909 -7.422  -4.530  0.50 17.33 ? 128 GLU A C   1 
ATOM   924  O  O   A GLU A 1 129 ? -21.625 -6.247  -4.585  0.50 17.34 ? 128 GLU A O   1 
ATOM   925  O  O   B GLU A 1 129 ? -21.450 -6.266  -4.511  0.50 15.67 ? 128 GLU A O   1 
ATOM   926  C  CB  A GLU A 1 129 ? -23.654 -8.138  -6.257  0.50 19.27 ? 128 GLU A CB  1 
ATOM   927  C  CB  B GLU A 1 129 ? -23.214 -7.938  -6.703  0.50 18.36 ? 128 GLU A CB  1 
ATOM   928  C  CG  A GLU A 1 129 ? -24.126 -9.111  -7.313  0.50 33.50 ? 128 GLU A CG  1 
ATOM   929  C  CG  B GLU A 1 129 ? -23.545 -8.973  -7.799  0.50 30.38 ? 128 GLU A CG  1 
ATOM   930  C  CD  A GLU A 1 129 ? -24.621 -10.397 -6.703  0.50 25.64 ? 128 GLU A CD  1 
ATOM   931  C  CD  B GLU A 1 129 ? -22.988 -8.678  -9.166  0.50 43.11 ? 128 GLU A CD  1 
ATOM   932  O  OE1 A GLU A 1 129 ? -25.826 -10.464 -6.322  0.50 36.30 ? 128 GLU A OE1 1 
ATOM   933  O  OE1 B GLU A 1 129 ? -23.655 -9.098  -10.155 0.50 38.11 ? 128 GLU A OE1 1 
ATOM   934  O  OE2 A GLU A 1 129 ? -23.800 -11.319 -6.614  0.50 16.81 ? 128 GLU A OE2 1 
ATOM   935  O  OE2 B GLU A 1 129 ? -21.906 -8.056  -9.259  0.50 42.59 ? 128 GLU A OE2 1 
ATOM   936  N  N   . ALA A 1 130 ? -22.317 -8.047  -3.410  1.00 14.63 ? 129 ALA A N   1 
ATOM   937  C  CA  . ALA A 1 130 ? -22.181 -7.388  -2.099  1.00 16.67 ? 129 ALA A CA  1 
ATOM   938  C  C   . ALA A 1 130 ? -20.698 -7.177  -1.746  1.00 14.81 ? 129 ALA A C   1 
ATOM   939  O  O   . ALA A 1 130 ? -20.283 -6.137  -1.180  1.00 14.95 ? 129 ALA A O   1 
ATOM   940  C  CB  . ALA A 1 130 ? -22.901 -8.205  -0.984  1.00 14.52 ? 129 ALA A CB  1 
ATOM   941  N  N   . GLN A 1 131 ? -19.894 -8.199  -2.068  1.00 13.82 ? 130 GLN A N   1 
ATOM   942  C  CA  . GLN A 1 131 ? -18.449 -8.151  -1.843  1.00 13.79 ? 130 GLN A CA  1 
ATOM   943  C  C   . GLN A 1 131 ? -17.805 -7.086  -2.727  1.00 15.01 ? 130 GLN A C   1 
ATOM   944  O  O   . GLN A 1 131 ? -16.939 -6.321  -2.304  1.00 15.77 ? 130 GLN A O   1 
ATOM   945  C  CB  . GLN A 1 131 ? -17.849 -9.510  -2.130  1.00 13.41 ? 130 GLN A CB  1 
ATOM   946  C  CG  . GLN A 1 131 ? -18.313 -10.610 -1.143  1.00 14.64 ? 130 GLN A CG  1 
ATOM   947  C  CD  . GLN A 1 131 ? -17.748 -11.943 -1.517  1.00 15.59 ? 130 GLN A CD  1 
ATOM   948  O  OE1 . GLN A 1 131 ? -16.541 -12.082 -1.697  1.00 15.18 ? 130 GLN A OE1 1 
ATOM   949  N  NE2 . GLN A 1 131 ? -18.622 -12.921 -1.724  1.00 15.00 ? 130 GLN A NE2 1 
ATOM   950  N  N   . GLN A 1 132 ? -18.228 -7.026  -3.986  1.00 15.60 ? 131 GLN A N   1 
ATOM   951  C  CA  . GLN A 1 132 ? -17.748 -5.980  -4.886  1.00 15.99 ? 131 GLN A CA  1 
ATOM   952  C  C   . GLN A 1 132 ? -18.132 -4.573  -4.389  1.00 15.08 ? 131 GLN A C   1 
ATOM   953  O  O   . GLN A 1 132 ? -17.300 -3.645  -4.486  1.00 16.78 ? 131 GLN A O   1 
ATOM   954  C  CB  . GLN A 1 132 ? -18.271 -6.233  -6.291  1.00 18.11 ? 131 GLN A CB  1 
ATOM   955  C  CG  . GLN A 1 132 ? -17.592 -7.445  -6.943  1.00 19.81 ? 131 GLN A CG  1 
ATOM   956  C  CD  . GLN A 1 132 ? -18.169 -7.721  -8.306  1.00 24.75 ? 131 GLN A CD  1 
ATOM   957  O  OE1 . GLN A 1 132 ? -19.392 -7.695  -8.494  1.00 27.03 ? 131 GLN A OE1 1 
ATOM   958  N  NE2 . GLN A 1 132 ? -17.286 -7.968  -9.275  1.00 32.49 ? 131 GLN A NE2 1 
ATOM   959  N  N   . ALA A 1 133 ? -19.338 -4.404  -3.852  1.00 16.49 ? 132 ALA A N   1 
ATOM   960  C  CA  . ALA A 1 133 ? -19.786 -3.096  -3.317  1.00 14.81 ? 132 ALA A CA  1 
ATOM   961  C  C   . ALA A 1 133 ? -18.850 -2.681  -2.181  1.00 14.03 ? 132 ALA A C   1 
ATOM   962  O  O   . ALA A 1 133 ? -18.455 -1.513  -2.075  1.00 15.23 ? 132 ALA A O   1 
ATOM   963  C  CB  . ALA A 1 133 ? -21.193 -3.171  -2.810  1.00 14.73 ? 132 ALA A CB  1 
ATOM   964  N  N   . LEU A 1 134 ? -18.500 -3.654  -1.344  1.00 14.75 ? 133 LEU A N   1 
ATOM   965  C  CA  . LEU A 1 134 ? -17.592 -3.388  -0.191  1.00 14.36 ? 133 LEU A CA  1 
ATOM   966  C  C   . LEU A 1 134 ? -16.219 -2.974  -0.707  1.00 14.71 ? 133 LEU A C   1 
ATOM   967  O  O   . LEU A 1 134 ? -15.617 -2.002  -0.220  1.00 14.95 ? 133 LEU A O   1 
ATOM   968  C  CB  . LEU A 1 134 ? -17.470 -4.615  0.681   1.00 13.65 ? 133 LEU A CB  1 
ATOM   969  C  CG  . LEU A 1 134 ? -16.453 -4.547  1.824   1.00 13.49 ? 133 LEU A CG  1 
ATOM   970  C  CD1 . LEU A 1 134 ? -16.720 -3.362  2.783   1.00 13.72 ? 133 LEU A CD1 1 
ATOM   971  C  CD2 . LEU A 1 134 ? -16.416 -5.874  2.607   1.00 14.75 ? 133 LEU A CD2 1 
ATOM   972  N  N   . ILE A 1 135 ? -15.675 -3.693  -1.693  1.00 14.04 ? 134 ILE A N   1 
ATOM   973  C  CA  . ILE A 1 135 ? -14.373 -3.310  -2.255  1.00 15.33 ? 134 ILE A CA  1 
ATOM   974  C  C   . ILE A 1 135 ? -14.396 -1.907  -2.895  1.00 15.42 ? 134 ILE A C   1 
ATOM   975  O  O   . ILE A 1 135 ? -13.482 -1.113  -2.667  1.00 16.23 ? 134 ILE A O   1 
ATOM   976  C  CB  . ILE A 1 135 ? -13.896 -4.372  -3.233  1.00 17.68 ? 134 ILE A CB  1 
ATOM   977  C  CG1 . ILE A 1 135 ? -13.637 -5.667  -2.423  1.00 16.58 ? 134 ILE A CG1 1 
ATOM   978  C  CG2 . ILE A 1 135 ? -12.622 -3.924  -3.944  1.00 16.54 ? 134 ILE A CG2 1 
ATOM   979  C  CD1 . ILE A 1 135 ? -13.381 -6.915  -3.334  1.00 18.56 ? 134 ILE A CD1 1 
ATOM   980  N  N   . GLU A 1 136 ? -15.448 -1.621  -3.639  1.00 16.02 ? 135 GLU A N   1 
ATOM   981  C  CA  . GLU A 1 136 ? -15.620 -0.277  -4.235  1.00 19.26 ? 135 GLU A CA  1 
ATOM   982  C  C   . GLU A 1 136 ? -15.691 0.802   -3.166  1.00 17.64 ? 135 GLU A C   1 
ATOM   983  O  O   . GLU A 1 136 ? -15.006 1.821   -3.288  1.00 19.38 ? 135 GLU A O   1 
ATOM   984  C  CB  . GLU A 1 136 ? -16.808 -0.229  -5.159  1.00 23.03 ? 135 GLU A CB  1 
ATOM   985  C  CG  . GLU A 1 136 ? -16.522 -1.050  -6.426  1.00 28.42 ? 135 GLU A CG  1 
ATOM   986  C  CD  . GLU A 1 136 ? -15.316 -0.504  -7.194  1.00 38.30 ? 135 GLU A CD  1 
ATOM   987  O  OE1 . GLU A 1 136 ? -15.299 0.704   -7.467  1.00 36.05 ? 135 GLU A OE1 1 
ATOM   988  O  OE2 . GLU A 1 136 ? -14.347 -1.257  -7.451  1.00 42.28 ? 135 GLU A OE2 1 
ATOM   989  N  N   . ALA A 1 137 ? -16.469 0.568   -2.117  1.00 15.61 ? 136 ALA A N   1 
ATOM   990  C  CA  . ALA A 1 137 ? -16.575 1.530   -1.010  1.00 16.00 ? 136 ALA A CA  1 
ATOM   991  C  C   . ALA A 1 137 ? -15.188 1.694   -0.359  1.00 14.17 ? 136 ALA A C   1 
ATOM   992  O  O   . ALA A 1 137 ? -14.760 2.815   -0.033  1.00 15.57 ? 136 ALA A O   1 
ATOM   993  C  CB  . ALA A 1 137 ? -17.597 1.080   0.022   1.00 15.38 ? 136 ALA A CB  1 
ATOM   994  N  N   . ALA A 1 138 ? -14.490 0.579   -0.133  1.00 14.04 ? 137 ALA A N   1 
ATOM   995  C  CA  . ALA A 1 138 ? -13.170 0.626   0.496   1.00 15.37 ? 137 ALA A CA  1 
ATOM   996  C  C   . ALA A 1 138 ? -12.181 1.423   -0.372  1.00 16.73 ? 137 ALA A C   1 
ATOM   997  O  O   . ALA A 1 138 ? -11.383 2.210   0.174   1.00 18.24 ? 137 ALA A O   1 
ATOM   998  C  CB  . ALA A 1 138 ? -12.653 -0.795  0.759   1.00 17.10 ? 137 ALA A CB  1 
ATOM   999  N  N   . LYS A 1 139 ? -12.233 1.246   -1.698  1.00 17.79 ? 138 LYS A N   1 
ATOM   1000 C  CA  . LYS A 1 139 ? -11.370 1.983   -2.616  1.00 18.21 ? 138 LYS A CA  1 
ATOM   1001 C  C   . LYS A 1 139 ? -11.544 3.491   -2.434  1.00 19.83 ? 138 LYS A C   1 
ATOM   1002 O  O   . LYS A 1 139 ? -10.547 4.248   -2.368  1.00 19.56 ? 138 LYS A O   1 
ATOM   1003 C  CB  . LYS A 1 139 ? -11.649 1.675   -4.075  1.00 20.94 ? 138 LYS A CB  1 
ATOM   1004 C  CG  . LYS A 1 139 ? -11.249 0.340   -4.575  1.00 30.32 ? 138 LYS A CG  1 
ATOM   1005 C  CD  . LYS A 1 139 ? -11.596 0.363   -6.073  1.00 34.91 ? 138 LYS A CD  1 
ATOM   1006 C  CE  . LYS A 1 139 ? -11.890 -0.969  -6.625  1.00 46.28 ? 138 LYS A CE  1 
ATOM   1007 N  NZ  . LYS A 1 139 ? -12.215 -0.824  -8.089  1.00 42.32 ? 138 LYS A NZ  1 
ATOM   1008 N  N   . LYS A 1 140 ? -12.783 3.916   -2.341  1.00 19.22 ? 139 LYS A N   1 
ATOM   1009 C  CA  . LYS A 1 140 ? -13.095 5.373   -2.267  1.00 20.83 ? 139 LYS A CA  1 
ATOM   1010 C  C   . LYS A 1 140 ? -12.852 5.924   -0.873  1.00 19.11 ? 139 LYS A C   1 
ATOM   1011 O  O   . LYS A 1 140 ? -12.585 7.111   -0.697  1.00 21.20 ? 139 LYS A O   1 
ATOM   1012 C  CB  . LYS A 1 140 ? -14.524 5.605   -2.703  1.00 21.09 ? 139 LYS A CB  1 
ATOM   1013 C  CG  . LYS A 1 140 ? -14.756 5.294   -4.168  1.00 26.35 ? 139 LYS A CG  1 
ATOM   1014 C  CD  . LYS A 1 140 ? -16.199 5.562   -4.558  1.00 32.61 ? 139 LYS A CD  1 
ATOM   1015 C  CE  . LYS A 1 140 ? -16.580 5.039   -5.970  1.00 43.11 ? 139 LYS A CE  1 
ATOM   1016 N  NZ  . LYS A 1 140 ? -17.822 4.141   -5.978  1.00 47.59 ? 139 LYS A NZ  1 
ATOM   1017 N  N   . GLY A 1 141 ? -12.963 5.077   0.134   1.00 16.66 ? 140 GLY A N   1 
ATOM   1018 C  CA  . GLY A 1 141 ? -12.653 5.430   1.525   1.00 17.90 ? 140 GLY A CA  1 
ATOM   1019 C  C   . GLY A 1 141 ? -11.147 5.450   1.834   1.00 19.06 ? 140 GLY A C   1 
ATOM   1020 O  O   . GLY A 1 141 ? -10.690 6.006   2.835   1.00 22.87 ? 140 GLY A O   1 
ATOM   1021 N  N   . CYS A 1 142 ? -10.359 4.780   1.004   1.00 17.62 ? 141 CYS A N   1 
ATOM   1022 C  CA  . CYS A 1 142 ? -8.968  4.620   1.294   1.00 18.57 ? 141 CYS A CA  1 
ATOM   1023 C  C   . CYS A 1 142 ? -8.250  5.879   0.820   1.00 16.18 ? 141 CYS A C   1 
ATOM   1024 O  O   . CYS A 1 142 ? -8.135  6.130   -0.383  1.00 18.10 ? 141 CYS A O   1 
ATOM   1025 C  CB  . CYS A 1 142 ? -8.427  3.400   0.563   1.00 19.57 ? 141 CYS A CB  1 
ATOM   1026 S  SG  . CYS A 1 142 ? -6.632  3.223   0.725   1.00 23.23 ? 141 CYS A SG  1 
ATOM   1027 N  N   . PHE A 1 143 ? -7.798  6.677   1.788   1.00 17.00 ? 142 PHE A N   1 
ATOM   1028 C  CA  . PHE A 1 143 ? -7.035  7.885   1.505   1.00 15.42 ? 142 PHE A CA  1 
ATOM   1029 C  C   . PHE A 1 143 ? -5.912  7.696   0.493   1.00 16.01 ? 142 PHE A C   1 
ATOM   1030 O  O   . PHE A 1 143 ? -5.724  8.520   -0.403  1.00 16.98 ? 142 PHE A O   1 
ATOM   1031 C  CB  . PHE A 1 143 ? -6.448  8.449   2.808   1.00 14.18 ? 142 PHE A CB  1 
ATOM   1032 C  CG  . PHE A 1 143 ? -7.491  8.924   3.799   1.00 15.30 ? 142 PHE A CG  1 
ATOM   1033 C  CD1 . PHE A 1 143 ? -8.040  10.183  3.670   1.00 19.28 ? 142 PHE A CD1 1 
ATOM   1034 C  CD2 . PHE A 1 143 ? -8.015  8.050   4.755   1.00 20.08 ? 142 PHE A CD2 1 
ATOM   1035 C  CE1 . PHE A 1 143 ? -9.046  10.663  4.549   1.00 22.25 ? 142 PHE A CE1 1 
ATOM   1036 C  CE2 . PHE A 1 143 ? -9.019  8.539   5.639   1.00 19.29 ? 142 PHE A CE2 1 
ATOM   1037 C  CZ  . PHE A 1 143 ? -9.520  9.810   5.514   1.00 19.50 ? 142 PHE A CZ  1 
ATOM   1038 N  N   . LEU A 1 144 ? -5.147  6.621   0.653   1.00 15.89 ? 143 LEU A N   1 
ATOM   1039 C  CA  . LEU A 1 144 ? -4.009  6.368   -0.214  1.00 15.98 ? 143 LEU A CA  1 
ATOM   1040 C  C   . LEU A 1 144 ? -4.385  5.955   -1.621  1.00 16.56 ? 143 LEU A C   1 
ATOM   1041 O  O   . LEU A 1 144 ? -3.761  6.407   -2.591  1.00 16.90 ? 143 LEU A O   1 
ATOM   1042 C  CB  . LEU A 1 144 ? -3.086  5.342   0.452   1.00 16.42 ? 143 LEU A CB  1 
ATOM   1043 C  CG  . LEU A 1 144 ? -2.562  5.744   1.804   1.00 20.64 ? 143 LEU A CG  1 
ATOM   1044 C  CD1 . LEU A 1 144 ? -1.568  4.648   2.263   1.00 21.51 ? 143 LEU A CD1 1 
ATOM   1045 C  CD2 . LEU A 1 144 ? -1.890  7.148   1.763   1.00 18.13 ? 143 LEU A CD2 1 
ATOM   1046 N  N   . GLU A 1 145 ? -5.426  5.135   -1.777  1.00 17.26 ? 144 GLU A N   1 
ATOM   1047 C  CA  . GLU A 1 145 ? -5.910  4.804   -3.106  1.00 16.82 ? 144 GLU A CA  1 
ATOM   1048 C  C   . GLU A 1 145 ? -6.386  6.034   -3.848  1.00 17.34 ? 144 GLU A C   1 
ATOM   1049 O  O   . GLU A 1 145 ? -6.086  6.215   -5.038  1.00 17.44 ? 144 GLU A O   1 
ATOM   1050 C  CB  . GLU A 1 145 ? -7.061  3.824   -3.052  1.00 20.19 ? 144 GLU A CB  1 
ATOM   1051 C  CG  . GLU A 1 145 ? -6.632  2.413   -2.698  1.00 24.13 ? 144 GLU A CG  1 
ATOM   1052 C  CD  . GLU A 1 145 ? -7.147  1.388   -3.688  1.00 27.27 ? 144 GLU A CD  1 
ATOM   1053 O  OE1 . GLU A 1 145 ? -7.633  1.774   -4.771  1.00 27.83 ? 144 GLU A OE1 1 
ATOM   1054 O  OE2 . GLU A 1 145 ? -7.079  0.191   -3.338  1.00 25.39 ? 144 GLU A OE2 1 
ATOM   1055 N  N   . GLN A 1 146 ? -7.146  6.874   -3.169  1.00 15.39 ? 145 GLN A N   1 
ATOM   1056 C  CA  . GLN A 1 146 ? -7.645  8.095   -3.803  1.00 15.58 ? 145 GLN A CA  1 
ATOM   1057 C  C   . GLN A 1 146 ? -6.504  9.066   -4.157  1.00 16.29 ? 145 GLN A C   1 
ATOM   1058 O  O   . GLN A 1 146 ? -6.572  9.781   -5.160  1.00 18.10 ? 145 GLN A O   1 
ATOM   1059 C  CB  . GLN A 1 146 ? -8.747  8.729   -2.971  1.00 16.85 ? 145 GLN A CB  1 
ATOM   1060 C  CG  . GLN A 1 146 ? -10.021 7.841   -2.907  1.00 16.05 ? 145 GLN A CG  1 
ATOM   1061 C  CD  . GLN A 1 146 ? -10.501 7.434   -4.317  1.00 21.35 ? 145 GLN A CD  1 
ATOM   1062 O  OE1 . GLN A 1 146 ? -10.477 6.246   -4.699  1.00 28.25 ? 145 GLN A OE1 1 
ATOM   1063 N  NE2 . GLN A 1 146 ? -10.819 8.404   -5.096  1.00 24.65 ? 145 GLN A NE2 1 
ATOM   1064 N  N   . THR A 1 147 ? -5.458  9.080   -3.350  1.00 13.76 ? 146 THR A N   1 
ATOM   1065 C  CA  . THR A 1 147 ? -4.245  9.877   -3.620  1.00 15.03 ? 146 THR A CA  1 
ATOM   1066 C  C   . THR A 1 147 ? -3.581  9.359   -4.902  1.00 15.74 ? 146 THR A C   1 
ATOM   1067 O  O   . THR A 1 147 ? -3.214  10.130  -5.790  1.00 15.42 ? 146 THR A O   1 
ATOM   1068 C  CB  . THR A 1 147 ? -3.296  9.831   -2.418  1.00 15.99 ? 146 THR A CB  1 
ATOM   1069 O  OG1 . THR A 1 147 ? -3.992  10.353  -1.272  1.00 16.77 ? 146 THR A OG1 1 
ATOM   1070 C  CG2 . THR A 1 147 ? -2.011  10.619  -2.659  1.00 16.75 ? 146 THR A CG2 1 
ATOM   1071 N  N   . LEU A 1 148 ? -3.384  8.036   -4.948  1.00 14.40 ? 147 LEU A N   1 
ATOM   1072 C  CA  . LEU A 1 148 ? -2.644  7.420   -6.037  1.00 14.23 ? 147 LEU A CA  1 
ATOM   1073 C  C   . LEU A 1 148 ? -3.387  7.522   -7.370  1.00 15.21 ? 147 LEU A C   1 
ATOM   1074 O  O   . LEU A 1 148 ? -2.773  7.405   -8.433  1.00 15.80 ? 147 LEU A O   1 
ATOM   1075 C  CB  . LEU A 1 148 ? -2.327  5.951   -5.680  1.00 15.26 ? 147 LEU A CB  1 
ATOM   1076 C  CG  . LEU A 1 148 ? -1.297  5.777   -4.582  1.00 14.85 ? 147 LEU A CG  1 
ATOM   1077 C  CD1 . LEU A 1 148 ? -1.293  4.333   -4.073  1.00 16.24 ? 147 LEU A CD1 1 
ATOM   1078 C  CD2 . LEU A 1 148 ? 0.101   6.189   -5.144  1.00 15.86 ? 147 LEU A CD2 1 
ATOM   1079 N  N   . GLY A 1 149 ? -4.721  7.659   -7.310  1.00 16.12 ? 148 GLY A N   1 
ATOM   1080 C  CA  . GLY A 1 149 ? -5.569  7.711   -8.498  1.00 18.28 ? 148 GLY A CA  1 
ATOM   1081 C  C   . GLY A 1 149 ? -5.575  9.006   -9.246  1.00 18.02 ? 148 GLY A C   1 
ATOM   1082 O  O   . GLY A 1 149 ? -6.214  9.104   -10.320 1.00 19.40 ? 148 GLY A O   1 
ATOM   1083 N  N   . GLN A 1 150 ? -4.891  10.005  -8.721  1.00 16.18 ? 149 GLN A N   1 
ATOM   1084 C  CA  . GLN A 1 150 ? -4.781  11.297  -9.360  1.00 18.33 ? 149 GLN A CA  1 
ATOM   1085 C  C   . GLN A 1 150 ? -3.360  11.810  -9.303  1.00 17.99 ? 149 GLN A C   1 
ATOM   1086 O  O   . GLN A 1 150 ? -2.602  11.421  -8.432  1.00 17.46 ? 149 GLN A O   1 
ATOM   1087 C  CB  . GLN A 1 150 ? -5.710  12.295  -8.710  1.00 21.29 ? 149 GLN A CB  1 
ATOM   1088 C  CG  . GLN A 1 150 ? -5.335  12.678  -7.324  1.00 18.43 ? 149 GLN A CG  1 
ATOM   1089 C  CD  . GLN A 1 150 ? -6.085  13.898  -6.841  1.00 26.63 ? 149 GLN A CD  1 
ATOM   1090 O  OE1 . GLN A 1 150 ? -7.248  13.790  -6.477  1.00 27.28 ? 149 GLN A OE1 1 
ATOM   1091 N  NE2 . GLN A 1 150 ? -5.398  15.058  -6.783  1.00 28.61 ? 149 GLN A NE2 1 
ATOM   1092 N  N   . ALA A 1 151 ? -3.027  12.753  -10.180 1.00 16.46 ? 150 ALA A N   1 
ATOM   1093 C  CA  . ALA A 1 151 ? -1.758  13.444  -10.071 1.00 16.68 ? 150 ALA A CA  1 
ATOM   1094 C  C   . ALA A 1 151 ? -1.808  14.407  -8.884  1.00 17.69 ? 150 ALA A C   1 
ATOM   1095 O  O   . ALA A 1 151 ? -2.838  15.087  -8.645  1.00 20.45 ? 150 ALA A O   1 
ATOM   1096 C  CB  . ALA A 1 151 ? -1.485  14.236  -11.363 1.00 17.51 ? 150 ALA A CB  1 
ATOM   1097 N  N   . ASN A 1 152 ? -0.705  14.512  -8.163  1.00 15.46 ? 151 ASN A N   1 
ATOM   1098 C  CA  . ASN A 1 152 ? -0.571  15.431  -7.036  1.00 14.91 ? 151 ASN A CA  1 
ATOM   1099 C  C   . ASN A 1 152 ? 0.599   16.377  -7.223  1.00 18.08 ? 151 ASN A C   1 
ATOM   1100 O  O   . ASN A 1 152 ? 1.600   15.989  -7.796  1.00 21.83 ? 151 ASN A O   1 
ATOM   1101 C  CB  . ASN A 1 152 ? -0.335  14.626  -5.766  1.00 14.65 ? 151 ASN A CB  1 
ATOM   1102 C  CG  . ASN A 1 152 ? -1.502  13.656  -5.465  1.00 17.02 ? 151 ASN A CG  1 
ATOM   1103 O  OD1 . ASN A 1 152 ? -2.562  14.074  -4.979  1.00 17.17 ? 151 ASN A OD1 1 
ATOM   1104 N  ND2 . ASN A 1 152 ? -1.323  12.388  -5.799  1.00 15.94 ? 151 ASN A ND2 1 
ATOM   1105 N  N   . THR A 1 153 ? 0.471   17.588  -6.737  1.00 16.33 ? 152 THR A N   1 
ATOM   1106 C  CA  . THR A 1 153 ? 1.586   18.545  -6.723  1.00 16.95 ? 152 THR A CA  1 
ATOM   1107 C  C   . THR A 1 153 ? 2.185   18.558  -5.337  1.00 20.30 ? 152 THR A C   1 
ATOM   1108 O  O   . THR A 1 153 ? 1.460   18.685  -4.355  1.00 22.74 ? 152 THR A O   1 
ATOM   1109 C  CB  . THR A 1 153 ? 1.042   19.935  -7.041  1.00 24.46 ? 152 THR A CB  1 
ATOM   1110 O  OG1 . THR A 1 153 ? 0.482   19.884  -8.364  1.00 28.26 ? 152 THR A OG1 1 
ATOM   1111 C  CG2 . THR A 1 153 ? 2.147   20.980  -6.989  1.00 26.46 ? 152 THR A CG2 1 
ATOM   1112 N  N   . ILE A 1 154 ? 3.488   18.370  -5.254  1.00 18.56 ? 153 ILE A N   1 
ATOM   1113 C  CA  . ILE A 1 154 ? 4.189   18.417  -3.984  1.00 16.67 ? 153 ILE A CA  1 
ATOM   1114 C  C   . ILE A 1 154 ? 4.997   19.704  -3.982  1.00 18.85 ? 153 ILE A C   1 
ATOM   1115 O  O   . ILE A 1 154 ? 5.851   19.900  -4.873  1.00 21.61 ? 153 ILE A O   1 
ATOM   1116 C  CB  . ILE A 1 154 ? 5.108   17.236  -3.782  1.00 18.17 ? 153 ILE A CB  1 
ATOM   1117 C  CG1 . ILE A 1 154 ? 4.343   15.904  -3.902  1.00 21.18 ? 153 ILE A CG1 1 
ATOM   1118 C  CG2 . ILE A 1 154 ? 5.870   17.380  -2.442  1.00 19.14 ? 153 ILE A CG2 1 
ATOM   1119 C  CD1 . ILE A 1 154 ? 5.227   14.665  -3.659  1.00 25.27 ? 153 ILE A CD1 1 
ATOM   1120 N  N   . ARG A 1 155 ? 4.712   20.583  -3.032  1.00 17.20 ? 154 ARG A N   1 
ATOM   1121 C  CA  . ARG A 1 155 ? 5.462   21.834  -2.930  1.00 19.55 ? 154 ARG A CA  1 
ATOM   1122 C  C   . ARG A 1 155 ? 6.741   21.567  -2.165  1.00 18.98 ? 154 ARG A C   1 
ATOM   1123 O  O   . ARG A 1 155 ? 6.690   21.146  -1.013  1.00 20.20 ? 154 ARG A O   1 
ATOM   1124 C  CB  . ARG A 1 155 ? 4.667   22.921  -2.243  1.00 19.06 ? 154 ARG A CB  1 
ATOM   1125 C  CG  . ARG A 1 155 ? 5.474   24.246  -2.125  1.00 23.53 ? 154 ARG A CG  1 
ATOM   1126 C  CD  . ARG A 1 155 ? 4.830   25.342  -1.287  1.00 30.29 ? 154 ARG A CD  1 
ATOM   1127 N  NE  . ARG A 1 155 ? 4.927   25.009  0.132   1.00 38.50 ? 154 ARG A NE  1 
ATOM   1128 C  CZ  . ARG A 1 155 ? 4.469   25.757  1.126   1.00 38.61 ? 154 ARG A CZ  1 
ATOM   1129 N  NH1 . ARG A 1 155 ? 3.847   26.909  0.884   1.00 42.81 ? 154 ARG A NH1 1 
ATOM   1130 N  NH2 . ARG A 1 155 ? 4.617   25.329  2.375   1.00 42.65 ? 154 ARG A NH2 1 
ATOM   1131 N  N   . HIS A 1 156 ? 7.887   21.840  -2.779  1.00 16.26 ? 155 HIS A N   1 
ATOM   1132 C  CA  . HIS A 1 156 ? 9.149   21.702  -2.102  1.00 14.81 ? 155 HIS A CA  1 
ATOM   1133 C  C   . HIS A 1 156 ? 9.721   23.045  -1.794  1.00 17.12 ? 155 HIS A C   1 
ATOM   1134 O  O   . HIS A 1 156 ? 9.690   23.929  -2.648  1.00 18.39 ? 155 HIS A O   1 
ATOM   1135 C  CB  . HIS A 1 156 ? 10.181  20.960  -2.943  1.00 18.36 ? 155 HIS A CB  1 
ATOM   1136 C  CG  . HIS A 1 156 ? 9.789   19.549  -3.265  1.00 17.02 ? 155 HIS A CG  1 
ATOM   1137 N  ND1 . HIS A 1 156 ? 8.898   19.245  -4.273  1.00 19.77 ? 155 HIS A ND1 1 
ATOM   1138 C  CD2 . HIS A 1 156 ? 10.172  18.378  -2.719  1.00 16.91 ? 155 HIS A CD2 1 
ATOM   1139 C  CE1 . HIS A 1 156 ? 8.735   17.929  -4.312  1.00 22.01 ? 155 HIS A CE1 1 
ATOM   1140 N  NE2 . HIS A 1 156 ? 9.512   17.378  -3.397  1.00 20.66 ? 155 HIS A NE2 1 
ATOM   1141 N  N   . ARG A 1 157 ? 10.304  23.171  -0.608  1.00 14.86 ? 156 ARG A N   1 
ATOM   1142 C  CA  . ARG A 1 157 ? 11.034  24.386  -0.256  1.00 15.44 ? 156 ARG A CA  1 
ATOM   1143 C  C   . ARG A 1 157 ? 12.378  24.047  0.388   1.00 14.17 ? 156 ARG A C   1 
ATOM   1144 O  O   . ARG A 1 157 ? 12.550  22.997  0.998   1.00 15.62 ? 156 ARG A O   1 
ATOM   1145 C  CB  . ARG A 1 157 ? 10.223  25.269  0.669   1.00 14.94 ? 156 ARG A CB  1 
ATOM   1146 C  CG  . ARG A 1 157 ? 8.856   25.743  0.050   1.00 17.22 ? 156 ARG A CG  1 
ATOM   1147 C  CD  . ARG A 1 157 ? 8.241   26.816  0.880   1.00 18.66 ? 156 ARG A CD  1 
ATOM   1148 N  NE  . ARG A 1 157 ? 8.019   26.363  2.257   1.00 23.96 ? 156 ARG A NE  1 
ATOM   1149 C  CZ  . ARG A 1 157 ? 7.574   27.162  3.224   1.00 31.30 ? 156 ARG A CZ  1 
ATOM   1150 N  NH1 . ARG A 1 157 ? 7.240   28.424  2.952   1.00 29.77 ? 156 ARG A NH1 1 
ATOM   1151 N  NH2 . ARG A 1 157 ? 7.472   26.712  4.458   1.00 26.56 ? 156 ARG A NH2 1 
ATOM   1152 N  N   . LEU A 1 158 ? 13.329  24.962  0.249   1.00 13.26 ? 157 LEU A N   1 
ATOM   1153 C  CA  . LEU A 1 158 ? 14.664  24.818  0.764   1.00 12.29 ? 157 LEU A CA  1 
ATOM   1154 C  C   . LEU A 1 158 ? 14.900  25.947  1.767   1.00 14.28 ? 157 LEU A C   1 
ATOM   1155 O  O   . LEU A 1 158 ? 14.657  27.128  1.440   1.00 14.17 ? 157 LEU A O   1 
ATOM   1156 C  CB  . LEU A 1 158 ? 15.686  24.985  -0.379  1.00 13.09 ? 157 LEU A CB  1 
ATOM   1157 C  CG  . LEU A 1 158 ? 17.132  25.115  0.022   1.00 16.57 ? 157 LEU A CG  1 
ATOM   1158 C  CD1 . LEU A 1 158 ? 17.673  23.860  0.782   1.00 15.39 ? 157 LEU A CD1 1 
ATOM   1159 C  CD2 . LEU A 1 158 ? 18.031  25.414  -1.212  1.00 15.38 ? 157 LEU A CD2 1 
ATOM   1160 N  N   A LYS A 1 159 ? 15.335  25.622  2.978   0.50 13.20 ? 158 LYS A N   1 
ATOM   1161 N  N   B LYS A 1 159 ? 15.393  25.635  2.958   0.50 13.83 ? 158 LYS A N   1 
ATOM   1162 C  CA  A LYS A 1 159 ? 15.697  26.664  3.936   0.50 12.73 ? 158 LYS A CA  1 
ATOM   1163 C  CA  B LYS A 1 159 ? 15.664  26.691  3.927   0.50 13.75 ? 158 LYS A CA  1 
ATOM   1164 C  C   A LYS A 1 159 ? 16.909  27.456  3.446   0.50 13.12 ? 158 LYS A C   1 
ATOM   1165 C  C   B LYS A 1 159 ? 16.944  27.471  3.618   0.50 13.64 ? 158 LYS A C   1 
ATOM   1166 O  O   A LYS A 1 159 ? 17.891  26.858  2.982   0.50 10.76 ? 158 LYS A O   1 
ATOM   1167 O  O   B LYS A 1 159 ? 18.035  26.898  3.507   0.50 11.09 ? 158 LYS A O   1 
ATOM   1168 C  CB  A LYS A 1 159 ? 15.956  26.090  5.333   0.50 12.57 ? 158 LYS A CB  1 
ATOM   1169 C  CB  B LYS A 1 159 ? 15.674  26.159  5.361   0.50 13.40 ? 158 LYS A CB  1 
ATOM   1170 C  CG  A LYS A 1 159 ? 16.054  27.157  6.412   0.50 12.96 ? 158 LYS A CG  1 
ATOM   1171 C  CG  B LYS A 1 159 ? 15.182  27.183  6.376   0.50 15.78 ? 158 LYS A CG  1 
ATOM   1172 C  CD  A LYS A 1 159 ? 15.942  26.565  7.785   0.50 17.70 ? 158 LYS A CD  1 
ATOM   1173 C  CD  B LYS A 1 159 ? 15.106  26.571  7.739   0.50 19.43 ? 158 LYS A CD  1 
ATOM   1174 C  CE  A LYS A 1 159 ? 15.713  27.635  8.856   0.50 20.05 ? 158 LYS A CE  1 
ATOM   1175 C  CE  B LYS A 1 159 ? 14.536  27.529  8.754   0.50 25.12 ? 158 LYS A CE  1 
ATOM   1176 N  NZ  A LYS A 1 159 ? 14.608  28.575  8.477   0.50 34.20 ? 158 LYS A NZ  1 
ATOM   1177 N  NZ  B LYS A 1 159 ? 14.965  27.172  10.143  0.50 22.55 ? 158 LYS A NZ  1 
ATOM   1178 N  N   . VAL A 1 160 ? 16.784  28.791  3.496   1.00 13.41 ? 159 VAL A N   1 
ATOM   1179 C  CA  . VAL A 1 160 ? 17.886  29.737  3.324   1.00 14.38 ? 159 VAL A CA  1 
ATOM   1180 C  C   . VAL A 1 160 ? 17.762  30.779  4.440   1.00 15.73 ? 159 VAL A C   1 
ATOM   1181 O  O   . VAL A 1 160 ? 16.813  31.578  4.468   1.00 15.86 ? 159 VAL A O   1 
ATOM   1182 C  CB  . VAL A 1 160 ? 17.825  30.443  1.956   1.00 14.30 ? 159 VAL A CB  1 
ATOM   1183 C  CG1 . VAL A 1 160 ? 18.951  31.492  1.859   1.00 14.33 ? 159 VAL A CG1 1 
ATOM   1184 C  CG2 . VAL A 1 160 ? 17.866  29.416  0.810   1.00 15.76 ? 159 VAL A CG2 1 
ATOM   1185 N  N   . GLY A 1 161 ? 18.673  30.735  5.401   1.00 16.73 ? 160 GLY A N   1 
ATOM   1186 C  CA  . GLY A 1 161 ? 18.580  31.615  6.546   1.00 19.08 ? 160 GLY A CA  1 
ATOM   1187 C  C   . GLY A 1 161 ? 17.294  31.402  7.295   1.00 19.90 ? 160 GLY A C   1 
ATOM   1188 O  O   . GLY A 1 161 ? 16.970  30.268  7.671   1.00 21.38 ? 160 GLY A O   1 
ATOM   1189 N  N   . ASP A 1 162 ? 16.537  32.482  7.448   1.00 18.38 ? 161 ASP A N   1 
ATOM   1190 C  CA  . ASP A 1 162 ? 15.280  32.426  8.188   1.00 24.32 ? 161 ASP A CA  1 
ATOM   1191 C  C   . ASP A 1 162 ? 14.073  32.172  7.333   1.00 25.61 ? 161 ASP A C   1 
ATOM   1192 O  O   . ASP A 1 162 ? 12.934  32.301  7.806   1.00 29.27 ? 161 ASP A O   1 
ATOM   1193 C  CB  . ASP A 1 162 ? 15.097  33.744  8.945   1.00 24.55 ? 161 ASP A CB  1 
ATOM   1194 C  CG  . ASP A 1 162 ? 15.986  33.812  10.155  1.00 34.92 ? 161 ASP A CG  1 
ATOM   1195 O  OD1 . ASP A 1 162 ? 16.217  32.731  10.751  1.00 41.96 ? 161 ASP A OD1 1 
ATOM   1196 O  OD2 . ASP A 1 162 ? 16.444  34.923  10.483  1.00 46.32 ? 161 ASP A OD2 1 
ATOM   1197 N  N   . THR A 1 163 ? 14.284  31.852  6.068   1.00 19.62 ? 162 THR A N   1 
ATOM   1198 C  CA  . THR A 1 163 ? 13.162  31.716  5.197   1.00 19.06 ? 162 THR A CA  1 
ATOM   1199 C  C   . THR A 1 163 ? 13.278  30.432  4.392   1.00 18.00 ? 162 THR A C   1 
ATOM   1200 O  O   . THR A 1 163 ? 14.307  29.772  4.436   1.00 18.59 ? 162 THR A O   1 
ATOM   1201 C  CB  . THR A 1 163 ? 13.008  32.934  4.237   1.00 21.74 ? 162 THR A CB  1 
ATOM   1202 O  OG1 . THR A 1 163 ? 11.654  32.931  3.723   1.00 29.74 ? 162 THR A OG1 1 
ATOM   1203 C  CG2 . THR A 1 163 ? 14.036  32.907  3.105   1.00 21.54 ? 162 THR A CG2 1 
ATOM   1204 N  N   . PHE A 1 164 ? 12.194  30.098  3.711   1.00 15.84 ? 163 PHE A N   1 
ATOM   1205 C  CA  . PHE A 1 164 ? 12.141  28.931  2.839   1.00 15.55 ? 163 PHE A CA  1 
ATOM   1206 C  C   . PHE A 1 164 ? 11.834  29.417  1.437   1.00 19.11 ? 163 PHE A C   1 
ATOM   1207 O  O   . PHE A 1 164 ? 10.860  30.178  1.233   1.00 22.28 ? 163 PHE A O   1 
ATOM   1208 C  CB  . PHE A 1 164 ? 11.017  27.997  3.297   1.00 18.60 ? 163 PHE A CB  1 
ATOM   1209 C  CG  . PHE A 1 164 ? 11.408  27.105  4.407   1.00 15.78 ? 163 PHE A CG  1 
ATOM   1210 C  CD1 . PHE A 1 164 ? 12.050  25.909  4.147   1.00 15.61 ? 163 PHE A CD1 1 
ATOM   1211 C  CD2 . PHE A 1 164 ? 11.128  27.450  5.737   1.00 24.57 ? 163 PHE A CD2 1 
ATOM   1212 C  CE1 . PHE A 1 164 ? 12.408  25.048  5.175   1.00 19.72 ? 163 PHE A CE1 1 
ATOM   1213 C  CE2 . PHE A 1 164 ? 11.503  26.576  6.784   1.00 26.08 ? 163 PHE A CE2 1 
ATOM   1214 C  CZ  . PHE A 1 164 ? 12.144  25.379  6.481   1.00 23.92 ? 163 PHE A CZ  1 
ATOM   1215 N  N   . ILE A 1 165 ? 12.663  29.036  0.482   1.00 17.16 ? 164 ILE A N   1 
ATOM   1216 C  CA  . ILE A 1 165 ? 12.466  29.398  -0.913  1.00 17.62 ? 164 ILE A CA  1 
ATOM   1217 C  C   . ILE A 1 165 ? 12.028  28.175  -1.706  1.00 19.12 ? 164 ILE A C   1 
ATOM   1218 O  O   . ILE A 1 165 ? 12.254  27.026  -1.312  1.00 16.27 ? 164 ILE A O   1 
ATOM   1219 C  CB  . ILE A 1 165 ? 13.714  30.055  -1.535  1.00 17.92 ? 164 ILE A CB  1 
ATOM   1220 C  CG1 . ILE A 1 165 ? 14.840  29.039  -1.774  1.00 18.50 ? 164 ILE A CG1 1 
ATOM   1221 C  CG2 . ILE A 1 165 ? 14.229  31.223  -0.631  1.00 17.67 ? 164 ILE A CG2 1 
ATOM   1222 C  CD1 . ILE A 1 165 ? 16.054  29.636  -2.574  1.00 19.79 ? 164 ILE A CD1 1 
ATOM   1223 N  N   . ASP A 1 166 ? 11.386  28.399  -2.844  1.00 20.64 ? 165 ASP A N   1 
ATOM   1224 C  CA  . ASP A 1 166 ? 10.897  27.273  -3.639  1.00 22.37 ? 165 ASP A CA  1 
ATOM   1225 C  C   . ASP A 1 166 ? 12.045  26.476  -4.220  1.00 20.98 ? 165 ASP A C   1 
ATOM   1226 O  O   . ASP A 1 166 ? 13.071  27.031  -4.556  1.00 21.89 ? 165 ASP A O   1 
ATOM   1227 C  CB  . ASP A 1 166 ? 9.920   27.754  -4.716  1.00 27.38 ? 165 ASP A CB  1 
ATOM   1228 C  CG  . ASP A 1 166 ? 8.607   28.268  -4.119  1.00 37.34 ? 165 ASP A CG  1 
ATOM   1229 O  OD1 . ASP A 1 166 ? 8.097   27.684  -3.122  1.00 43.43 ? 165 ASP A OD1 1 
ATOM   1230 O  OD2 . ASP A 1 166 ? 8.081   29.265  -4.658  1.00 49.29 ? 165 ASP A OD2 1 
ATOM   1231 N  N   . ALA A 1 167 ? 11.896  25.146  -4.286  1.00 20.84 ? 166 ALA A N   1 
ATOM   1232 C  CA  . ALA A 1 167 ? 12.980  24.252  -4.732  1.00 25.13 ? 166 ALA A CA  1 
ATOM   1233 C  C   . ALA A 1 167 ? 12.490  23.062  -5.562  1.00 29.70 ? 166 ALA A C   1 
ATOM   1234 O  O   . ALA A 1 167 ? 13.339  22.295  -6.056  1.00 34.84 ? 166 ALA A O   1 
ATOM   1235 C  CB  . ALA A 1 167 ? 13.787  23.722  -3.547  1.00 26.17 ? 166 ALA A CB  1 
ATOM   1236 O  OXT . ALA A 1 167 ? 11.298  22.884  -5.737  1.00 27.57 ? 166 ALA A OXT 1 
HETATM 1237 P  P   . PO4 B 2 .   ? -6.207  -4.686  18.099  1.00 45.53 ? 167 PO4 A P   1 
HETATM 1238 O  O1  . PO4 B 2 .   ? -6.773  -6.078  18.292  1.00 44.26 ? 167 PO4 A O1  1 
HETATM 1239 O  O2  . PO4 B 2 .   ? -6.776  -3.761  19.157  1.00 56.14 ? 167 PO4 A O2  1 
HETATM 1240 O  O3  . PO4 B 2 .   ? -6.701  -4.097  16.795  1.00 38.30 ? 167 PO4 A O3  1 
HETATM 1241 O  O4  . PO4 B 2 .   ? -4.685  -4.789  18.224  1.00 46.41 ? 167 PO4 A O4  1 
HETATM 1242 C  C1  . GOL C 3 .   ? -23.484 0.476   12.338  1.00 50.13 ? 168 GOL A C1  1 
HETATM 1243 O  O1  . GOL C 3 .   ? -22.137 0.634   12.696  1.00 38.51 ? 168 GOL A O1  1 
HETATM 1244 C  C2  . GOL C 3 .   ? -23.518 -0.588  11.276  1.00 43.54 ? 168 GOL A C2  1 
HETATM 1245 O  O2  . GOL C 3 .   ? -23.013 -1.782  11.842  1.00 51.98 ? 168 GOL A O2  1 
HETATM 1246 C  C3  . GOL C 3 .   ? -24.936 -0.671  10.761  1.00 55.15 ? 168 GOL A C3  1 
HETATM 1247 O  O3  . GOL C 3 .   ? -25.306 -2.023  10.689  1.00 62.95 ? 168 GOL A O3  1 
HETATM 1248 C  C1  . GOL D 3 .   ? -11.256 -9.452  9.151   1.00 25.03 ? 169 GOL A C1  1 
HETATM 1249 O  O1  . GOL D 3 .   ? -10.753 -10.754 9.057   1.00 21.53 ? 169 GOL A O1  1 
HETATM 1250 C  C2  . GOL D 3 .   ? -12.725 -9.476  9.586   1.00 26.77 ? 169 GOL A C2  1 
HETATM 1251 O  O2  . GOL D 3 .   ? -12.795 -9.981  10.905  1.00 31.22 ? 169 GOL A O2  1 
HETATM 1252 C  C3  . GOL D 3 .   ? -13.273 -8.060  9.554   1.00 33.90 ? 169 GOL A C3  1 
HETATM 1253 O  O3  . GOL D 3 .   ? -12.591 -7.254  10.513  1.00 31.49 ? 169 GOL A O3  1 
HETATM 1254 C  C1  . GOL E 3 .   ? -15.791 -6.102  12.946  1.00 30.84 ? 170 GOL A C1  1 
HETATM 1255 O  O1  . GOL E 3 .   ? -17.076 -6.068  12.339  1.00 29.28 ? 170 GOL A O1  1 
HETATM 1256 C  C2  . GOL E 3 .   ? -14.945 -5.064  12.225  1.00 29.48 ? 170 GOL A C2  1 
HETATM 1257 O  O2  . GOL E 3 .   ? -14.595 -5.590  10.949  1.00 31.57 ? 170 GOL A O2  1 
HETATM 1258 C  C3  . GOL E 3 .   ? -13.649 -4.716  12.945  1.00 30.00 ? 170 GOL A C3  1 
HETATM 1259 O  O3  . GOL E 3 .   ? -12.937 -5.865  13.386  1.00 36.58 ? 170 GOL A O3  1 
HETATM 1260 C  C1  . GOL F 3 .   ? -26.837 -1.987  0.874   1.00 39.50 ? 171 GOL A C1  1 
HETATM 1261 O  O1  . GOL F 3 .   ? -25.482 -1.706  1.209   1.00 36.26 ? 171 GOL A O1  1 
HETATM 1262 C  C2  . GOL F 3 .   ? -27.287 -3.297  1.525   1.00 30.73 ? 171 GOL A C2  1 
HETATM 1263 O  O2  . GOL F 3 .   ? -28.684 -3.542  1.480   1.00 26.85 ? 171 GOL A O2  1 
HETATM 1264 C  C3  . GOL F 3 .   ? -26.556 -4.440  0.859   1.00 32.30 ? 171 GOL A C3  1 
HETATM 1265 O  O3  . GOL F 3 .   ? -26.789 -4.423  -0.540  1.00 27.63 ? 171 GOL A O3  1 
HETATM 1266 C  C1  . GOL G 3 .   ? -17.944 -16.705 -3.658  1.00 20.76 ? 172 GOL A C1  1 
HETATM 1267 O  O1  . GOL G 3 .   ? -16.518 -16.658 -3.559  1.00 20.95 ? 172 GOL A O1  1 
HETATM 1268 C  C2  . GOL G 3 .   ? -18.656 -16.793 -2.317  1.00 19.31 ? 172 GOL A C2  1 
HETATM 1269 O  O2  . GOL G 3 .   ? -18.055 -15.727 -1.514  1.00 19.55 ? 172 GOL A O2  1 
HETATM 1270 C  C3  . GOL G 3 .   ? -20.182 -16.499 -2.561  1.00 18.00 ? 172 GOL A C3  1 
HETATM 1271 O  O3  . GOL G 3 .   ? -20.671 -16.488 -1.243  1.00 32.08 ? 172 GOL A O3  1 
HETATM 1272 C  C1  . GOL H 3 .   ? 19.899  2.559   -16.465 1.00 34.63 ? 173 GOL A C1  1 
HETATM 1273 O  O1  . GOL H 3 .   ? 19.211  2.918   -17.671 1.00 47.30 ? 173 GOL A O1  1 
HETATM 1274 C  C2  . GOL H 3 .   ? 21.110  1.620   -16.607 1.00 37.12 ? 173 GOL A C2  1 
HETATM 1275 O  O2  . GOL H 3 .   ? 22.079  1.822   -15.572 1.00 26.15 ? 173 GOL A O2  1 
HETATM 1276 C  C3  . GOL H 3 .   ? 20.593  0.207   -16.587 1.00 48.61 ? 173 GOL A C3  1 
HETATM 1277 O  O3  . GOL H 3 .   ? 19.393  0.130   -15.866 1.00 39.11 ? 173 GOL A O3  1 
HETATM 1278 C  C1  . GOL I 3 .   ? -17.427 -8.611  8.895   1.00 27.70 ? 174 GOL A C1  1 
HETATM 1279 O  O1  . GOL I 3 .   ? -17.407 -9.947  9.341   1.00 39.55 ? 174 GOL A O1  1 
HETATM 1280 C  C2  . GOL I 3 .   ? -18.527 -7.895  9.699   1.00 46.94 ? 174 GOL A C2  1 
HETATM 1281 O  O2  . GOL I 3 .   ? -18.556 -8.389  11.032  1.00 53.39 ? 174 GOL A O2  1 
HETATM 1282 C  C3  . GOL I 3 .   ? -19.883 -8.057  8.990   1.00 42.97 ? 174 GOL A C3  1 
HETATM 1283 O  O3  . GOL I 3 .   ? -21.032 -8.115  9.816   1.00 60.00 ? 174 GOL A O3  1 
HETATM 1284 C  C1  . GOL J 3 .   ? -17.208 -18.759 4.280   1.00 62.66 ? 175 GOL A C1  1 
HETATM 1285 O  O1  . GOL J 3 .   ? -16.018 -19.487 4.062   1.00 62.49 ? 175 GOL A O1  1 
HETATM 1286 C  C2  . GOL J 3 .   ? -17.231 -18.288 5.721   1.00 62.89 ? 175 GOL A C2  1 
HETATM 1287 O  O2  . GOL J 3 .   ? -16.426 -19.168 6.471   1.00 70.30 ? 175 GOL A O2  1 
HETATM 1288 C  C3  . GOL J 3 .   ? -18.641 -18.250 6.295   1.00 63.22 ? 175 GOL A C3  1 
HETATM 1289 O  O3  . GOL J 3 .   ? -18.783 -17.163 7.192   1.00 66.46 ? 175 GOL A O3  1 
HETATM 1290 O  O   . HOH K 4 .   ? -0.592  9.629   -7.334  0.50 13.75 ? 176 HOH A O   1 
HETATM 1291 O  O   . HOH K 4 .   ? -16.589 4.809   0.102   1.00 17.28 ? 177 HOH A O   1 
HETATM 1292 O  O   . HOH K 4 .   ? -17.384 -3.892  9.958   1.00 16.11 ? 178 HOH A O   1 
HETATM 1293 O  O   . HOH K 4 .   ? 1.909   -4.764  -9.934  1.00 18.39 ? 179 HOH A O   1 
HETATM 1294 O  O   . HOH K 4 .   ? 13.072  1.985   -0.592  1.00 21.67 ? 180 HOH A O   1 
HETATM 1295 O  O   . HOH K 4 .   ? -22.447 -4.687  0.089   1.00 18.40 ? 181 HOH A O   1 
HETATM 1296 O  O   . HOH K 4 .   ? -19.038 -1.552  9.641   1.00 20.51 ? 182 HOH A O   1 
HETATM 1297 O  O   . HOH K 4 .   ? -15.318 -15.042 -0.387  1.00 21.88 ? 183 HOH A O   1 
HETATM 1298 O  O   . HOH K 4 .   ? 19.087  24.485  4.238   1.00 20.40 ? 184 HOH A O   1 
HETATM 1299 O  O   . HOH K 4 .   ? 20.310  13.972  -13.979 1.00 23.89 ? 185 HOH A O   1 
HETATM 1300 O  O   . HOH K 4 .   ? 5.085   -10.254 0.415   1.00 20.35 ? 186 HOH A O   1 
HETATM 1301 O  O   . HOH K 4 .   ? 17.749  13.894  -12.757 1.00 20.93 ? 187 HOH A O   1 
HETATM 1302 O  O   . HOH K 4 .   ? -5.006  13.442  -12.206 1.00 24.50 ? 188 HOH A O   1 
HETATM 1303 O  O   . HOH K 4 .   ? -15.738 -14.109 -3.314  1.00 21.91 ? 189 HOH A O   1 
HETATM 1304 O  O   . HOH K 4 .   ? 6.680   -11.942 -2.965  1.00 26.86 ? 190 HOH A O   1 
HETATM 1305 O  O   . HOH K 4 .   ? -3.167  16.740  -4.228  1.00 30.86 ? 191 HOH A O   1 
HETATM 1306 O  O   . HOH K 4 .   ? -0.048  20.122  -2.778  1.00 24.25 ? 192 HOH A O   1 
HETATM 1307 O  O   . HOH K 4 .   ? 19.794  4.944   -4.324  1.00 25.05 ? 193 HOH A O   1 
HETATM 1308 O  O   . HOH K 4 .   ? 3.931   -8.669  10.410  1.00 29.18 ? 194 HOH A O   1 
HETATM 1309 O  O   . HOH K 4 .   ? -7.757  -2.474  10.117  1.00 28.74 ? 195 HOH A O   1 
HETATM 1310 O  O   . HOH K 4 .   ? 8.370   21.803  -5.860  1.00 34.36 ? 196 HOH A O   1 
HETATM 1311 O  O   . HOH K 4 .   ? -9.455  -11.792 11.171  1.00 40.38 ? 197 HOH A O   1 
HETATM 1312 O  O   . HOH K 4 .   ? 4.877   -1.372  11.364  1.00 35.69 ? 198 HOH A O   1 
HETATM 1313 O  O   . HOH K 4 .   ? 6.320   -6.914  -14.458 1.00 39.87 ? 199 HOH A O   1 
HETATM 1314 O  O   . HOH K 4 .   ? 10.661  31.229  -3.332  1.00 37.32 ? 200 HOH A O   1 
HETATM 1315 O  O   . HOH K 4 .   ? -9.729  -11.107 13.901  1.00 36.07 ? 201 HOH A O   1 
HETATM 1316 O  O   . HOH K 4 .   ? -4.911  -7.434  -9.064  1.00 28.42 ? 202 HOH A O   1 
HETATM 1317 O  O   . HOH K 4 .   ? -7.705  -18.841 -0.502  1.00 47.92 ? 203 HOH A O   1 
HETATM 1318 O  O   A HOH K 4 .   ? 14.929  -11.337 4.247   0.50 24.98 ? 204 HOH A O   1 
HETATM 1319 O  O   B HOH K 4 .   ? 15.310  -10.507 4.855   0.50 34.16 ? 204 HOH A O   1 
HETATM 1320 O  O   . HOH K 4 .   ? 18.599  6.402   -19.630 1.00 36.92 ? 205 HOH A O   1 
HETATM 1321 O  O   . HOH K 4 .   ? 22.407  9.180   -19.233 1.00 41.90 ? 206 HOH A O   1 
HETATM 1322 O  O   . HOH K 4 .   ? -14.931 2.678   -6.161  1.00 44.69 ? 207 HOH A O   1 
HETATM 1323 O  O   . HOH K 4 .   ? -6.657  6.959   -12.047 1.00 45.60 ? 208 HOH A O   1 
HETATM 1324 O  O   . HOH K 4 .   ? 4.232   -4.729  -14.232 1.00 41.14 ? 209 HOH A O   1 
HETATM 1325 O  O   . HOH K 4 .   ? -18.603 3.031   -3.492  1.00 24.98 ? 210 HOH A O   1 
HETATM 1326 O  O   . HOH K 4 .   ? -11.721 -13.102 10.977  1.00 34.96 ? 211 HOH A O   1 
HETATM 1327 O  O   . HOH K 4 .   ? -0.911  -3.297  17.303  1.00 34.66 ? 212 HOH A O   1 
HETATM 1328 O  O   . HOH K 4 .   ? 16.711  -1.802  4.926   1.00 46.49 ? 213 HOH A O   1 
HETATM 1329 O  O   . HOH K 4 .   ? -2.167  18.388  -5.501  1.00 36.96 ? 214 HOH A O   1 
HETATM 1330 O  O   . HOH K 4 .   ? 8.904   -9.834  -9.974  1.00 42.46 ? 215 HOH A O   1 
HETATM 1331 O  O   . HOH K 4 .   ? 6.536   -10.519 -7.939  1.00 35.42 ? 216 HOH A O   1 
HETATM 1332 O  O   . HOH K 4 .   ? 1.033   -11.368 7.150   1.00 31.07 ? 217 HOH A O   1 
HETATM 1333 O  O   . HOH K 4 .   ? 11.270  -7.379  9.894   1.00 41.07 ? 218 HOH A O   1 
HETATM 1334 O  O   . HOH K 4 .   ? 7.213   18.820  -7.155  1.00 32.52 ? 219 HOH A O   1 
HETATM 1335 O  O   . HOH K 4 .   ? 2.830   1.119   -16.826 1.00 43.11 ? 220 HOH A O   1 
HETATM 1336 O  O   . HOH K 4 .   ? -7.926  5.297   -7.438  1.00 44.02 ? 221 HOH A O   1 
HETATM 1337 O  O   . HOH K 4 .   ? 4.863   16.544  -7.603  1.00 37.31 ? 222 HOH A O   1 
HETATM 1338 O  O   . HOH K 4 .   ? -6.470  -13.177 8.728   1.00 44.40 ? 223 HOH A O   1 
HETATM 1339 O  O   . HOH K 4 .   ? 17.895  -11.977 -4.037  1.00 31.11 ? 224 HOH A O   1 
HETATM 1340 O  O   . HOH K 4 .   ? -13.485 -7.523  23.448  1.00 53.75 ? 225 HOH A O   1 
HETATM 1341 O  O   . HOH K 4 .   ? 1.187   -13.052 5.576   1.00 43.40 ? 226 HOH A O   1 
HETATM 1342 O  O   . HOH K 4 .   ? -2.660  -13.093 -5.538  1.00 40.71 ? 227 HOH A O   1 
HETATM 1343 O  O   . HOH K 4 .   ? -25.703 -0.597  3.747   1.00 43.48 ? 228 HOH A O   1 
HETATM 1344 O  O   . HOH K 4 .   ? -8.277  9.620   -7.207  1.00 39.36 ? 229 HOH A O   1 
HETATM 1345 O  O   . HOH K 4 .   ? 7.748   24.456  -5.074  1.00 54.42 ? 230 HOH A O   1 
HETATM 1346 O  O   . HOH K 4 .   ? -7.339  11.182  -12.063 1.00 40.29 ? 231 HOH A O   1 
HETATM 1347 O  O   . HOH K 4 .   ? 7.741   -10.793 6.960   1.00 42.49 ? 232 HOH A O   1 
HETATM 1348 O  O   . HOH K 4 .   ? -23.518 -2.121  -0.456  1.00 21.56 ? 233 HOH A O   1 
HETATM 1349 O  O   . HOH K 4 .   ? -6.244  4.035   6.915   1.00 33.30 ? 234 HOH A O   1 
HETATM 1350 O  O   . HOH K 4 .   ? -2.068  -2.789  -13.127 1.00 52.54 ? 235 HOH A O   1 
HETATM 1351 O  O   . HOH K 4 .   ? -3.639  13.543  -14.471 0.50 43.57 ? 236 HOH A O   1 
HETATM 1352 O  O   . HOH K 4 .   ? 4.190   -10.512 8.469   1.00 45.06 ? 237 HOH A O   1 
HETATM 1353 O  O   . HOH K 4 .   ? -22.457 2.422   -0.316  1.00 46.69 ? 238 HOH A O   1 
HETATM 1354 O  O   . HOH K 4 .   ? 9.285   31.163  4.671   1.00 43.23 ? 239 HOH A O   1 
HETATM 1355 O  O   . HOH K 4 .   ? 13.238  14.322  -16.595 1.00 54.19 ? 240 HOH A O   1 
HETATM 1356 O  O   . HOH K 4 .   ? 8.038   9.299   -13.919 1.00 38.91 ? 241 HOH A O   1 
HETATM 1357 O  O   . HOH K 4 .   ? -12.145 -8.491  13.015  1.00 41.58 ? 242 HOH A O   1 
HETATM 1358 O  O   . HOH K 4 .   ? 11.237  10.711  -13.262 1.00 41.41 ? 243 HOH A O   1 
HETATM 1359 O  O   . HOH K 4 .   ? 9.101   -12.991 -2.211  1.00 42.87 ? 244 HOH A O   1 
HETATM 1360 O  O   . HOH K 4 .   ? -22.504 0.801   -2.281  1.00 45.32 ? 245 HOH A O   1 
HETATM 1361 O  O   . HOH K 4 .   ? 3.890   -4.252  15.956  1.00 56.69 ? 246 HOH A O   1 
HETATM 1362 O  O   . HOH K 4 .   ? -8.449  5.290   7.679   1.00 44.08 ? 247 HOH A O   1 
HETATM 1363 O  O   . HOH K 4 .   ? 9.713   33.921  5.480   1.00 54.76 ? 248 HOH A O   1 
HETATM 1364 O  O   . HOH K 4 .   ? 2.825   -14.053 4.461   1.00 45.15 ? 249 HOH A O   1 
HETATM 1365 O  O   . HOH K 4 .   ? -4.884  16.025  -10.249 1.00 46.48 ? 250 HOH A O   1 
HETATM 1366 O  O   . HOH K 4 .   ? -9.490  7.558   -7.982  1.00 46.61 ? 251 HOH A O   1 
HETATM 1367 O  O   . HOH K 4 .   ? 5.095   -6.636  13.902  1.00 57.71 ? 252 HOH A O   1 
HETATM 1368 O  O   . HOH K 4 .   ? 17.211  1.159   -16.491 1.00 43.84 ? 253 HOH A O   1 
HETATM 1369 O  O   . HOH K 4 .   ? -13.016 -8.683  15.513  1.00 59.69 ? 254 HOH A O   1 
HETATM 1370 O  O   . HOH K 4 .   ? 8.633   -0.067  10.985  1.00 41.51 ? 255 HOH A O   1 
HETATM 1371 O  O   . HOH K 4 .   ? 6.836   29.752  0.333   1.00 50.03 ? 256 HOH A O   1 
HETATM 1372 O  O   . HOH K 4 .   ? -10.241 -19.018 6.473   1.00 53.27 ? 257 HOH A O   1 
HETATM 1373 O  O   . HOH K 4 .   ? 11.170  -4.464  10.015  1.00 53.43 ? 258 HOH A O   1 
HETATM 1374 O  O   . HOH K 4 .   ? 10.409  -11.130 8.258   1.00 50.29 ? 259 HOH A O   1 
HETATM 1375 O  O   . HOH K 4 .   ? -25.399 -3.414  8.965   1.00 43.22 ? 260 HOH A O   1 
HETATM 1376 O  O   . HOH K 4 .   ? 12.205  0.324   12.468  1.00 51.46 ? 261 HOH A O   1 
HETATM 1377 O  O   . HOH K 4 .   ? -2.548  18.437  -9.208  1.00 60.81 ? 262 HOH A O   1 
HETATM 1378 O  O   . HOH K 4 .   ? -26.562 -9.099  -9.657  1.00 54.98 ? 263 HOH A O   1 
HETATM 1379 O  O   . HOH K 4 .   ? 12.692  32.852  -3.842  1.00 46.41 ? 264 HOH A O   1 
HETATM 1380 O  O   . HOH K 4 .   ? 6.443   -12.397 -6.059  1.00 47.05 ? 265 HOH A O   1 
HETATM 1381 O  O   . HOH K 4 .   ? -12.792 -18.933 6.642   1.00 62.38 ? 266 HOH A O   1 
HETATM 1382 O  O   . HOH K 4 .   ? 3.910   23.875  -5.880  1.00 60.17 ? 267 HOH A O   1 
HETATM 1383 O  O   . HOH K 4 .   ? -26.196 -0.918  7.782   1.00 52.30 ? 268 HOH A O   1 
HETATM 1384 O  O   A HOH K 4 .   ? 16.864  -1.967  1.000   0.50 23.54 ? 269 HOH A O   1 
HETATM 1385 O  O   B HOH K 4 .   ? 16.882  -2.661  2.245   0.50 28.91 ? 269 HOH A O   1 
HETATM 1386 O  O   . HOH K 4 .   ? 10.327  -2.330  11.468  1.00 56.15 ? 270 HOH A O   1 
HETATM 1387 O  O   . HOH K 4 .   ? 13.522  -7.017  -14.658 1.00 51.66 ? 271 HOH A O   1 
HETATM 1388 O  O   . HOH K 4 .   ? -0.456  -12.653 10.754  1.00 47.32 ? 272 HOH A O   1 
HETATM 1389 O  O   . HOH K 4 .   ? 7.400   4.504   -15.250 1.00 45.70 ? 273 HOH A O   1 
HETATM 1390 O  O   . HOH K 4 .   ? 7.488   -14.620 4.957   1.00 58.01 ? 274 HOH A O   1 
HETATM 1391 O  O   . HOH K 4 .   ? -26.561 1.864   7.381   1.00 54.76 ? 275 HOH A O   1 
HETATM 1392 O  O   . HOH K 4 .   ? -4.201  -7.857  17.934  1.00 48.62 ? 276 HOH A O   1 
HETATM 1393 O  O   . HOH K 4 .   ? 6.954   30.253  5.670   1.00 71.29 ? 277 HOH A O   1 
HETATM 1394 O  O   . HOH K 4 .   ? -6.186  -16.548 3.030   1.00 56.74 ? 278 HOH A O   1 
HETATM 1395 O  O   . HOH K 4 .   ? -9.378  -3.961  22.538  1.00 61.93 ? 279 HOH A O   1 
HETATM 1396 O  O   . HOH K 4 .   ? -2.365  -14.314 10.751  1.00 55.73 ? 280 HOH A O   1 
HETATM 1397 O  O   . HOH K 4 .   ? 19.687  14.753  -16.797 1.00 71.55 ? 281 HOH A O   1 
HETATM 1398 O  O   . HOH K 4 .   ? -8.605  11.645  -5.986  1.00 48.86 ? 282 HOH A O   1 
HETATM 1399 O  O   . HOH K 4 .   ? -7.582  -7.297  20.497  1.00 59.25 ? 283 HOH A O   1 
HETATM 1400 O  O   . HOH K 4 .   ? 13.202  -2.052  12.967  1.00 67.91 ? 284 HOH A O   1 
HETATM 1401 O  O   . HOH K 4 .   ? 5.730   22.347  -6.984  1.00 59.83 ? 285 HOH A O   1 
HETATM 1402 O  O   . HOH K 4 .   ? 16.808  1.079   -18.985 1.00 63.55 ? 286 HOH A O   1 
HETATM 1403 O  O   . HOH K 4 .   ? -13.238 4.003   -7.777  1.00 68.50 ? 287 HOH A O   1 
HETATM 1404 O  O   . HOH K 4 .   ? 12.046  -5.752  -16.572 1.00 64.56 ? 288 HOH A O   1 
HETATM 1405 O  O   . HOH K 4 .   ? 4.732   19.000  -7.892  1.00 48.76 ? 289 HOH A O   1 
HETATM 1406 O  O   . HOH K 4 .   ? -16.934 -15.194 6.677   1.00 39.62 ? 290 HOH A O   1 
HETATM 1407 O  O   . HOH K 4 .   ? -5.560  -13.867 6.695   1.00 48.71 ? 291 HOH A O   1 
HETATM 1408 O  O   . HOH K 4 .   ? -7.359  -13.139 14.999  1.00 46.30 ? 292 HOH A O   1 
HETATM 1409 O  O   . HOH K 4 .   ? -23.374 -8.273  8.101   1.00 47.15 ? 293 HOH A O   1 
HETATM 1410 O  O   . HOH K 4 .   ? -4.790  -1.048  10.837  1.00 23.47 ? 294 HOH A O   1 
HETATM 1411 O  O   . HOH K 4 .   ? -19.811 0.549   -3.166  1.00 26.61 ? 295 HOH A O   1 
HETATM 1412 O  O   . HOH K 4 .   ? 18.095  3.687   -2.479  1.00 54.25 ? 296 HOH A O   1 
HETATM 1413 O  O   . HOH K 4 .   ? 19.701  -1.331  6.208   1.00 55.91 ? 297 HOH A O   1 
HETATM 1414 O  O   . HOH K 4 .   ? -20.472 -8.032  -11.063 1.00 56.81 ? 298 HOH A O   1 
HETATM 1415 O  O   . HOH K 4 .   ? -5.906  1.130   10.799  1.00 45.20 ? 299 HOH A O   1 
HETATM 1416 O  O   . HOH K 4 .   ? -8.990  3.353   -6.671  1.00 43.19 ? 300 HOH A O   1 
HETATM 1417 O  O   . HOH K 4 .   ? -13.620 -19.750 3.371   1.00 50.34 ? 301 HOH A O   1 
HETATM 1418 O  O   . HOH K 4 .   ? -10.128 -18.386 -0.413  1.00 46.05 ? 302 HOH A O   1 
HETATM 1419 O  O   . HOH K 4 .   ? -11.136 -19.245 -2.580  1.00 55.51 ? 303 HOH A O   1 
HETATM 1420 O  O   . HOH K 4 .   ? -22.478 1.868   14.808  1.00 20.76 ? 304 HOH A O   1 
HETATM 1421 O  O   . HOH K 4 .   ? 12.562  25.255  10.437  1.00 42.13 ? 305 HOH A O   1 
HETATM 1422 O  O   . HOH K 4 .   ? -10.992 4.782   -6.832  1.00 53.46 ? 306 HOH A O   1 
HETATM 1423 O  O   . HOH K 4 .   ? -7.217  -18.404 1.650   1.00 42.57 ? 307 HOH A O   1 
HETATM 1424 O  O   . HOH K 4 .   ? -19.701 -0.115  12.099  1.00 29.56 ? 308 HOH A O   1 
HETATM 1425 O  O   . HOH K 4 .   ? -6.238  -12.258 16.721  1.00 40.50 ? 309 HOH A O   1 
HETATM 1426 O  O   . HOH K 4 .   ? 15.427  -8.191  6.265   1.00 65.59 ? 310 HOH A O   1 
HETATM 1427 O  O   . HOH K 4 .   ? 20.770  -10.988 -2.807  1.00 50.15 ? 311 HOH A O   1 
HETATM 1428 O  O   . HOH K 4 .   ? 1.430   -12.634 9.331   1.00 59.17 ? 312 HOH A O   1 
HETATM 1429 O  O   . HOH K 4 .   ? 7.945   -7.770  -13.221 1.00 52.53 ? 313 HOH A O   1 
# 
